data_4BSS
#
_entry.id   4BSS
#
_cell.length_a   120.362
_cell.length_b   111.298
_cell.length_c   130.611
_cell.angle_alpha   90.00
_cell.angle_beta   109.19
_cell.angle_gamma   90.00
#
_symmetry.space_group_name_H-M   'P 1 21 1'
#
loop_
_entity.id
_entity.type
_entity.pdbx_description
1 polymer 'LEUCINE-RICH REPEAT-CONTAINING G-PROTEIN COUPLED RECEPTOR 5'
2 polymer R-SPONDIN-1
3 branched 2-acetamido-2-deoxy-beta-D-glucopyranose-(1-4)-2-acetamido-2-deoxy-beta-D-glucopyranose
4 non-polymer 2-acetamido-2-deoxy-beta-D-glucopyranose
#
loop_
_entity_poly.entity_id
_entity_poly.type
_entity_poly.pdbx_seq_one_letter_code
_entity_poly.pdbx_strand_id
1 'polypeptide(L)'
;HHHHHHENLYFQGSGSSPRSGVLLRGCPTHCHCEPDGRMLLRVDCSDLGLSELPSNLSVFTSYLDLSMNNISQLLPNPLP
SLRFLEELRLAGNALTYIPKGAFTGLYSLKVLMLQNNQLRHVPTEALQNLRSLQSLRLDANHISYVPPSCFSGLHSLRHL
WLDDNALTEIPVQAFRSLSALQAMTLALNKIHHIPDYAFGNLSSLVVLHLHNNRIHSLGKKCFDGLHSLETLDLNYNNLD
EFPTAIRTLSNLKELGFHSNNIRSIPEKAFVGNPSLITIHFYDNPIQFVGRSAFQHLPELRTLTLNGASQITEFPDLTGT
ANLESLTLTGAQISSLPQTVCNQLPNLQVLDLSYNLLEDLPSFSVCQKLQKIDLRHNEIYEIKVDTFQQLLSLRSLNLAW
NKIAIIHPNAFSTLPSLIKLDLSSNLLSSFPITGLHGLTHLKLTGNHALQSLISSENFPELKVIEMPYAYQCCAFGVCEN
AYKISNQWNKGDNSSMDDLHKKDAGMFQAQDERDLEDFLLDFEEDLKALHSVQCSPAAA
;
A,B,E,F
2 'polypeptide(L)'
;GSRISAEGSQACAKGCELCSEVNGCLKCSPKLFILLERNDIRQVGVCLPSCPPGYFDARNPDMNKCIKCKIEHCEACFSH
NFCTKCKEGLYLHKGRCYPACPEGSSAANGTMECSSPAAAHHHHHH
;
C,D,G,H
#
loop_
_chem_comp.id
_chem_comp.type
_chem_comp.name
_chem_comp.formula
NAG D-saccharide, beta linking 2-acetamido-2-deoxy-beta-D-glucopyranose 'C8 H15 N O6'
#
# COMPACT_ATOMS: atom_id res chain seq x y z
N GLY A 26 -62.70 -73.60 2.46
CA GLY A 26 -63.16 -72.88 1.30
C GLY A 26 -62.07 -72.07 0.64
N CYS A 27 -60.83 -72.32 1.05
CA CYS A 27 -59.70 -71.55 0.52
C CYS A 27 -58.99 -72.35 -0.56
N PRO A 28 -58.59 -71.67 -1.65
CA PRO A 28 -58.01 -72.30 -2.84
C PRO A 28 -56.77 -73.14 -2.55
N THR A 29 -56.31 -73.87 -3.55
CA THR A 29 -55.18 -74.77 -3.38
C THR A 29 -53.87 -74.00 -3.54
N HIS A 30 -52.90 -74.34 -2.70
CA HIS A 30 -51.54 -73.79 -2.70
C HIS A 30 -51.49 -72.37 -2.11
N CYS A 31 -52.65 -71.83 -1.72
CA CYS A 31 -52.70 -70.51 -1.12
C CYS A 31 -52.73 -70.59 0.40
N HIS A 32 -52.19 -69.59 1.09
CA HIS A 32 -52.33 -69.57 2.55
C HIS A 32 -53.46 -68.63 2.97
N CYS A 33 -54.20 -68.98 4.02
CA CYS A 33 -55.42 -68.24 4.40
C CYS A 33 -55.65 -68.19 5.91
N GLU A 34 -56.31 -67.13 6.39
CA GLU A 34 -56.65 -66.99 7.82
C GLU A 34 -57.87 -66.09 8.07
N PRO A 35 -58.59 -66.34 9.18
CA PRO A 35 -59.79 -65.56 9.55
C PRO A 35 -59.55 -64.06 9.72
N ASP A 36 -60.64 -63.30 9.69
CA ASP A 36 -60.64 -61.85 9.80
C ASP A 36 -61.14 -61.44 11.19
N GLY A 37 -61.81 -60.30 11.28
CA GLY A 37 -62.59 -59.95 12.44
C GLY A 37 -63.75 -60.93 12.61
N ARG A 38 -63.40 -62.18 12.90
CA ARG A 38 -64.32 -63.31 12.94
C ARG A 38 -64.95 -63.62 11.57
N MET A 39 -65.19 -64.90 11.32
CA MET A 39 -65.77 -65.42 10.09
C MET A 39 -64.90 -65.10 8.86
N LEU A 40 -65.10 -63.91 8.27
CA LEU A 40 -64.52 -63.54 6.97
C LEU A 40 -63.07 -63.97 6.76
N LEU A 41 -62.75 -64.38 5.53
CA LEU A 41 -61.51 -65.12 5.28
C LEU A 41 -60.54 -64.38 4.38
N ARG A 42 -59.31 -64.23 4.87
CA ARG A 42 -58.24 -63.52 4.18
C ARG A 42 -57.37 -64.50 3.39
N VAL A 43 -57.22 -64.22 2.09
CA VAL A 43 -56.56 -65.12 1.15
C VAL A 43 -55.26 -64.55 0.58
N ASP A 44 -54.19 -65.34 0.67
CA ASP A 44 -52.93 -64.99 0.02
C ASP A 44 -52.61 -66.04 -1.04
N CYS A 45 -52.85 -65.65 -2.30
CA CYS A 45 -52.50 -66.44 -3.48
C CYS A 45 -51.46 -65.71 -4.32
N SER A 46 -50.48 -65.10 -3.66
CA SER A 46 -49.42 -64.40 -4.36
C SER A 46 -48.53 -65.38 -5.11
N ASP A 47 -47.45 -64.86 -5.69
CA ASP A 47 -46.55 -65.58 -6.61
C ASP A 47 -46.60 -67.11 -6.54
N LEU A 48 -47.61 -67.68 -7.19
CA LEU A 48 -47.68 -69.12 -7.45
C LEU A 48 -47.55 -69.33 -8.96
N GLY A 49 -47.31 -68.24 -9.67
CA GLY A 49 -47.22 -68.27 -11.12
C GLY A 49 -48.48 -68.74 -11.80
N LEU A 50 -49.64 -68.28 -11.32
CA LEU A 50 -50.92 -68.63 -11.91
C LEU A 50 -51.06 -68.27 -13.39
N SER A 51 -52.13 -68.78 -13.99
CA SER A 51 -52.48 -68.40 -15.35
C SER A 51 -53.79 -67.62 -15.27
N GLU A 52 -54.69 -68.16 -14.45
CA GLU A 52 -55.96 -67.50 -14.14
C GLU A 52 -56.32 -67.71 -12.66
N LEU A 53 -57.33 -67.01 -12.17
CA LEU A 53 -57.76 -67.17 -10.78
C LEU A 53 -58.49 -68.50 -10.64
N PRO A 54 -58.69 -68.94 -9.40
CA PRO A 54 -59.66 -70.03 -9.25
C PRO A 54 -61.05 -69.50 -8.93
N SER A 55 -62.09 -70.28 -9.23
CA SER A 55 -63.43 -69.98 -8.75
C SER A 55 -63.58 -70.68 -7.41
N ASN A 56 -62.53 -71.40 -7.03
CA ASN A 56 -62.49 -72.13 -5.77
C ASN A 56 -62.49 -71.15 -4.62
N LEU A 57 -62.27 -69.88 -4.95
CA LEU A 57 -62.44 -68.77 -4.02
C LEU A 57 -63.78 -68.84 -3.32
N SER A 58 -63.74 -69.14 -2.03
CA SER A 58 -64.93 -69.09 -1.21
C SER A 58 -65.41 -67.67 -1.14
N VAL A 59 -66.69 -67.50 -0.85
CA VAL A 59 -67.18 -66.19 -0.48
C VAL A 59 -66.70 -66.00 0.97
N PHE A 60 -67.14 -64.92 1.63
CA PHE A 60 -66.65 -64.49 2.94
C PHE A 60 -65.21 -63.99 2.85
N THR A 61 -64.73 -63.76 1.63
CA THR A 61 -63.37 -63.25 1.43
C THR A 61 -63.35 -61.73 1.58
N SER A 62 -62.61 -61.26 2.56
CA SER A 62 -62.47 -59.83 2.81
C SER A 62 -61.09 -59.35 2.40
N TYR A 63 -60.27 -60.28 1.94
CA TYR A 63 -58.90 -59.98 1.53
C TYR A 63 -58.46 -60.94 0.45
N LEU A 64 -58.04 -60.41 -0.70
CA LEU A 64 -57.56 -61.27 -1.77
C LEU A 64 -56.25 -60.72 -2.32
N ASP A 65 -55.16 -61.44 -2.08
CA ASP A 65 -53.86 -61.07 -2.62
C ASP A 65 -53.52 -61.94 -3.82
N LEU A 66 -53.66 -61.36 -5.01
CA LEU A 66 -53.12 -61.96 -6.22
C LEU A 66 -51.96 -61.09 -6.71
N SER A 67 -50.75 -61.63 -6.66
CA SER A 67 -49.58 -60.83 -7.00
C SER A 67 -48.44 -61.62 -7.65
N MET A 68 -47.83 -61.01 -8.67
CA MET A 68 -46.71 -61.59 -9.41
C MET A 68 -47.06 -62.90 -10.12
N ASN A 69 -48.36 -63.17 -10.26
CA ASN A 69 -48.84 -64.45 -10.81
C ASN A 69 -49.11 -64.51 -12.30
N ASN A 70 -48.41 -63.69 -13.09
CA ASN A 70 -48.45 -63.76 -14.56
C ASN A 70 -49.87 -63.88 -15.11
N ILE A 71 -50.76 -63.01 -14.65
CA ILE A 71 -52.15 -63.06 -15.12
C ILE A 71 -52.37 -62.12 -16.32
N SER A 72 -52.95 -62.66 -17.38
CA SER A 72 -53.23 -61.92 -18.60
C SER A 72 -54.61 -61.27 -18.63
N GLN A 73 -55.64 -62.10 -18.49
CA GLN A 73 -57.02 -61.64 -18.63
C GLN A 73 -57.78 -61.73 -17.30
N LEU A 74 -58.70 -60.80 -17.08
CA LEU A 74 -59.45 -60.75 -15.83
C LEU A 74 -60.96 -60.50 -15.97
N LEU A 75 -61.73 -61.47 -16.46
CA LEU A 75 -61.28 -62.68 -17.14
C LEU A 75 -62.50 -63.03 -18.00
N PRO A 76 -62.46 -64.12 -18.79
CA PRO A 76 -63.77 -64.56 -19.31
C PRO A 76 -64.79 -64.93 -18.23
N ASN A 77 -64.33 -65.53 -17.13
CA ASN A 77 -65.21 -65.89 -16.03
C ASN A 77 -64.65 -65.41 -14.70
N PRO A 78 -64.70 -64.08 -14.46
CA PRO A 78 -64.15 -63.56 -13.20
C PRO A 78 -65.07 -63.81 -12.03
N LEU A 79 -64.77 -63.22 -10.88
CA LEU A 79 -65.65 -63.35 -9.73
C LEU A 79 -65.80 -62.07 -8.93
N PRO A 80 -66.81 -61.27 -9.29
CA PRO A 80 -67.39 -60.40 -8.26
C PRO A 80 -68.10 -61.29 -7.24
N SER A 81 -69.36 -60.99 -6.93
CA SER A 81 -70.16 -61.85 -6.04
C SER A 81 -69.50 -62.02 -4.68
N LEU A 82 -68.41 -61.28 -4.47
CA LEU A 82 -67.66 -61.29 -3.24
C LEU A 82 -67.91 -59.98 -2.52
N ARG A 83 -69.17 -59.76 -2.15
CA ARG A 83 -69.61 -58.51 -1.54
C ARG A 83 -68.93 -58.18 -0.21
N PHE A 84 -67.99 -59.02 0.22
CA PHE A 84 -67.30 -58.82 1.49
C PHE A 84 -65.87 -58.31 1.30
N LEU A 85 -65.40 -58.35 0.05
CA LEU A 85 -64.04 -57.94 -0.28
C LEU A 85 -63.76 -56.48 0.08
N GLU A 86 -62.79 -56.28 0.97
CA GLU A 86 -62.41 -54.94 1.42
C GLU A 86 -61.10 -54.46 0.81
N GLU A 87 -60.36 -55.39 0.22
CA GLU A 87 -59.01 -55.11 -0.22
C GLU A 87 -58.54 -56.14 -1.24
N LEU A 88 -58.39 -55.75 -2.50
CA LEU A 88 -57.86 -56.69 -3.48
C LEU A 88 -56.55 -56.20 -4.11
N ARG A 89 -55.62 -57.12 -4.25
CA ARG A 89 -54.31 -56.82 -4.79
C ARG A 89 -54.11 -57.53 -6.12
N LEU A 90 -53.53 -56.82 -7.08
CA LEU A 90 -53.36 -57.35 -8.42
C LEU A 90 -52.01 -56.93 -9.00
N ALA A 91 -51.07 -56.63 -8.11
CA ALA A 91 -49.73 -56.23 -8.52
C ALA A 91 -49.01 -57.32 -9.32
N GLY A 92 -48.04 -56.91 -10.12
CA GLY A 92 -47.18 -57.83 -10.85
C GLY A 92 -47.84 -58.73 -11.88
N ASN A 93 -49.12 -58.51 -12.14
CA ASN A 93 -49.86 -59.32 -13.11
C ASN A 93 -50.06 -58.57 -14.43
N ALA A 94 -49.60 -59.17 -15.52
CA ALA A 94 -49.53 -58.47 -16.81
C ALA A 94 -50.89 -58.18 -17.44
N LEU A 95 -51.40 -56.97 -17.23
CA LEU A 95 -52.68 -56.54 -17.80
C LEU A 95 -52.50 -55.40 -18.78
N THR A 96 -53.54 -55.10 -19.55
CA THR A 96 -53.51 -53.95 -20.46
C THR A 96 -54.77 -53.10 -20.30
N TYR A 97 -55.88 -53.76 -20.01
CA TYR A 97 -57.14 -53.06 -19.78
C TYR A 97 -58.04 -53.93 -18.90
N ILE A 98 -59.10 -53.33 -18.36
CA ILE A 98 -60.00 -54.05 -17.47
C ILE A 98 -61.47 -53.87 -17.88
N PRO A 99 -62.17 -55.01 -18.08
CA PRO A 99 -63.61 -55.13 -18.31
C PRO A 99 -64.44 -54.15 -17.49
N LYS A 100 -65.45 -53.55 -18.13
CA LYS A 100 -66.17 -52.43 -17.52
C LYS A 100 -66.98 -52.85 -16.29
N GLY A 101 -67.21 -54.15 -16.14
CA GLY A 101 -67.99 -54.64 -15.02
C GLY A 101 -67.25 -55.63 -14.15
N ALA A 102 -65.92 -55.56 -14.19
CA ALA A 102 -65.08 -56.47 -13.43
C ALA A 102 -65.18 -56.28 -11.91
N PHE A 103 -65.45 -55.04 -11.48
CA PHE A 103 -65.48 -54.73 -10.05
C PHE A 103 -66.88 -54.42 -9.54
N THR A 104 -67.89 -54.68 -10.37
CA THR A 104 -69.27 -54.32 -10.06
C THR A 104 -69.81 -54.91 -8.75
N GLY A 105 -69.63 -56.21 -8.57
CA GLY A 105 -70.18 -56.90 -7.40
C GLY A 105 -69.52 -56.55 -6.07
N LEU A 106 -68.33 -55.98 -6.12
CA LEU A 106 -67.60 -55.64 -4.90
C LEU A 106 -67.92 -54.23 -4.39
N TYR A 107 -68.89 -54.15 -3.48
CA TYR A 107 -69.34 -52.89 -2.92
C TYR A 107 -68.52 -52.48 -1.71
N SER A 108 -67.86 -53.45 -1.08
CA SER A 108 -67.16 -53.19 0.16
C SER A 108 -65.67 -52.97 -0.05
N LEU A 109 -65.27 -52.82 -1.31
CA LEU A 109 -63.87 -52.58 -1.66
C LEU A 109 -63.36 -51.27 -1.09
N LYS A 110 -62.41 -51.34 -0.17
CA LYS A 110 -61.85 -50.14 0.44
C LYS A 110 -60.47 -49.83 -0.12
N VAL A 111 -59.76 -50.85 -0.62
CA VAL A 111 -58.45 -50.63 -1.20
C VAL A 111 -58.16 -51.56 -2.40
N LEU A 112 -57.80 -50.91 -3.51
CA LEU A 112 -57.47 -51.62 -4.74
C LEU A 112 -56.01 -51.40 -5.19
N MET A 113 -55.36 -52.50 -5.55
CA MET A 113 -53.95 -52.46 -5.90
C MET A 113 -53.72 -53.04 -7.29
N LEU A 114 -53.21 -52.20 -8.20
CA LEU A 114 -53.06 -52.57 -9.59
C LEU A 114 -51.70 -52.14 -10.15
N GLN A 115 -50.75 -51.86 -9.26
CA GLN A 115 -49.45 -51.37 -9.70
C GLN A 115 -48.60 -52.47 -10.34
N ASN A 116 -47.63 -52.02 -11.15
CA ASN A 116 -46.66 -52.88 -11.81
C ASN A 116 -47.28 -53.79 -12.87
N ASN A 117 -48.15 -53.21 -13.69
CA ASN A 117 -48.76 -53.91 -14.82
C ASN A 117 -48.42 -53.19 -16.10
N GLN A 118 -49.25 -53.34 -17.12
CA GLN A 118 -48.97 -52.70 -18.41
C GLN A 118 -50.18 -51.98 -18.96
N LEU A 119 -50.94 -51.32 -18.10
CA LEU A 119 -52.04 -50.51 -18.57
C LEU A 119 -51.49 -49.32 -19.33
N ARG A 120 -52.02 -49.06 -20.53
CA ARG A 120 -51.56 -47.93 -21.32
C ARG A 120 -52.53 -46.76 -21.18
N HIS A 121 -53.59 -46.99 -20.41
CA HIS A 121 -54.56 -45.95 -20.07
C HIS A 121 -55.40 -46.44 -18.90
N VAL A 122 -55.94 -45.50 -18.13
CA VAL A 122 -56.83 -45.87 -17.04
C VAL A 122 -58.03 -46.57 -17.65
N PRO A 123 -58.48 -47.68 -17.05
CA PRO A 123 -59.69 -48.38 -17.48
C PRO A 123 -60.84 -47.42 -17.78
N THR A 124 -61.31 -47.43 -19.03
CA THR A 124 -62.26 -46.43 -19.52
C THR A 124 -63.52 -46.34 -18.66
N GLU A 125 -63.91 -47.43 -18.01
CA GLU A 125 -65.08 -47.39 -17.13
C GLU A 125 -64.88 -48.15 -15.82
N ALA A 126 -64.45 -49.40 -15.95
CA ALA A 126 -64.26 -50.37 -14.86
C ALA A 126 -64.19 -49.83 -13.42
N LEU A 127 -63.66 -48.63 -13.26
CA LEU A 127 -63.44 -48.10 -11.92
C LEU A 127 -64.49 -47.13 -11.39
N GLN A 128 -65.31 -46.56 -12.26
CA GLN A 128 -66.30 -45.60 -11.80
C GLN A 128 -67.34 -46.26 -10.90
N ASN A 129 -67.80 -45.51 -9.90
CA ASN A 129 -68.75 -45.97 -8.90
C ASN A 129 -68.27 -47.19 -8.12
N LEU A 130 -67.45 -46.92 -7.11
CA LEU A 130 -67.04 -47.92 -6.12
C LEU A 130 -67.04 -47.24 -4.77
N ARG A 131 -68.16 -46.60 -4.44
CA ARG A 131 -68.29 -45.67 -3.30
C ARG A 131 -67.55 -45.99 -2.00
N SER A 132 -67.00 -47.20 -1.88
CA SER A 132 -66.30 -47.55 -0.65
C SER A 132 -64.78 -47.45 -0.82
N LEU A 133 -64.31 -47.32 -2.07
CA LEU A 133 -62.88 -47.31 -2.36
C LEU A 133 -62.18 -46.10 -1.73
N GLN A 134 -61.10 -46.37 -1.00
CA GLN A 134 -60.40 -45.34 -0.26
C GLN A 134 -58.98 -45.14 -0.78
N SER A 135 -58.38 -46.22 -1.28
CA SER A 135 -56.99 -46.21 -1.70
C SER A 135 -56.83 -46.91 -3.04
N LEU A 136 -56.38 -46.17 -4.05
CA LEU A 136 -56.23 -46.76 -5.38
C LEU A 136 -54.81 -46.62 -5.93
N ARG A 137 -54.21 -47.77 -6.25
CA ARG A 137 -52.85 -47.77 -6.79
C ARG A 137 -52.78 -48.10 -8.28
N LEU A 138 -52.26 -47.16 -9.07
CA LEU A 138 -52.04 -47.39 -10.49
C LEU A 138 -50.63 -47.02 -10.92
N ASP A 139 -49.68 -47.13 -10.00
CA ASP A 139 -48.31 -46.73 -10.30
C ASP A 139 -47.54 -47.82 -11.01
N ALA A 140 -46.39 -47.46 -11.56
CA ALA A 140 -45.50 -48.40 -12.26
C ALA A 140 -46.18 -49.11 -13.42
N ASN A 141 -46.98 -48.37 -14.18
CA ASN A 141 -47.55 -48.90 -15.42
C ASN A 141 -47.00 -48.13 -16.61
N HIS A 142 -47.63 -48.29 -17.77
CA HIS A 142 -47.22 -47.53 -18.95
C HIS A 142 -48.37 -46.65 -19.43
N ILE A 143 -49.14 -46.13 -18.48
CA ILE A 143 -50.30 -45.31 -18.81
C ILE A 143 -49.89 -43.92 -19.26
N SER A 144 -50.58 -43.41 -20.27
CA SER A 144 -50.25 -42.11 -20.82
C SER A 144 -51.51 -41.28 -21.03
N TYR A 145 -52.65 -41.84 -20.63
CA TYR A 145 -53.92 -41.16 -20.85
C TYR A 145 -54.91 -41.47 -19.73
N VAL A 146 -55.51 -40.43 -19.17
CA VAL A 146 -56.54 -40.60 -18.15
C VAL A 146 -57.88 -40.12 -18.68
N PRO A 147 -58.74 -41.07 -19.08
CA PRO A 147 -60.10 -40.79 -19.56
C PRO A 147 -60.86 -39.83 -18.66
N PRO A 148 -61.53 -38.83 -19.26
CA PRO A 148 -62.27 -37.80 -18.52
C PRO A 148 -63.28 -38.40 -17.56
N SER A 149 -63.01 -38.25 -16.26
CA SER A 149 -63.83 -38.81 -15.20
C SER A 149 -64.09 -40.31 -15.36
N CYS A 150 -63.00 -41.08 -15.34
CA CYS A 150 -63.11 -42.52 -15.18
C CYS A 150 -63.12 -42.81 -13.69
N PHE A 151 -62.98 -41.73 -12.91
CA PHE A 151 -63.00 -41.82 -11.46
C PHE A 151 -64.35 -41.39 -10.91
N SER A 152 -65.33 -41.22 -11.81
CA SER A 152 -66.63 -40.69 -11.43
C SER A 152 -67.33 -41.54 -10.37
N GLY A 153 -67.78 -40.88 -9.31
CA GLY A 153 -68.47 -41.56 -8.23
C GLY A 153 -67.54 -42.39 -7.38
N LEU A 154 -66.42 -41.77 -6.97
CA LEU A 154 -65.48 -42.42 -6.06
C LEU A 154 -65.38 -41.57 -4.79
N HIS A 155 -66.54 -41.18 -4.28
CA HIS A 155 -66.69 -40.18 -3.22
C HIS A 155 -66.00 -40.51 -1.90
N SER A 156 -65.29 -41.64 -1.84
CA SER A 156 -64.55 -42.01 -0.64
C SER A 156 -63.05 -42.18 -0.90
N LEU A 157 -62.62 -41.93 -2.13
CA LEU A 157 -61.21 -42.09 -2.51
C LEU A 157 -60.35 -40.97 -1.93
N ARG A 158 -59.33 -41.32 -1.16
CA ARG A 158 -58.47 -40.31 -0.54
C ARG A 158 -56.99 -40.52 -0.84
N HIS A 159 -56.65 -41.56 -1.59
CA HIS A 159 -55.25 -41.86 -1.88
C HIS A 159 -55.06 -42.34 -3.30
N LEU A 160 -54.39 -41.55 -4.13
CA LEU A 160 -54.16 -41.96 -5.52
C LEU A 160 -52.68 -42.04 -5.91
N TRP A 161 -52.30 -43.21 -6.42
CA TRP A 161 -50.93 -43.43 -6.88
C TRP A 161 -50.84 -43.50 -8.40
N LEU A 162 -50.24 -42.50 -9.02
CA LEU A 162 -49.93 -42.53 -10.45
C LEU A 162 -48.42 -42.32 -10.68
N ASP A 163 -47.61 -43.05 -9.92
CA ASP A 163 -46.16 -42.96 -10.01
C ASP A 163 -45.65 -43.71 -11.24
N ASP A 164 -44.43 -43.38 -11.67
CA ASP A 164 -43.73 -44.09 -12.73
C ASP A 164 -44.61 -44.39 -13.94
N ASN A 165 -45.20 -43.34 -14.51
CA ASN A 165 -46.07 -43.51 -15.65
C ASN A 165 -45.67 -42.59 -16.78
N ALA A 166 -46.46 -42.58 -17.85
CA ALA A 166 -46.09 -41.85 -19.05
C ALA A 166 -47.03 -40.67 -19.33
N LEU A 167 -47.50 -40.02 -18.27
CA LEU A 167 -48.37 -38.86 -18.43
C LEU A 167 -47.61 -37.71 -19.08
N THR A 168 -48.33 -36.82 -19.74
CA THR A 168 -47.71 -35.70 -20.43
C THR A 168 -48.36 -34.40 -19.99
N GLU A 169 -49.57 -34.51 -19.45
CA GLU A 169 -50.28 -33.37 -18.90
C GLU A 169 -51.04 -33.82 -17.66
N ILE A 170 -51.47 -32.87 -16.84
CA ILE A 170 -52.28 -33.21 -15.68
C ILE A 170 -53.75 -33.47 -16.05
N PRO A 171 -54.32 -34.56 -15.52
CA PRO A 171 -55.73 -34.90 -15.70
C PRO A 171 -56.68 -33.97 -14.95
N VAL A 172 -56.72 -32.70 -15.30
CA VAL A 172 -57.55 -31.70 -14.62
C VAL A 172 -59.00 -32.14 -14.50
N GLN A 173 -59.58 -32.52 -15.63
CA GLN A 173 -60.99 -32.92 -15.71
C GLN A 173 -61.30 -34.18 -14.91
N ALA A 174 -60.44 -35.20 -15.02
CA ALA A 174 -60.63 -36.43 -14.28
C ALA A 174 -60.49 -36.18 -12.78
N PHE A 175 -59.63 -35.22 -12.44
CA PHE A 175 -59.42 -34.85 -11.04
C PHE A 175 -60.60 -34.06 -10.48
N ARG A 176 -61.31 -33.33 -11.34
CA ARG A 176 -62.46 -32.54 -10.90
C ARG A 176 -63.51 -33.36 -10.16
N SER A 177 -63.55 -34.66 -10.42
CA SER A 177 -64.50 -35.53 -9.75
C SER A 177 -63.92 -36.15 -8.48
N LEU A 178 -62.83 -35.57 -7.97
CA LEU A 178 -62.16 -36.11 -6.80
C LEU A 178 -61.97 -35.09 -5.69
N SER A 179 -63.06 -34.56 -5.16
CA SER A 179 -62.99 -33.64 -4.03
C SER A 179 -62.73 -34.39 -2.73
N ALA A 180 -62.77 -35.72 -2.81
CA ALA A 180 -62.55 -36.60 -1.67
C ALA A 180 -61.05 -36.78 -1.37
N LEU A 181 -60.25 -36.70 -2.42
CA LEU A 181 -58.82 -36.98 -2.35
C LEU A 181 -58.12 -36.23 -1.22
N GLN A 182 -57.19 -36.90 -0.56
CA GLN A 182 -56.40 -36.31 0.51
C GLN A 182 -54.90 -36.41 0.23
N ALA A 183 -54.52 -37.37 -0.60
CA ALA A 183 -53.11 -37.62 -0.90
C ALA A 183 -52.93 -38.09 -2.34
N MET A 184 -52.09 -37.40 -3.10
CA MET A 184 -51.88 -37.81 -4.48
C MET A 184 -50.44 -37.70 -4.96
N THR A 185 -50.02 -38.68 -5.75
CA THR A 185 -48.69 -38.61 -6.33
C THR A 185 -48.72 -38.77 -7.85
N LEU A 186 -48.03 -37.87 -8.54
CA LEU A 186 -47.97 -37.92 -9.99
C LEU A 186 -46.51 -37.95 -10.41
N ALA A 187 -45.66 -38.45 -9.51
CA ALA A 187 -44.21 -38.44 -9.69
C ALA A 187 -43.71 -39.38 -10.77
N LEU A 188 -42.46 -39.16 -11.18
CA LEU A 188 -41.84 -39.91 -12.27
C LEU A 188 -42.74 -40.02 -13.48
N ASN A 189 -43.06 -38.88 -14.07
CA ASN A 189 -43.83 -38.87 -15.30
C ASN A 189 -43.15 -37.96 -16.32
N LYS A 190 -43.93 -37.33 -17.17
CA LYS A 190 -43.37 -36.46 -18.21
C LYS A 190 -44.17 -35.17 -18.32
N ILE A 191 -44.94 -34.88 -17.27
CA ILE A 191 -45.66 -33.61 -17.18
C ILE A 191 -44.68 -32.44 -17.31
N HIS A 192 -45.01 -31.49 -18.17
CA HIS A 192 -44.13 -30.36 -18.42
C HIS A 192 -44.82 -29.01 -18.20
N HIS A 193 -46.11 -29.05 -17.89
CA HIS A 193 -46.85 -27.82 -17.66
C HIS A 193 -48.02 -28.02 -16.70
N ILE A 194 -48.27 -27.03 -15.86
CA ILE A 194 -49.45 -27.04 -15.01
C ILE A 194 -50.31 -25.81 -15.30
N PRO A 195 -51.45 -26.02 -15.97
CA PRO A 195 -52.37 -24.92 -16.30
C PRO A 195 -53.15 -24.45 -15.08
N ASP A 196 -53.77 -23.27 -15.19
CA ASP A 196 -54.46 -22.66 -14.08
C ASP A 196 -55.58 -23.55 -13.54
N TYR A 197 -55.70 -23.59 -12.21
CA TYR A 197 -56.72 -24.38 -11.53
C TYR A 197 -56.67 -25.87 -11.89
N ALA A 198 -55.50 -26.34 -12.31
CA ALA A 198 -55.30 -27.73 -12.71
C ALA A 198 -55.78 -28.72 -11.65
N PHE A 199 -55.61 -28.38 -10.38
CA PHE A 199 -56.08 -29.23 -9.28
C PHE A 199 -57.25 -28.54 -8.58
N GLY A 200 -58.00 -27.76 -9.36
CA GLY A 200 -58.97 -26.83 -8.82
C GLY A 200 -60.06 -27.25 -7.83
N ASN A 201 -60.62 -28.44 -7.96
CA ASN A 201 -61.72 -28.77 -7.06
C ASN A 201 -61.22 -29.65 -5.91
N LEU A 202 -59.97 -30.10 -6.01
CA LEU A 202 -59.38 -30.97 -4.99
C LEU A 202 -59.03 -30.18 -3.75
N SER A 203 -60.04 -29.84 -2.95
CA SER A 203 -59.85 -28.96 -1.81
C SER A 203 -59.59 -29.73 -0.52
N SER A 204 -59.77 -31.05 -0.55
CA SER A 204 -59.49 -31.87 0.61
C SER A 204 -58.07 -32.39 0.55
N LEU A 205 -57.41 -32.12 -0.57
CA LEU A 205 -56.06 -32.60 -0.81
C LEU A 205 -55.09 -31.99 0.19
N VAL A 206 -54.28 -32.83 0.81
CA VAL A 206 -53.35 -32.39 1.84
C VAL A 206 -51.91 -32.51 1.32
N VAL A 207 -51.68 -33.50 0.47
CA VAL A 207 -50.33 -33.82 0.03
C VAL A 207 -50.25 -33.97 -1.48
N LEU A 208 -49.44 -33.13 -2.12
CA LEU A 208 -49.28 -33.25 -3.56
C LEU A 208 -47.82 -33.47 -3.95
N HIS A 209 -47.57 -34.60 -4.61
CA HIS A 209 -46.21 -34.93 -5.03
C HIS A 209 -46.06 -34.92 -6.55
N LEU A 210 -45.21 -34.02 -7.05
CA LEU A 210 -45.00 -33.88 -8.49
C LEU A 210 -43.53 -34.02 -8.88
N HIS A 211 -42.73 -34.63 -8.01
CA HIS A 211 -41.29 -34.67 -8.22
C HIS A 211 -40.88 -35.57 -9.39
N ASN A 212 -39.66 -35.33 -9.89
CA ASN A 212 -39.10 -36.09 -11.01
C ASN A 212 -39.94 -36.04 -12.29
N ASN A 213 -40.51 -34.88 -12.56
CA ASN A 213 -41.21 -34.65 -13.83
C ASN A 213 -40.32 -33.85 -14.79
N ARG A 214 -40.93 -32.94 -15.54
CA ARG A 214 -40.21 -32.06 -16.46
C ARG A 214 -40.85 -30.68 -16.49
N ILE A 215 -41.46 -30.28 -15.39
CA ILE A 215 -42.19 -29.00 -15.38
C ILE A 215 -41.26 -27.81 -15.60
N HIS A 216 -41.46 -27.14 -16.73
CA HIS A 216 -40.68 -25.96 -17.11
C HIS A 216 -41.52 -24.70 -17.01
N SER A 217 -42.83 -24.85 -16.90
CA SER A 217 -43.72 -23.70 -16.89
C SER A 217 -44.98 -23.97 -16.08
N LEU A 218 -45.40 -22.96 -15.35
CA LEU A 218 -46.66 -23.03 -14.61
C LEU A 218 -47.34 -21.67 -14.55
N GLY A 219 -48.65 -21.69 -14.33
CA GLY A 219 -49.43 -20.47 -14.37
C GLY A 219 -49.39 -19.71 -13.06
N LYS A 220 -49.86 -18.47 -13.10
CA LYS A 220 -49.89 -17.60 -11.92
C LYS A 220 -50.84 -18.15 -10.87
N LYS A 221 -51.78 -18.99 -11.31
CA LYS A 221 -52.82 -19.50 -10.43
C LYS A 221 -53.04 -21.00 -10.59
N CYS A 222 -51.96 -21.73 -10.78
CA CYS A 222 -52.05 -23.17 -11.04
C CYS A 222 -52.28 -24.01 -9.79
N PHE A 223 -52.06 -23.44 -8.61
CA PHE A 223 -52.37 -24.16 -7.37
C PHE A 223 -53.45 -23.45 -6.55
N ASP A 224 -54.39 -22.80 -7.24
CA ASP A 224 -55.36 -21.95 -6.55
C ASP A 224 -56.45 -22.74 -5.83
N GLY A 225 -56.71 -23.97 -6.30
CA GLY A 225 -57.74 -24.80 -5.71
C GLY A 225 -57.51 -25.25 -4.28
N LEU A 226 -56.57 -26.18 -4.08
CA LEU A 226 -56.41 -26.88 -2.81
C LEU A 226 -56.18 -25.99 -1.60
N HIS A 227 -57.26 -25.73 -0.86
CA HIS A 227 -57.19 -24.92 0.35
C HIS A 227 -56.50 -25.67 1.48
N SER A 228 -56.60 -27.00 1.49
CA SER A 228 -56.14 -27.80 2.63
C SER A 228 -54.69 -28.26 2.51
N LEU A 229 -54.06 -27.99 1.38
CA LEU A 229 -52.75 -28.55 1.08
C LEU A 229 -51.68 -28.16 2.10
N GLU A 230 -50.97 -29.16 2.62
CA GLU A 230 -49.95 -28.90 3.64
C GLU A 230 -48.52 -29.16 3.13
N THR A 231 -48.38 -30.10 2.20
CA THR A 231 -47.06 -30.34 1.60
C THR A 231 -47.10 -30.43 0.08
N LEU A 232 -46.00 -29.94 -0.52
CA LEU A 232 -45.92 -29.79 -1.98
C LEU A 232 -44.51 -30.11 -2.46
N ASP A 233 -44.42 -31.15 -3.29
CA ASP A 233 -43.13 -31.59 -3.80
C ASP A 233 -42.98 -31.23 -5.27
N LEU A 234 -42.05 -30.33 -5.59
CA LEU A 234 -41.77 -29.96 -6.97
C LEU A 234 -40.34 -30.31 -7.40
N ASN A 235 -39.71 -31.21 -6.65
CA ASN A 235 -38.29 -31.54 -6.84
C ASN A 235 -37.95 -32.22 -8.16
N TYR A 236 -36.66 -32.21 -8.50
CA TYR A 236 -36.14 -32.93 -9.66
C TYR A 236 -36.87 -32.60 -10.95
N ASN A 237 -37.18 -31.33 -11.14
CA ASN A 237 -37.90 -30.89 -12.33
C ASN A 237 -37.10 -29.82 -13.09
N ASN A 238 -37.76 -29.15 -14.02
CA ASN A 238 -37.07 -28.26 -14.96
C ASN A 238 -37.53 -26.80 -14.84
N LEU A 239 -37.91 -26.38 -13.64
CA LEU A 239 -38.40 -25.02 -13.44
C LEU A 239 -37.29 -23.99 -13.65
N ASP A 240 -37.60 -22.92 -14.39
CA ASP A 240 -36.64 -21.87 -14.66
C ASP A 240 -36.85 -20.67 -13.74
N GLU A 241 -38.05 -20.55 -13.20
CA GLU A 241 -38.38 -19.42 -12.34
C GLU A 241 -39.09 -19.88 -11.07
N PHE A 242 -39.09 -19.02 -10.06
CA PHE A 242 -39.73 -19.31 -8.78
C PHE A 242 -41.25 -19.47 -8.95
N PRO A 243 -41.82 -20.52 -8.35
CA PRO A 243 -43.27 -20.75 -8.46
C PRO A 243 -44.08 -19.76 -7.64
N THR A 244 -44.57 -18.71 -8.28
CA THR A 244 -45.33 -17.67 -7.59
C THR A 244 -46.75 -18.14 -7.28
N ALA A 245 -47.22 -19.11 -8.05
CA ALA A 245 -48.49 -19.79 -7.79
C ALA A 245 -48.59 -20.34 -6.37
N ILE A 246 -47.45 -20.40 -5.68
CA ILE A 246 -47.39 -20.88 -4.31
C ILE A 246 -48.15 -19.96 -3.36
N ARG A 247 -48.26 -18.69 -3.73
CA ARG A 247 -48.76 -17.64 -2.82
C ARG A 247 -50.13 -17.89 -2.19
N THR A 248 -50.99 -18.64 -2.87
CA THR A 248 -52.34 -18.89 -2.39
C THR A 248 -52.41 -20.03 -1.38
N LEU A 249 -51.29 -20.71 -1.15
CA LEU A 249 -51.24 -21.89 -0.29
C LEU A 249 -51.06 -21.52 1.18
N SER A 250 -52.07 -20.89 1.77
CA SER A 250 -51.93 -20.27 3.09
C SER A 250 -51.75 -21.26 4.26
N ASN A 251 -51.89 -22.56 4.02
CA ASN A 251 -51.68 -23.52 5.11
C ASN A 251 -50.54 -24.48 4.79
N LEU A 252 -49.70 -24.11 3.84
CA LEU A 252 -48.60 -24.97 3.43
C LEU A 252 -47.59 -25.09 4.58
N LYS A 253 -47.15 -26.31 4.85
CA LYS A 253 -46.24 -26.59 5.96
C LYS A 253 -44.87 -27.04 5.48
N GLU A 254 -44.82 -27.68 4.32
CA GLU A 254 -43.59 -28.28 3.86
C GLU A 254 -43.49 -28.16 2.33
N LEU A 255 -42.44 -27.47 1.90
CA LEU A 255 -42.28 -27.12 0.49
C LEU A 255 -40.94 -27.59 -0.05
N GLY A 256 -40.99 -28.27 -1.19
CA GLY A 256 -39.75 -28.63 -1.88
C GLY A 256 -39.76 -28.26 -3.35
N PHE A 257 -38.72 -27.56 -3.79
CA PHE A 257 -38.50 -27.38 -5.22
C PHE A 257 -37.01 -27.41 -5.53
N HIS A 258 -36.31 -28.32 -4.87
CA HIS A 258 -34.87 -28.48 -5.08
C HIS A 258 -34.57 -29.23 -6.38
N SER A 259 -33.31 -29.16 -6.80
CA SER A 259 -32.84 -29.82 -8.02
C SER A 259 -33.56 -29.33 -9.26
N ASN A 260 -33.97 -28.07 -9.26
CA ASN A 260 -34.55 -27.43 -10.43
C ASN A 260 -33.51 -26.58 -11.16
N ASN A 261 -33.96 -25.47 -11.73
CA ASN A 261 -33.07 -24.54 -12.42
C ASN A 261 -33.37 -23.09 -12.08
N ILE A 262 -34.01 -22.86 -10.94
CA ILE A 262 -34.33 -21.51 -10.48
C ILE A 262 -33.05 -20.68 -10.30
N ARG A 263 -33.10 -19.38 -10.61
CA ARG A 263 -31.92 -18.53 -10.54
C ARG A 263 -31.98 -17.51 -9.41
N SER A 264 -33.16 -17.30 -8.84
CA SER A 264 -33.34 -16.34 -7.74
C SER A 264 -34.63 -16.58 -6.94
N ILE A 265 -34.64 -16.07 -5.71
CA ILE A 265 -35.85 -16.09 -4.88
C ILE A 265 -36.28 -14.65 -4.68
N PRO A 266 -37.50 -14.31 -5.12
CA PRO A 266 -37.99 -12.93 -5.11
C PRO A 266 -38.23 -12.37 -3.70
N GLU A 267 -38.34 -11.05 -3.60
CA GLU A 267 -38.67 -10.40 -2.35
C GLU A 267 -40.07 -10.81 -1.90
N LYS A 268 -40.22 -11.01 -0.59
CA LYS A 268 -41.49 -11.48 -0.01
C LYS A 268 -42.00 -12.72 -0.73
N ALA A 269 -41.09 -13.65 -1.02
CA ALA A 269 -41.43 -14.87 -1.74
C ALA A 269 -42.42 -15.73 -0.97
N PHE A 270 -42.14 -15.96 0.30
CA PHE A 270 -42.95 -16.88 1.10
C PHE A 270 -43.87 -16.17 2.07
N VAL A 271 -44.40 -15.02 1.65
CA VAL A 271 -45.34 -14.26 2.47
C VAL A 271 -46.68 -14.98 2.61
N GLY A 272 -47.14 -15.57 1.51
CA GLY A 272 -48.44 -16.22 1.49
C GLY A 272 -48.49 -17.53 2.25
N ASN A 273 -47.36 -17.92 2.83
CA ASN A 273 -47.28 -19.22 3.47
C ASN A 273 -46.65 -19.18 4.87
N PRO A 274 -47.31 -18.52 5.83
CA PRO A 274 -46.81 -18.66 7.20
C PRO A 274 -47.07 -20.08 7.69
N SER A 275 -46.60 -20.41 8.89
CA SER A 275 -46.71 -21.78 9.41
C SER A 275 -46.01 -22.79 8.49
N LEU A 276 -45.16 -22.30 7.60
CA LEU A 276 -44.26 -23.17 6.84
C LEU A 276 -43.21 -23.69 7.81
N ILE A 277 -42.78 -24.93 7.65
CA ILE A 277 -41.85 -25.51 8.60
C ILE A 277 -40.53 -25.86 7.95
N THR A 278 -40.59 -26.51 6.79
CA THR A 278 -39.39 -26.89 6.07
C THR A 278 -39.48 -26.43 4.61
N ILE A 279 -38.43 -25.77 4.14
CA ILE A 279 -38.34 -25.36 2.75
C ILE A 279 -37.07 -25.97 2.17
N HIS A 280 -37.14 -26.44 0.93
CA HIS A 280 -36.04 -27.18 0.35
C HIS A 280 -35.77 -26.77 -1.09
N PHE A 281 -34.68 -26.05 -1.31
CA PHE A 281 -34.35 -25.59 -2.66
C PHE A 281 -32.88 -25.76 -3.03
N TYR A 282 -32.25 -26.82 -2.53
CA TYR A 282 -30.86 -27.06 -2.89
C TYR A 282 -30.71 -27.57 -4.32
N ASP A 283 -29.46 -27.80 -4.74
CA ASP A 283 -29.13 -28.14 -6.12
C ASP A 283 -29.79 -27.17 -7.10
N ASN A 284 -30.00 -25.94 -6.65
CA ASN A 284 -30.53 -24.88 -7.49
C ASN A 284 -29.53 -23.76 -7.71
N PRO A 285 -29.26 -23.42 -8.98
CA PRO A 285 -28.29 -22.38 -9.28
C PRO A 285 -28.76 -20.99 -8.87
N ILE A 286 -28.92 -20.78 -7.57
CA ILE A 286 -29.38 -19.51 -7.05
C ILE A 286 -28.23 -18.52 -7.09
N GLN A 287 -28.55 -17.26 -7.38
CA GLN A 287 -27.54 -16.20 -7.38
C GLN A 287 -27.92 -15.14 -6.37
N PHE A 288 -29.16 -14.68 -6.43
CA PHE A 288 -29.63 -13.71 -5.45
C PHE A 288 -30.88 -14.18 -4.70
N VAL A 289 -30.99 -13.76 -3.45
CA VAL A 289 -32.21 -13.93 -2.67
C VAL A 289 -32.56 -12.60 -2.00
N GLY A 290 -33.80 -12.15 -2.18
CA GLY A 290 -34.25 -10.94 -1.52
C GLY A 290 -34.16 -11.10 -0.02
N ARG A 291 -33.73 -10.04 0.67
CA ARG A 291 -33.55 -10.10 2.12
C ARG A 291 -34.87 -10.20 2.86
N SER A 292 -35.96 -9.90 2.16
CA SER A 292 -37.30 -9.99 2.74
C SER A 292 -37.88 -11.39 2.62
N ALA A 293 -37.47 -12.09 1.57
CA ALA A 293 -38.01 -13.40 1.20
C ALA A 293 -38.39 -14.34 2.35
N PHE A 294 -37.57 -14.36 3.40
CA PHE A 294 -37.79 -15.30 4.51
C PHE A 294 -38.38 -14.61 5.74
N GLN A 295 -39.21 -13.60 5.51
CA GLN A 295 -39.88 -12.89 6.59
C GLN A 295 -41.14 -13.63 7.03
N HIS A 296 -41.51 -13.46 8.30
CA HIS A 296 -42.80 -13.92 8.82
C HIS A 296 -43.06 -15.42 8.60
N LEU A 297 -42.09 -16.25 8.98
CA LEU A 297 -42.32 -17.69 9.09
C LEU A 297 -41.85 -18.18 10.45
N PRO A 298 -42.64 -17.91 11.49
CA PRO A 298 -42.31 -18.25 12.89
C PRO A 298 -42.09 -19.75 13.07
N GLU A 299 -42.51 -20.56 12.09
CA GLU A 299 -42.46 -22.01 12.19
C GLU A 299 -41.24 -22.61 11.50
N LEU A 300 -40.49 -21.79 10.79
CA LEU A 300 -39.31 -22.30 10.09
C LEU A 300 -38.23 -22.66 11.11
N ARG A 301 -37.46 -23.71 10.81
CA ARG A 301 -36.43 -24.16 11.74
C ARG A 301 -35.04 -23.94 11.17
N THR A 302 -34.86 -24.27 9.90
CA THR A 302 -33.54 -24.26 9.30
C THR A 302 -33.54 -23.42 8.03
N LEU A 303 -32.45 -22.69 7.79
CA LEU A 303 -32.28 -21.97 6.53
C LEU A 303 -30.87 -22.16 6.02
N THR A 304 -30.75 -22.51 4.75
CA THR A 304 -29.45 -22.82 4.16
C THR A 304 -29.37 -22.24 2.75
N LEU A 305 -28.25 -21.59 2.46
CA LEU A 305 -28.07 -20.81 1.24
C LEU A 305 -26.62 -20.82 0.80
N ASN A 306 -26.27 -21.67 -0.16
CA ASN A 306 -24.88 -21.74 -0.63
C ASN A 306 -24.72 -21.21 -2.04
N GLY A 307 -23.59 -20.52 -2.27
CA GLY A 307 -23.22 -20.04 -3.58
C GLY A 307 -24.09 -18.91 -4.10
N ALA A 308 -24.71 -18.17 -3.19
CA ALA A 308 -25.56 -17.05 -3.58
C ALA A 308 -24.72 -15.78 -3.77
N SER A 309 -23.96 -15.75 -4.88
CA SER A 309 -22.99 -14.69 -5.16
C SER A 309 -23.51 -13.25 -5.05
N GLN A 310 -24.78 -13.05 -5.36
CA GLN A 310 -25.35 -11.71 -5.46
C GLN A 310 -25.84 -11.17 -4.11
N ILE A 311 -25.92 -12.05 -3.11
CA ILE A 311 -26.32 -11.60 -1.78
C ILE A 311 -25.25 -10.70 -1.19
N THR A 312 -25.66 -9.50 -0.78
CA THR A 312 -24.71 -8.51 -0.29
C THR A 312 -24.97 -8.17 1.18
N GLU A 313 -26.22 -8.35 1.62
CA GLU A 313 -26.57 -8.07 3.00
C GLU A 313 -27.31 -9.22 3.69
N PHE A 314 -27.23 -9.23 5.02
CA PHE A 314 -27.86 -10.23 5.86
C PHE A 314 -29.38 -10.17 5.73
N PRO A 315 -30.02 -11.34 5.57
CA PRO A 315 -31.47 -11.45 5.40
C PRO A 315 -32.26 -10.89 6.59
N ASP A 316 -33.40 -10.27 6.30
CA ASP A 316 -34.28 -9.82 7.37
C ASP A 316 -35.06 -11.02 7.88
N LEU A 317 -35.12 -11.20 9.20
CA LEU A 317 -35.78 -12.36 9.77
C LEU A 317 -36.83 -11.96 10.80
N THR A 318 -37.53 -10.86 10.52
CA THR A 318 -38.65 -10.43 11.34
C THR A 318 -39.78 -11.47 11.28
N GLY A 319 -40.32 -11.82 12.45
CA GLY A 319 -41.38 -12.79 12.54
C GLY A 319 -40.93 -14.23 12.31
N THR A 320 -39.62 -14.44 12.32
CA THR A 320 -39.06 -15.79 12.24
C THR A 320 -37.92 -15.93 13.22
N ALA A 321 -38.26 -16.22 14.47
CA ALA A 321 -37.28 -16.28 15.55
C ALA A 321 -36.92 -17.71 15.92
N ASN A 322 -37.70 -18.67 15.44
CA ASN A 322 -37.48 -20.06 15.83
C ASN A 322 -36.50 -20.79 14.92
N LEU A 323 -35.64 -20.05 14.24
CA LEU A 323 -34.55 -20.67 13.49
C LEU A 323 -33.59 -21.37 14.44
N GLU A 324 -33.27 -22.62 14.12
CA GLU A 324 -32.33 -23.42 14.89
C GLU A 324 -30.98 -23.46 14.17
N SER A 325 -31.01 -23.33 12.85
CA SER A 325 -29.82 -23.41 12.02
C SER A 325 -29.83 -22.38 10.91
N LEU A 326 -28.73 -21.64 10.78
CA LEU A 326 -28.64 -20.65 9.71
C LEU A 326 -27.29 -20.73 9.02
N THR A 327 -27.33 -21.05 7.73
CA THR A 327 -26.12 -21.10 6.94
C THR A 327 -26.30 -20.30 5.66
N LEU A 328 -25.37 -19.39 5.42
CA LEU A 328 -25.40 -18.50 4.28
C LEU A 328 -23.98 -18.25 3.81
N THR A 329 -23.58 -18.92 2.74
CA THR A 329 -22.20 -18.95 2.29
C THR A 329 -22.04 -18.65 0.81
N GLY A 330 -20.86 -18.16 0.46
CA GLY A 330 -20.51 -17.90 -0.93
C GLY A 330 -21.05 -16.58 -1.43
N ALA A 331 -21.13 -15.60 -0.53
CA ALA A 331 -21.70 -14.31 -0.89
C ALA A 331 -20.73 -13.18 -0.61
N GLN A 332 -21.25 -11.96 -0.61
CA GLN A 332 -20.42 -10.77 -0.44
C GLN A 332 -20.80 -9.97 0.80
N ILE A 333 -21.33 -10.66 1.82
CA ILE A 333 -21.73 -9.97 3.03
C ILE A 333 -20.54 -9.29 3.69
N SER A 334 -20.61 -7.96 3.76
CA SER A 334 -19.49 -7.14 4.20
C SER A 334 -19.54 -6.90 5.71
N SER A 335 -20.74 -6.98 6.27
CA SER A 335 -20.95 -6.64 7.67
C SER A 335 -22.29 -7.12 8.20
N LEU A 336 -22.36 -7.35 9.51
CA LEU A 336 -23.59 -7.77 10.16
C LEU A 336 -24.14 -6.63 11.00
N PRO A 337 -25.47 -6.55 11.13
CA PRO A 337 -26.04 -5.58 12.07
C PRO A 337 -25.54 -5.86 13.49
N GLN A 338 -25.51 -4.82 14.33
CA GLN A 338 -24.99 -4.97 15.68
C GLN A 338 -25.99 -5.69 16.58
N THR A 339 -27.23 -5.80 16.10
CA THR A 339 -28.30 -6.45 16.87
C THR A 339 -28.83 -7.67 16.15
N VAL A 340 -27.96 -8.34 15.41
CA VAL A 340 -28.32 -9.52 14.62
C VAL A 340 -28.95 -10.63 15.47
N CYS A 341 -28.48 -10.75 16.71
CA CYS A 341 -28.89 -11.86 17.57
C CYS A 341 -30.21 -11.61 18.30
N ASN A 342 -30.90 -10.52 17.97
CA ASN A 342 -32.21 -10.28 18.57
C ASN A 342 -33.31 -11.10 17.91
N GLN A 343 -33.08 -11.52 16.68
CA GLN A 343 -34.05 -12.39 16.02
C GLN A 343 -33.53 -13.83 15.99
N LEU A 344 -32.36 -14.05 16.59
CA LEU A 344 -31.76 -15.38 16.57
C LEU A 344 -31.51 -15.97 17.95
N PRO A 345 -32.55 -16.05 18.79
CA PRO A 345 -32.36 -16.98 19.90
C PRO A 345 -32.68 -18.37 19.36
N ASN A 346 -32.56 -19.40 20.20
CA ASN A 346 -32.85 -20.76 19.78
C ASN A 346 -31.95 -21.26 18.63
N LEU A 347 -31.13 -20.36 18.09
CA LEU A 347 -30.17 -20.71 17.06
C LEU A 347 -29.11 -21.62 17.63
N GLN A 348 -28.73 -22.65 16.88
CA GLN A 348 -27.75 -23.61 17.37
C GLN A 348 -26.51 -23.68 16.46
N VAL A 349 -26.68 -23.48 15.16
CA VAL A 349 -25.53 -23.38 14.27
C VAL A 349 -25.60 -22.12 13.39
N LEU A 350 -24.45 -21.48 13.23
CA LEU A 350 -24.33 -20.31 12.36
C LEU A 350 -23.15 -20.50 11.44
N ASP A 351 -23.41 -20.49 10.13
CA ASP A 351 -22.36 -20.68 9.14
C ASP A 351 -22.38 -19.54 8.14
N LEU A 352 -21.41 -18.62 8.25
CA LEU A 352 -21.31 -17.52 7.32
C LEU A 352 -19.98 -17.58 6.62
N SER A 353 -19.55 -18.80 6.31
CA SER A 353 -18.28 -19.01 5.63
C SER A 353 -18.31 -18.42 4.23
N TYR A 354 -17.13 -18.13 3.71
CA TYR A 354 -16.95 -17.60 2.36
C TYR A 354 -17.76 -16.32 2.16
N ASN A 355 -17.39 -15.30 2.92
CA ASN A 355 -17.96 -13.96 2.77
C ASN A 355 -16.88 -12.90 2.95
N LEU A 356 -17.30 -11.65 3.06
CA LEU A 356 -16.37 -10.54 3.13
C LEU A 356 -16.47 -9.80 4.46
N LEU A 357 -16.74 -10.55 5.53
CA LEU A 357 -16.86 -9.92 6.85
C LEU A 357 -15.51 -9.48 7.35
N GLU A 358 -15.46 -8.27 7.90
CA GLU A 358 -14.24 -7.75 8.51
C GLU A 358 -14.43 -7.54 10.00
N ASP A 359 -15.52 -6.85 10.35
CA ASP A 359 -15.83 -6.52 11.72
C ASP A 359 -16.99 -7.39 12.23
N LEU A 360 -16.87 -7.89 13.45
CA LEU A 360 -17.87 -8.82 13.99
C LEU A 360 -18.66 -8.18 15.14
N PRO A 361 -19.94 -8.58 15.29
CA PRO A 361 -20.76 -8.12 16.42
C PRO A 361 -20.46 -8.92 17.68
N SER A 362 -21.37 -8.92 18.64
CA SER A 362 -21.11 -9.51 19.96
C SER A 362 -21.51 -10.98 20.10
N PHE A 363 -22.53 -11.39 19.35
CA PHE A 363 -23.00 -12.78 19.32
C PHE A 363 -23.51 -13.32 20.67
N SER A 364 -23.30 -12.59 21.76
CA SER A 364 -23.70 -13.04 23.09
C SER A 364 -25.18 -13.30 23.22
N VAL A 365 -25.98 -12.43 22.60
CA VAL A 365 -27.42 -12.58 22.67
C VAL A 365 -27.86 -13.86 21.96
N CYS A 366 -27.08 -14.29 20.98
CA CYS A 366 -27.37 -15.54 20.27
C CYS A 366 -26.93 -16.74 21.10
N GLN A 367 -27.53 -16.90 22.27
CA GLN A 367 -27.27 -18.05 23.11
C GLN A 367 -27.77 -19.33 22.45
N LYS A 368 -27.56 -20.46 23.12
CA LYS A 368 -27.94 -21.78 22.61
C LYS A 368 -27.16 -22.11 21.33
N LEU A 369 -26.23 -21.23 20.99
CA LEU A 369 -25.34 -21.42 19.85
C LEU A 369 -24.36 -22.54 20.19
N GLN A 370 -24.21 -23.51 19.29
CA GLN A 370 -23.29 -24.61 19.53
C GLN A 370 -22.17 -24.67 18.49
N LYS A 371 -22.48 -24.27 17.26
CA LYS A 371 -21.45 -24.24 16.23
C LYS A 371 -21.41 -22.89 15.52
N ILE A 372 -20.19 -22.41 15.30
CA ILE A 372 -19.98 -21.17 14.56
C ILE A 372 -18.88 -21.37 13.53
N ASP A 373 -19.19 -21.04 12.29
CA ASP A 373 -18.27 -21.21 11.18
C ASP A 373 -18.18 -19.92 10.38
N LEU A 374 -17.09 -19.19 10.58
CA LEU A 374 -16.89 -17.91 9.90
C LEU A 374 -15.62 -17.98 9.08
N ARG A 375 -15.31 -19.17 8.58
CA ARG A 375 -14.06 -19.38 7.84
C ARG A 375 -14.08 -18.74 6.47
N HIS A 376 -12.88 -18.55 5.93
CA HIS A 376 -12.65 -17.80 4.69
C HIS A 376 -13.43 -16.49 4.65
N ASN A 377 -13.06 -15.58 5.55
CA ASN A 377 -13.62 -14.25 5.60
C ASN A 377 -12.46 -13.27 5.65
N GLU A 378 -12.71 -12.06 6.14
CA GLU A 378 -11.65 -11.06 6.25
C GLU A 378 -11.62 -10.40 7.63
N ILE A 379 -11.90 -11.19 8.66
CA ILE A 379 -11.87 -10.69 10.04
C ILE A 379 -10.42 -10.41 10.46
N TYR A 380 -10.20 -9.31 11.17
CA TYR A 380 -8.85 -8.95 11.61
C TYR A 380 -8.68 -8.93 13.13
N GLU A 381 -9.78 -8.91 13.86
CA GLU A 381 -9.67 -8.80 15.32
C GLU A 381 -10.82 -9.49 16.05
N ILE A 382 -10.48 -10.12 17.18
CA ILE A 382 -11.43 -10.82 18.02
C ILE A 382 -11.41 -10.21 19.42
N LYS A 383 -12.44 -9.46 19.78
CA LYS A 383 -12.45 -8.72 21.05
C LYS A 383 -12.90 -9.59 22.24
N VAL A 384 -12.99 -8.96 23.40
CA VAL A 384 -13.41 -9.65 24.61
C VAL A 384 -14.85 -10.14 24.51
N ASP A 385 -15.74 -9.25 24.10
CA ASP A 385 -17.18 -9.51 24.13
C ASP A 385 -17.70 -10.21 22.88
N THR A 386 -16.82 -10.48 21.92
CA THR A 386 -17.26 -10.97 20.61
C THR A 386 -17.81 -12.40 20.66
N PHE A 387 -17.48 -13.15 21.71
CA PHE A 387 -18.04 -14.49 21.86
C PHE A 387 -18.30 -14.83 23.32
N GLN A 388 -18.39 -13.80 24.16
CA GLN A 388 -18.61 -14.02 25.59
C GLN A 388 -20.01 -14.53 25.90
N GLN A 389 -20.12 -15.31 26.97
CA GLN A 389 -21.40 -15.77 27.50
C GLN A 389 -22.13 -16.68 26.50
N LEU A 390 -21.36 -17.51 25.81
CA LEU A 390 -21.95 -18.54 24.96
C LEU A 390 -21.70 -19.90 25.57
N LEU A 391 -22.48 -20.22 26.60
CA LEU A 391 -22.20 -21.39 27.44
C LEU A 391 -22.41 -22.73 26.73
N SER A 392 -23.05 -22.70 25.57
CA SER A 392 -23.34 -23.91 24.83
C SER A 392 -22.47 -24.10 23.60
N LEU A 393 -21.56 -23.15 23.37
CA LEU A 393 -20.72 -23.18 22.17
C LEU A 393 -19.82 -24.44 22.13
N ARG A 394 -19.83 -25.21 21.04
CA ARG A 394 -19.00 -26.41 20.94
C ARG A 394 -17.84 -26.19 19.95
N SER A 395 -18.18 -25.85 18.71
CA SER A 395 -17.17 -25.71 17.66
C SER A 395 -17.06 -24.27 17.17
N LEU A 396 -15.84 -23.76 17.11
CA LEU A 396 -15.63 -22.42 16.58
C LEU A 396 -14.53 -22.43 15.52
N ASN A 397 -14.90 -22.04 14.31
CA ASN A 397 -13.94 -22.01 13.21
C ASN A 397 -13.74 -20.61 12.68
N LEU A 398 -12.51 -20.12 12.78
CA LEU A 398 -12.15 -18.81 12.26
C LEU A 398 -10.98 -18.92 11.30
N ALA A 399 -10.82 -20.11 10.73
CA ALA A 399 -9.71 -20.39 9.83
C ALA A 399 -9.79 -19.55 8.55
N TRP A 400 -8.64 -19.40 7.91
CA TRP A 400 -8.47 -18.62 6.68
C TRP A 400 -9.10 -17.25 6.80
N ASN A 401 -8.63 -16.49 7.78
CA ASN A 401 -9.04 -15.12 7.99
C ASN A 401 -7.77 -14.30 8.08
N LYS A 402 -7.88 -13.06 8.55
CA LYS A 402 -6.70 -12.23 8.74
C LYS A 402 -6.65 -11.72 10.17
N ILE A 403 -6.90 -12.62 11.11
CA ILE A 403 -6.97 -12.25 12.50
C ILE A 403 -5.58 -12.02 13.09
N ALA A 404 -5.28 -10.77 13.41
CA ALA A 404 -3.96 -10.46 13.96
C ALA A 404 -4.01 -10.35 15.48
N ILE A 405 -5.08 -9.77 16.00
CA ILE A 405 -5.19 -9.61 17.43
C ILE A 405 -6.42 -10.35 17.98
N ILE A 406 -6.18 -11.14 19.01
CA ILE A 406 -7.24 -11.78 19.78
C ILE A 406 -7.04 -11.35 21.21
N HIS A 407 -8.05 -10.72 21.81
CA HIS A 407 -7.95 -10.33 23.20
C HIS A 407 -7.71 -11.58 24.03
N PRO A 408 -6.77 -11.50 24.99
CA PRO A 408 -6.33 -12.66 25.76
C PRO A 408 -7.47 -13.34 26.52
N ASN A 409 -8.48 -12.58 26.89
CA ASN A 409 -9.61 -13.11 27.64
C ASN A 409 -10.87 -13.29 26.79
N ALA A 410 -10.69 -13.32 25.48
CA ALA A 410 -11.81 -13.50 24.55
C ALA A 410 -12.54 -14.82 24.75
N PHE A 411 -11.78 -15.87 25.06
CA PHE A 411 -12.34 -17.20 25.20
C PHE A 411 -12.51 -17.61 26.65
N SER A 412 -12.46 -16.62 27.54
CA SER A 412 -12.39 -16.86 28.99
C SER A 412 -13.64 -17.55 29.51
N THR A 413 -14.79 -17.22 28.94
CA THR A 413 -16.05 -17.69 29.49
C THR A 413 -16.79 -18.71 28.61
N LEU A 414 -16.04 -19.66 28.06
CA LEU A 414 -16.63 -20.66 27.17
C LEU A 414 -16.39 -22.08 27.70
N PRO A 415 -17.27 -22.55 28.61
CA PRO A 415 -17.15 -23.84 29.28
C PRO A 415 -17.27 -25.04 28.35
N SER A 416 -18.05 -24.89 27.27
CA SER A 416 -18.36 -26.03 26.41
C SER A 416 -17.46 -26.14 25.18
N LEU A 417 -16.60 -25.16 24.99
CA LEU A 417 -15.72 -25.12 23.82
C LEU A 417 -14.81 -26.33 23.78
N ILE A 418 -14.82 -27.06 22.67
CA ILE A 418 -13.94 -28.21 22.51
C ILE A 418 -13.20 -28.24 21.17
N LYS A 419 -13.73 -27.57 20.16
CA LYS A 419 -13.08 -27.51 18.85
C LYS A 419 -12.82 -26.07 18.39
N LEU A 420 -11.59 -25.80 17.99
CA LEU A 420 -11.20 -24.45 17.60
C LEU A 420 -10.24 -24.46 16.41
N ASP A 421 -10.64 -23.79 15.33
CA ASP A 421 -9.80 -23.70 14.14
C ASP A 421 -9.37 -22.26 13.87
N LEU A 422 -8.11 -21.95 14.14
CA LEU A 422 -7.56 -20.62 13.89
C LEU A 422 -6.46 -20.65 12.84
N SER A 423 -6.45 -21.68 11.99
CA SER A 423 -5.42 -21.83 10.95
C SER A 423 -5.45 -20.71 9.92
N SER A 424 -4.27 -20.41 9.37
CA SER A 424 -4.12 -19.39 8.32
C SER A 424 -4.69 -18.04 8.75
N ASN A 425 -4.00 -17.36 9.66
CA ASN A 425 -4.57 -16.18 10.27
C ASN A 425 -3.63 -15.05 10.65
N LEU A 426 -2.35 -15.19 10.37
CA LEU A 426 -1.33 -14.20 10.77
C LEU A 426 -1.43 -13.76 12.24
N LEU A 427 -1.53 -14.73 13.14
CA LEU A 427 -1.45 -14.50 14.58
C LEU A 427 0.02 -14.44 14.98
N SER A 428 0.30 -13.88 16.15
CA SER A 428 1.68 -13.81 16.64
C SER A 428 1.75 -14.32 18.07
N SER A 429 0.63 -14.29 18.76
CA SER A 429 0.55 -14.79 20.13
C SER A 429 -0.69 -15.65 20.29
N PHE A 430 -1.07 -15.93 21.53
CA PHE A 430 -2.07 -16.95 21.77
C PHE A 430 -2.65 -16.83 23.18
N PRO A 431 -3.97 -16.96 23.29
CA PRO A 431 -4.68 -16.86 24.59
C PRO A 431 -4.83 -18.22 25.30
N ILE A 432 -4.39 -18.28 26.54
CA ILE A 432 -4.52 -19.52 27.30
C ILE A 432 -5.66 -19.47 28.31
N THR A 433 -6.09 -18.27 28.67
CA THR A 433 -7.29 -18.11 29.47
C THR A 433 -8.50 -18.66 28.70
N GLY A 434 -9.38 -19.37 29.39
CA GLY A 434 -10.46 -20.08 28.74
C GLY A 434 -9.92 -21.21 27.90
N LEU A 435 -10.82 -21.99 27.29
CA LEU A 435 -10.46 -23.08 26.36
C LEU A 435 -9.46 -24.02 27.03
N HIS A 436 -9.44 -23.95 28.36
CA HIS A 436 -8.50 -24.68 29.20
C HIS A 436 -8.84 -26.16 29.26
N GLY A 437 -9.12 -26.75 28.11
CA GLY A 437 -9.52 -28.14 28.03
C GLY A 437 -10.46 -28.40 26.88
N LEU A 438 -10.05 -28.00 25.68
CA LEU A 438 -10.79 -28.33 24.48
C LEU A 438 -10.30 -29.70 24.00
N THR A 439 -10.40 -29.99 22.71
CA THR A 439 -10.00 -31.31 22.25
C THR A 439 -9.49 -31.31 20.80
N HIS A 440 -9.88 -30.29 20.05
CA HIS A 440 -9.38 -30.08 18.70
C HIS A 440 -8.81 -28.68 18.54
N LEU A 441 -7.52 -28.58 18.22
CA LEU A 441 -6.89 -27.27 18.07
C LEU A 441 -6.11 -27.14 16.76
N LYS A 442 -6.40 -26.10 15.98
CA LYS A 442 -5.78 -25.96 14.66
C LYS A 442 -5.15 -24.58 14.45
N LEU A 443 -3.83 -24.53 14.39
CA LEU A 443 -3.11 -23.25 14.32
C LEU A 443 -2.13 -23.07 13.15
N THR A 444 -2.02 -24.07 12.27
CA THR A 444 -1.10 -23.98 11.14
C THR A 444 -1.43 -22.85 10.17
N GLY A 445 -0.40 -22.16 9.70
CA GLY A 445 -0.59 -21.02 8.81
C GLY A 445 -0.28 -19.73 9.54
N ASN A 446 -0.21 -19.80 10.86
CA ASN A 446 0.21 -18.66 11.67
C ASN A 446 1.71 -18.68 11.87
N HIS A 447 2.45 -18.08 10.94
CA HIS A 447 3.91 -18.19 10.93
C HIS A 447 4.57 -17.50 12.14
N ALA A 448 4.01 -16.36 12.53
CA ALA A 448 4.54 -15.61 13.68
C ALA A 448 4.29 -16.34 15.00
N LEU A 449 3.38 -17.30 14.96
CA LEU A 449 3.08 -18.11 16.14
C LEU A 449 4.26 -19.03 16.45
N GLN A 450 5.27 -18.48 17.13
CA GLN A 450 6.45 -19.25 17.48
C GLN A 450 6.46 -19.64 18.95
N SER A 451 5.53 -19.06 19.72
CA SER A 451 5.43 -19.30 21.15
C SER A 451 5.33 -20.79 21.47
N LEU A 452 5.76 -21.15 22.68
CA LEU A 452 5.70 -22.54 23.12
C LEU A 452 4.50 -22.74 24.03
N ILE A 453 4.07 -23.99 24.22
CA ILE A 453 2.91 -24.30 25.05
C ILE A 453 3.11 -25.63 25.76
N SER A 454 2.43 -25.79 26.89
CA SER A 454 2.58 -27.02 27.68
C SER A 454 1.37 -27.93 27.54
N SER A 455 1.57 -29.21 27.88
CA SER A 455 0.47 -30.16 27.82
C SER A 455 -0.61 -29.85 28.84
N GLU A 456 -0.22 -29.63 30.10
CA GLU A 456 -1.15 -29.05 31.06
C GLU A 456 -1.53 -27.68 30.53
N ASN A 457 -2.74 -27.25 30.85
CA ASN A 457 -3.53 -26.20 30.18
C ASN A 457 -4.51 -26.93 29.27
N PHE A 458 -4.00 -28.00 28.68
CA PHE A 458 -4.72 -28.73 27.64
C PHE A 458 -4.84 -30.21 27.92
N PRO A 459 -5.59 -30.58 28.96
CA PRO A 459 -6.00 -31.98 28.92
C PRO A 459 -7.05 -32.16 27.84
N GLU A 460 -7.51 -33.39 27.63
CA GLU A 460 -8.56 -33.67 26.63
C GLU A 460 -8.15 -33.37 25.19
N LEU A 461 -6.99 -32.75 24.97
CA LEU A 461 -6.51 -32.59 23.61
C LEU A 461 -6.15 -33.93 23.00
N LYS A 462 -6.71 -34.19 21.82
CA LYS A 462 -6.42 -35.42 21.12
C LYS A 462 -6.00 -35.15 19.67
N VAL A 463 -6.37 -33.98 19.14
CA VAL A 463 -5.95 -33.57 17.80
C VAL A 463 -5.46 -32.12 17.76
N ILE A 464 -4.24 -31.94 17.26
CA ILE A 464 -3.62 -30.63 17.19
C ILE A 464 -2.95 -30.46 15.83
N GLU A 465 -2.86 -29.22 15.34
CA GLU A 465 -1.95 -28.93 14.23
C GLU A 465 -1.21 -27.62 14.49
N MET A 466 0.12 -27.70 14.49
CA MET A 466 0.95 -26.60 14.93
C MET A 466 1.76 -26.04 13.77
N PRO A 467 1.97 -24.71 13.78
CA PRO A 467 2.76 -24.05 12.73
C PRO A 467 4.15 -24.64 12.59
N TYR A 468 4.76 -25.04 13.71
CA TYR A 468 6.12 -25.57 13.70
C TYR A 468 6.26 -26.84 14.55
N ALA A 469 7.06 -27.78 14.05
CA ALA A 469 7.20 -29.12 14.64
C ALA A 469 7.69 -29.12 16.09
N TYR A 470 8.63 -28.24 16.41
CA TYR A 470 9.20 -28.20 17.75
C TYR A 470 8.11 -27.96 18.80
N GLN A 471 7.03 -27.32 18.38
CA GLN A 471 5.86 -27.13 19.23
C GLN A 471 5.10 -28.44 19.39
N CYS A 472 5.03 -29.22 18.31
CA CYS A 472 4.39 -30.53 18.31
C CYS A 472 5.05 -31.46 19.32
N CYS A 473 6.38 -31.38 19.37
CA CYS A 473 7.16 -32.21 20.28
C CYS A 473 6.72 -32.04 21.75
N ALA A 474 6.33 -30.84 22.13
CA ALA A 474 5.80 -30.59 23.47
C ALA A 474 4.65 -31.52 23.89
N PHE A 475 4.10 -32.28 22.94
CA PHE A 475 3.09 -33.29 23.24
C PHE A 475 3.57 -34.70 22.90
N GLY A 476 4.82 -35.01 23.22
CA GLY A 476 5.33 -36.36 23.02
C GLY A 476 5.67 -36.69 21.57
N VAL A 477 4.98 -36.05 20.63
CA VAL A 477 5.16 -36.35 19.21
C VAL A 477 6.51 -35.84 18.68
N GLU A 523 9.96 -58.90 13.40
CA GLU A 523 8.84 -58.05 13.77
C GLU A 523 7.81 -58.85 14.57
N GLU A 524 7.82 -58.67 15.89
CA GLU A 524 6.92 -59.42 16.75
C GLU A 524 6.01 -58.50 17.57
N ASP A 525 4.76 -58.91 17.74
CA ASP A 525 3.72 -58.17 18.43
C ASP A 525 3.57 -56.70 18.05
N LEU A 526 4.03 -55.82 18.94
CA LEU A 526 3.80 -54.34 18.94
C LEU A 526 2.37 -53.97 19.33
N LYS A 527 2.23 -52.78 19.93
CA LYS A 527 0.95 -52.28 20.41
C LYS A 527 0.91 -50.76 20.25
N ALA A 528 -0.24 -50.24 19.79
CA ALA A 528 -0.33 -48.86 19.33
C ALA A 528 -0.41 -47.83 20.46
N LEU A 529 -1.19 -48.13 21.48
CA LEU A 529 -1.38 -47.25 22.65
C LEU A 529 -1.54 -45.79 22.24
N HIS A 530 -2.51 -45.54 21.37
CA HIS A 530 -2.82 -44.19 20.88
C HIS A 530 -3.36 -43.26 21.95
N SER A 531 -2.57 -42.24 22.29
CA SER A 531 -2.99 -41.21 23.25
C SER A 531 -3.40 -39.85 22.64
N VAL A 532 -2.52 -39.30 21.81
CA VAL A 532 -2.65 -37.93 21.32
C VAL A 532 -1.98 -37.69 19.97
N GLN A 533 -2.43 -36.68 19.22
CA GLN A 533 -1.85 -36.36 17.91
C GLN A 533 -1.31 -34.94 17.81
N CYS A 534 -0.51 -34.71 16.76
CA CYS A 534 0.01 -33.39 16.43
C CYS A 534 0.59 -33.44 15.03
N SER A 535 0.73 -32.28 14.38
CA SER A 535 1.22 -32.27 13.01
C SER A 535 1.86 -30.93 12.63
N PRO A 536 3.09 -30.97 12.13
CA PRO A 536 3.82 -29.79 11.64
C PRO A 536 3.40 -29.37 10.23
N GLY B 21 50.47 -36.86 35.36
CA GLY B 21 49.93 -35.63 34.81
C GLY B 21 51.00 -34.87 34.04
N VAL B 22 51.52 -35.53 33.00
CA VAL B 22 52.75 -35.12 32.33
C VAL B 22 52.78 -33.67 31.84
N LEU B 23 51.59 -33.09 31.63
CA LEU B 23 51.49 -31.70 31.21
C LEU B 23 50.12 -31.12 31.58
N LEU B 24 50.12 -30.30 32.65
CA LEU B 24 48.91 -29.66 33.13
C LEU B 24 49.15 -28.19 33.47
N ARG B 25 48.62 -27.30 32.63
CA ARG B 25 48.55 -25.85 32.90
C ARG B 25 47.82 -25.64 34.26
N GLY B 26 47.93 -24.46 34.89
CA GLY B 26 48.36 -23.21 34.27
C GLY B 26 47.08 -22.50 33.89
N CYS B 27 46.12 -22.55 34.79
CA CYS B 27 44.79 -22.00 34.57
C CYS B 27 44.26 -21.43 35.88
N PRO B 28 43.56 -20.29 35.82
CA PRO B 28 43.05 -19.54 36.97
C PRO B 28 42.11 -20.37 37.85
N THR B 29 41.72 -19.80 38.99
CA THR B 29 40.91 -20.50 39.96
C THR B 29 39.42 -20.43 39.62
N HIS B 30 38.73 -21.54 39.87
CA HIS B 30 37.27 -21.68 39.72
C HIS B 30 36.87 -21.81 38.26
N CYS B 31 37.84 -21.70 37.36
CA CYS B 31 37.57 -21.85 35.94
C CYS B 31 37.89 -23.27 35.47
N HIS B 32 37.19 -23.76 34.47
CA HIS B 32 37.54 -25.10 33.94
C HIS B 32 38.41 -24.94 32.71
N CYS B 33 39.33 -25.88 32.49
CA CYS B 33 40.28 -25.73 31.38
C CYS B 33 40.67 -27.06 30.76
N GLU B 34 40.98 -27.05 29.47
CA GLU B 34 41.39 -28.28 28.76
C GLU B 34 42.27 -27.97 27.55
N PRO B 35 43.20 -28.89 27.23
CA PRO B 35 44.14 -28.72 26.11
C PRO B 35 43.47 -28.58 24.74
N ASP B 36 44.22 -28.02 23.79
CA ASP B 36 43.75 -27.81 22.42
C ASP B 36 44.45 -28.78 21.48
N GLY B 37 44.68 -28.36 20.23
CA GLY B 37 45.59 -29.07 19.34
C GLY B 37 46.99 -29.14 19.93
N ARG B 38 47.12 -29.94 20.98
CA ARG B 38 48.30 -30.02 21.84
C ARG B 38 48.77 -28.71 22.49
N MET B 39 49.13 -28.86 23.76
CA MET B 39 49.57 -27.79 24.65
C MET B 39 48.57 -26.65 24.83
N LEU B 40 48.33 -25.84 23.79
CA LEU B 40 47.50 -24.63 23.93
C LEU B 40 46.25 -24.89 24.76
N LEU B 41 45.90 -23.93 25.61
CA LEU B 41 44.98 -24.22 26.70
C LEU B 41 43.68 -23.42 26.59
N ARG B 42 42.56 -24.13 26.64
CA ARG B 42 41.23 -23.54 26.54
C ARG B 42 40.65 -23.26 27.93
N VAL B 43 40.25 -22.01 28.14
CA VAL B 43 39.80 -21.54 29.44
C VAL B 43 38.32 -21.15 29.47
N ASP B 44 37.61 -21.68 30.46
CA ASP B 44 36.23 -21.31 30.71
C ASP B 44 36.10 -20.64 32.07
N CYS B 45 36.04 -19.31 32.06
CA CYS B 45 35.79 -18.52 33.25
C CYS B 45 34.45 -17.80 33.12
N SER B 46 33.47 -18.48 32.55
CA SER B 46 32.13 -17.91 32.40
C SER B 46 31.45 -17.81 33.76
N ASP B 47 30.17 -17.43 33.75
CA ASP B 47 29.38 -17.10 34.94
C ASP B 47 29.95 -17.55 36.29
N LEU B 48 30.89 -16.76 36.81
CA LEU B 48 31.38 -16.92 38.18
C LEU B 48 30.96 -15.73 39.02
N GLY B 49 30.21 -14.82 38.41
CA GLY B 49 29.86 -13.56 39.03
C GLY B 49 31.11 -12.78 39.35
N LEU B 50 32.09 -12.89 38.46
CA LEU B 50 33.35 -12.18 38.57
C LEU B 50 33.13 -10.66 38.54
N SER B 51 34.16 -9.87 38.84
CA SER B 51 34.05 -8.41 38.73
C SER B 51 34.96 -7.87 37.63
N GLU B 52 36.21 -8.29 37.65
CA GLU B 52 37.15 -8.01 36.59
C GLU B 52 37.99 -9.27 36.40
N LEU B 53 38.80 -9.33 35.35
CA LEU B 53 39.56 -10.56 35.11
C LEU B 53 40.62 -10.73 36.19
N PRO B 54 41.15 -11.95 36.33
CA PRO B 54 42.34 -12.12 37.15
C PRO B 54 43.61 -12.03 36.32
N SER B 55 44.73 -11.77 36.98
CA SER B 55 46.02 -11.94 36.33
C SER B 55 46.43 -13.39 36.54
N ASN B 56 47.70 -13.68 36.28
CA ASN B 56 48.21 -15.06 36.35
C ASN B 56 47.57 -15.98 35.30
N LEU B 57 46.58 -15.48 34.57
CA LEU B 57 46.10 -16.17 33.38
C LEU B 57 47.33 -16.53 32.58
N SER B 58 47.64 -17.81 32.52
CA SER B 58 48.80 -18.28 31.79
C SER B 58 48.67 -17.97 30.31
N VAL B 59 49.81 -17.84 29.64
CA VAL B 59 49.83 -17.77 28.19
C VAL B 59 49.58 -19.18 27.66
N PHE B 60 49.70 -19.38 26.35
CA PHE B 60 49.30 -20.62 25.68
C PHE B 60 47.77 -20.76 25.68
N THR B 61 47.08 -19.69 26.02
CA THR B 61 45.62 -19.70 26.02
C THR B 61 45.12 -19.45 24.61
N SER B 62 44.41 -20.42 24.06
CA SER B 62 43.86 -20.30 22.72
C SER B 62 42.35 -20.10 22.77
N TYR B 63 41.80 -20.16 23.98
CA TYR B 63 40.37 -19.99 24.16
C TYR B 63 40.10 -19.43 25.55
N LEU B 64 39.39 -18.31 25.59
CA LEU B 64 39.04 -17.69 26.86
C LEU B 64 37.56 -17.29 26.84
N ASP B 65 36.78 -17.96 27.68
CA ASP B 65 35.37 -17.65 27.81
C ASP B 65 35.11 -16.84 29.08
N LEU B 66 34.90 -15.54 28.91
CA LEU B 66 34.37 -14.70 29.97
C LEU B 66 32.95 -14.31 29.59
N SER B 67 31.96 -14.84 30.28
CA SER B 67 30.58 -14.59 29.94
C SER B 67 29.67 -14.60 31.17
N MET B 68 28.71 -13.67 31.19
CA MET B 68 27.77 -13.49 32.29
C MET B 68 28.46 -13.09 33.59
N ASN B 69 29.70 -12.61 33.49
CA ASN B 69 30.49 -12.28 34.68
C ASN B 69 30.44 -10.82 35.16
N ASN B 70 29.38 -10.09 34.80
CA ASN B 70 29.09 -8.77 35.39
C ASN B 70 30.30 -7.85 35.53
N ILE B 71 31.08 -7.72 34.47
CA ILE B 71 32.27 -6.85 34.46
C ILE B 71 31.95 -5.47 33.87
N SER B 72 32.40 -4.42 34.55
CA SER B 72 32.18 -3.04 34.09
C SER B 72 33.30 -2.52 33.19
N GLN B 73 34.53 -2.55 33.69
CA GLN B 73 35.67 -1.97 32.97
C GLN B 73 36.62 -3.04 32.45
N LEU B 74 37.22 -2.76 31.28
CA LEU B 74 38.06 -3.73 30.59
C LEU B 74 39.37 -3.14 30.04
N LEU B 75 40.34 -2.80 30.88
CA LEU B 75 40.29 -2.80 32.35
C LEU B 75 41.20 -1.66 32.83
N PRO B 76 41.31 -1.49 34.16
CA PRO B 76 42.48 -0.73 34.61
C PRO B 76 43.77 -1.46 34.21
N ASN B 77 43.75 -2.78 34.33
CA ASN B 77 44.87 -3.61 33.93
C ASN B 77 44.39 -4.85 33.17
N PRO B 78 44.08 -4.70 31.87
CA PRO B 78 43.63 -5.83 31.08
C PRO B 78 44.79 -6.78 30.76
N LEU B 79 44.56 -7.76 29.89
CA LEU B 79 45.66 -8.64 29.51
C LEU B 79 45.65 -9.02 28.04
N PRO B 80 46.35 -8.21 27.22
CA PRO B 80 46.88 -8.69 25.94
C PRO B 80 48.01 -9.68 26.20
N SER B 81 49.08 -9.61 25.39
CA SER B 81 50.24 -10.48 25.60
C SER B 81 49.87 -11.95 25.49
N LEU B 82 48.63 -12.20 25.09
CA LEU B 82 48.10 -13.54 24.93
C LEU B 82 48.05 -13.84 23.44
N ARG B 83 49.23 -13.83 22.83
CA ARG B 83 49.39 -13.98 21.38
C ARG B 83 48.91 -15.31 20.80
N PHE B 84 48.40 -16.20 21.65
CA PHE B 84 47.92 -17.51 21.21
C PHE B 84 46.40 -17.58 21.24
N LEU B 85 45.77 -16.53 21.76
CA LEU B 85 44.32 -16.48 21.85
C LEU B 85 43.67 -16.58 20.48
N GLU B 86 42.83 -17.60 20.32
CA GLU B 86 42.14 -17.89 19.07
C GLU B 86 40.68 -17.44 19.10
N GLU B 87 40.16 -17.19 20.29
CA GLU B 87 38.74 -16.94 20.45
C GLU B 87 38.41 -16.31 21.79
N LEU B 88 37.95 -15.07 21.76
CA LEU B 88 37.57 -14.42 23.02
C LEU B 88 36.07 -14.21 23.14
N ARG B 89 35.56 -14.53 24.32
CA ARG B 89 34.14 -14.37 24.60
C ARG B 89 33.97 -13.32 25.69
N LEU B 90 33.02 -12.43 25.49
CA LEU B 90 32.77 -11.33 26.42
C LEU B 90 31.28 -11.06 26.51
N ALA B 91 30.49 -12.06 26.15
CA ALA B 91 29.04 -11.96 26.21
C ALA B 91 28.55 -11.75 27.64
N GLY B 92 27.35 -11.18 27.77
CA GLY B 92 26.71 -11.02 29.07
C GLY B 92 27.42 -10.12 30.06
N ASN B 93 28.47 -9.45 29.61
CA ASN B 93 29.24 -8.56 30.48
C ASN B 93 28.88 -7.10 30.22
N ALA B 94 28.45 -6.40 31.25
CA ALA B 94 27.90 -5.05 31.10
C ALA B 94 28.97 -4.06 30.69
N LEU B 95 29.06 -3.79 29.39
CA LEU B 95 30.08 -2.88 28.88
C LEU B 95 29.41 -1.66 28.30
N THR B 96 30.19 -0.61 28.09
CA THR B 96 29.68 0.58 27.41
C THR B 96 30.66 1.01 26.32
N TYR B 97 31.95 0.77 26.57
CA TYR B 97 32.96 1.18 25.61
C TYR B 97 34.21 0.33 25.77
N ILE B 98 35.09 0.34 24.78
CA ILE B 98 36.32 -0.45 24.83
C ILE B 98 37.57 0.37 24.52
N PRO B 99 38.52 0.41 25.47
CA PRO B 99 39.88 0.97 25.33
C PRO B 99 40.50 0.69 23.97
N LYS B 100 41.18 1.69 23.40
CA LYS B 100 41.62 1.64 22.00
C LYS B 100 42.68 0.58 21.70
N GLY B 101 43.36 0.10 22.74
CA GLY B 101 44.42 -0.88 22.56
C GLY B 101 44.20 -2.16 23.33
N ALA B 102 42.93 -2.45 23.66
CA ALA B 102 42.59 -3.63 24.44
C ALA B 102 42.88 -4.93 23.70
N PHE B 103 42.79 -4.89 22.37
CA PHE B 103 42.97 -6.11 21.57
C PHE B 103 44.25 -6.08 20.75
N THR B 104 45.10 -5.10 20.99
CA THR B 104 46.34 -4.93 20.24
C THR B 104 47.26 -6.14 20.36
N GLY B 105 47.47 -6.60 21.58
CA GLY B 105 48.38 -7.70 21.85
C GLY B 105 47.91 -9.05 21.33
N LEU B 106 46.62 -9.15 21.04
CA LEU B 106 46.03 -10.39 20.55
C LEU B 106 46.19 -10.49 19.04
N TYR B 107 47.25 -11.16 18.61
CA TYR B 107 47.59 -11.20 17.19
C TYR B 107 46.85 -12.29 16.45
N SER B 108 46.50 -13.36 17.17
CA SER B 108 45.92 -14.54 16.53
C SER B 108 44.42 -14.66 16.75
N LEU B 109 43.78 -13.59 17.23
CA LEU B 109 42.34 -13.60 17.47
C LEU B 109 41.57 -13.77 16.17
N LYS B 110 40.88 -14.90 16.05
CA LYS B 110 40.11 -15.20 14.83
C LYS B 110 38.61 -14.99 15.04
N VAL B 111 38.17 -15.04 16.29
CA VAL B 111 36.75 -14.77 16.59
C VAL B 111 36.56 -14.04 17.93
N LEU B 112 35.89 -12.90 17.87
CA LEU B 112 35.57 -12.09 19.04
C LEU B 112 34.06 -11.95 19.26
N MET B 113 33.65 -12.11 20.52
CA MET B 113 32.24 -12.14 20.87
C MET B 113 31.93 -11.08 21.93
N LEU B 114 31.05 -10.16 21.57
CA LEU B 114 30.74 -9.00 22.40
C LEU B 114 29.24 -8.77 22.50
N GLN B 115 28.47 -9.80 22.21
CA GLN B 115 27.01 -9.70 22.22
C GLN B 115 26.44 -9.64 23.64
N ASN B 116 25.23 -9.08 23.75
CA ASN B 116 24.48 -8.98 25.01
C ASN B 116 25.17 -8.07 26.03
N ASN B 117 25.63 -6.92 25.55
CA ASN B 117 26.22 -5.90 26.41
C ASN B 117 25.43 -4.61 26.24
N GLN B 118 26.04 -3.46 26.53
CA GLN B 118 25.32 -2.19 26.41
C GLN B 118 26.11 -1.11 25.68
N LEU B 119 26.82 -1.49 24.63
CA LEU B 119 27.48 -0.48 23.80
C LEU B 119 26.39 0.28 23.06
N ARG B 120 26.47 1.61 23.07
CA ARG B 120 25.48 2.40 22.36
C ARG B 120 26.07 2.82 21.02
N HIS B 121 27.32 2.41 20.81
CA HIS B 121 28.01 2.61 19.55
C HIS B 121 29.22 1.68 19.47
N VAL B 122 29.59 1.32 18.25
CA VAL B 122 30.77 0.48 18.02
C VAL B 122 32.02 1.19 18.51
N PRO B 123 32.91 0.47 19.22
CA PRO B 123 34.19 1.04 19.63
C PRO B 123 34.88 1.77 18.47
N THR B 124 35.06 3.09 18.65
CA THR B 124 35.54 3.97 17.58
C THR B 124 36.89 3.56 17.00
N GLU B 125 37.70 2.88 17.81
CA GLU B 125 39.03 2.47 17.40
C GLU B 125 39.36 1.04 17.82
N ALA B 126 39.10 0.73 19.08
CA ALA B 126 39.40 -0.56 19.72
C ALA B 126 39.38 -1.82 18.83
N LEU B 127 38.57 -1.80 17.78
CA LEU B 127 38.45 -2.98 16.90
C LEU B 127 39.33 -2.86 15.66
N GLN B 128 39.83 -1.66 15.40
CA GLN B 128 40.64 -1.39 14.22
C GLN B 128 41.96 -2.15 14.23
N ASN B 129 42.35 -2.62 13.04
CA ASN B 129 43.55 -3.43 12.85
C ASN B 129 43.56 -4.67 13.74
N LEU B 130 42.90 -5.73 13.26
CA LEU B 130 42.94 -7.04 13.90
C LEU B 130 43.04 -8.11 12.81
N ARG B 131 44.02 -7.94 11.94
CA ARG B 131 44.21 -8.72 10.70
C ARG B 131 43.83 -10.21 10.70
N SER B 132 43.64 -10.80 11.89
CA SER B 132 43.30 -12.21 11.97
C SER B 132 41.81 -12.47 12.26
N LEU B 133 41.08 -11.42 12.66
CA LEU B 133 39.68 -11.60 13.07
C LEU B 133 38.78 -12.01 11.91
N GLN B 134 38.01 -13.07 12.13
CA GLN B 134 37.17 -13.66 11.10
C GLN B 134 35.68 -13.53 11.45
N SER B 135 35.38 -13.54 12.74
CA SER B 135 34.00 -13.54 13.21
C SER B 135 33.80 -12.52 14.32
N LEU B 136 32.92 -11.55 14.07
CA LEU B 136 32.67 -10.50 15.04
C LEU B 136 31.21 -10.45 15.47
N ARG B 137 30.98 -10.60 16.78
CA ARG B 137 29.65 -10.51 17.34
C ARG B 137 29.42 -9.19 18.05
N LEU B 138 28.47 -8.41 17.53
CA LEU B 138 28.08 -7.15 18.14
C LEU B 138 26.57 -7.03 18.26
N ASP B 139 25.90 -8.17 18.37
CA ASP B 139 24.45 -8.19 18.46
C ASP B 139 23.98 -8.00 19.90
N ALA B 140 22.67 -7.78 20.07
CA ALA B 140 22.06 -7.67 21.39
C ALA B 140 22.67 -6.58 22.25
N ASN B 141 23.01 -5.46 21.63
CA ASN B 141 23.44 -4.29 22.38
C ASN B 141 22.42 -3.19 22.19
N HIS B 142 22.79 -1.97 22.55
CA HIS B 142 21.92 -0.84 22.30
C HIS B 142 22.61 0.15 21.38
N ILE B 143 23.38 -0.37 20.43
CA ILE B 143 24.15 0.49 19.54
C ILE B 143 23.24 1.12 18.51
N SER B 144 23.47 2.39 18.23
CA SER B 144 22.66 3.14 17.27
C SER B 144 23.54 3.95 16.34
N TYR B 145 24.84 3.79 16.50
CA TYR B 145 25.80 4.55 15.71
C TYR B 145 27.07 3.75 15.44
N VAL B 146 27.46 3.69 14.17
CA VAL B 146 28.68 3.02 13.77
C VAL B 146 29.67 4.04 13.21
N PRO B 147 30.66 4.43 14.03
CA PRO B 147 31.74 5.35 13.67
C PRO B 147 32.38 4.99 12.34
N PRO B 148 32.65 6.00 11.51
CA PRO B 148 33.19 5.84 10.15
C PRO B 148 34.45 4.98 10.14
N SER B 149 34.33 3.79 9.57
CA SER B 149 35.43 2.83 9.50
C SER B 149 36.05 2.55 10.88
N CYS B 150 35.25 1.98 11.77
CA CYS B 150 35.76 1.41 13.00
C CYS B 150 36.20 -0.01 12.72
N PHE B 151 35.97 -0.43 11.48
CA PHE B 151 36.33 -1.76 11.00
C PHE B 151 37.58 -1.71 10.14
N SER B 152 38.27 -0.57 10.16
CA SER B 152 39.46 -0.35 9.33
C SER B 152 40.54 -1.39 9.59
N GLY B 153 41.02 -2.03 8.52
CA GLY B 153 42.07 -3.03 8.62
C GLY B 153 41.58 -4.35 9.18
N LEU B 154 40.46 -4.86 8.66
CA LEU B 154 39.94 -6.15 9.07
C LEU B 154 39.81 -7.10 7.88
N HIS B 155 40.82 -7.16 7.03
CA HIS B 155 40.74 -7.90 5.77
C HIS B 155 40.46 -9.40 5.89
N SER B 156 40.22 -9.88 7.11
CA SER B 156 39.90 -11.30 7.29
C SER B 156 38.50 -11.51 7.88
N LEU B 157 37.77 -10.43 8.09
CA LEU B 157 36.42 -10.52 8.65
C LEU B 157 35.42 -11.06 7.64
N ARG B 158 34.75 -12.16 7.98
CA ARG B 158 33.80 -12.79 7.07
C ARG B 158 32.42 -13.04 7.70
N HIS B 159 32.25 -12.69 8.98
CA HIS B 159 30.98 -12.90 9.66
C HIS B 159 30.69 -11.75 10.62
N LEU B 160 29.65 -10.97 10.31
CA LEU B 160 29.31 -9.83 11.16
C LEU B 160 27.88 -9.91 11.73
N TRP B 161 27.79 -9.83 13.05
CA TRP B 161 26.50 -9.84 13.72
C TRP B 161 26.17 -8.49 14.31
N LEU B 162 25.19 -7.81 13.70
CA LEU B 162 24.65 -6.58 14.26
C LEU B 162 23.15 -6.72 14.46
N ASP B 163 22.74 -7.85 15.02
CA ASP B 163 21.33 -8.12 15.30
C ASP B 163 20.88 -7.36 16.54
N ASP B 164 19.57 -7.22 16.67
CA ASP B 164 18.93 -6.66 17.87
C ASP B 164 19.63 -5.41 18.38
N ASN B 165 19.77 -4.42 17.51
CA ASN B 165 20.39 -3.15 17.85
C ASN B 165 19.49 -2.00 17.40
N ALA B 166 19.96 -0.77 17.55
CA ALA B 166 19.11 0.39 17.30
C ALA B 166 19.58 1.18 16.09
N LEU B 167 20.07 0.48 15.08
CA LEU B 167 20.49 1.17 13.87
C LEU B 167 19.29 1.76 13.16
N THR B 168 19.52 2.81 12.40
CA THR B 168 18.48 3.52 11.67
C THR B 168 18.86 3.72 10.22
N GLU B 169 20.14 3.54 9.94
CA GLU B 169 20.67 3.66 8.59
C GLU B 169 21.73 2.59 8.36
N ILE B 170 22.06 2.34 7.10
CA ILE B 170 23.13 1.42 6.80
C ILE B 170 24.46 2.13 6.99
N PRO B 171 25.38 1.51 7.76
CA PRO B 171 26.73 2.04 7.91
C PRO B 171 27.53 1.84 6.62
N VAL B 172 27.11 2.52 5.56
CA VAL B 172 27.67 2.37 4.23
C VAL B 172 29.20 2.45 4.20
N GLN B 173 29.73 3.52 4.79
CA GLN B 173 31.17 3.78 4.75
C GLN B 173 31.95 2.68 5.48
N ALA B 174 31.46 2.29 6.66
CA ALA B 174 32.12 1.27 7.48
C ALA B 174 32.10 -0.07 6.77
N PHE B 175 31.02 -0.33 6.05
CA PHE B 175 30.89 -1.57 5.29
C PHE B 175 31.79 -1.53 4.07
N ARG B 176 32.04 -0.33 3.55
CA ARG B 176 32.95 -0.15 2.42
C ARG B 176 34.33 -0.71 2.73
N SER B 177 34.69 -0.76 4.02
CA SER B 177 35.99 -1.27 4.43
C SER B 177 35.93 -2.77 4.73
N LEU B 178 34.89 -3.42 4.25
CA LEU B 178 34.67 -4.85 4.50
C LEU B 178 34.44 -5.63 3.22
N SER B 179 35.45 -5.66 2.35
CA SER B 179 35.39 -6.43 1.12
C SER B 179 35.61 -7.91 1.38
N ALA B 180 35.99 -8.25 2.62
CA ALA B 180 36.21 -9.63 3.02
C ALA B 180 34.93 -10.38 3.40
N LEU B 181 33.94 -9.63 3.89
CA LEU B 181 32.71 -10.20 4.47
C LEU B 181 32.02 -11.25 3.61
N GLN B 182 31.49 -12.28 4.26
CA GLN B 182 30.77 -13.35 3.56
C GLN B 182 29.34 -13.53 4.10
N ALA B 183 29.13 -13.15 5.35
CA ALA B 183 27.84 -13.33 6.01
C ALA B 183 27.57 -12.19 6.97
N MET B 184 26.43 -11.52 6.82
CA MET B 184 26.10 -10.41 7.71
C MET B 184 24.62 -10.36 8.08
N THR B 185 24.37 -10.00 9.33
CA THR B 185 22.99 -9.81 9.74
C THR B 185 22.79 -8.44 10.41
N LEU B 186 21.75 -7.75 9.97
CA LEU B 186 21.41 -6.44 10.49
C LEU B 186 19.97 -6.49 11.00
N ALA B 187 19.55 -7.69 11.37
CA ALA B 187 18.17 -7.95 11.75
C ALA B 187 17.79 -7.34 13.10
N LEU B 188 16.48 -7.28 13.33
CA LEU B 188 15.89 -6.65 14.52
C LEU B 188 16.47 -5.28 14.79
N ASN B 189 16.29 -4.36 13.83
CA ASN B 189 16.71 -2.98 14.01
C ASN B 189 15.61 -2.01 13.62
N LYS B 190 15.97 -0.85 13.09
CA LYS B 190 15.00 0.17 12.71
C LYS B 190 15.35 0.78 11.36
N ILE B 191 16.17 0.10 10.58
CA ILE B 191 16.48 0.56 9.24
C ILE B 191 15.18 0.65 8.44
N HIS B 192 14.97 1.79 7.78
CA HIS B 192 13.74 2.00 7.05
C HIS B 192 14.01 2.35 5.59
N HIS B 193 15.30 2.49 5.25
CA HIS B 193 15.68 2.85 3.89
C HIS B 193 17.04 2.25 3.53
N ILE B 194 17.16 1.78 2.30
CA ILE B 194 18.44 1.32 1.79
C ILE B 194 18.80 2.11 0.53
N PRO B 195 19.77 3.01 0.66
CA PRO B 195 20.18 3.85 -0.47
C PRO B 195 20.99 3.05 -1.48
N ASP B 196 21.15 3.59 -2.68
CA ASP B 196 21.86 2.89 -3.75
C ASP B 196 23.32 2.61 -3.35
N TYR B 197 23.79 1.42 -3.71
CA TYR B 197 25.17 0.99 -3.43
C TYR B 197 25.51 1.00 -1.94
N ALA B 198 24.50 0.88 -1.08
CA ALA B 198 24.70 0.84 0.36
C ALA B 198 25.70 -0.22 0.79
N PHE B 199 25.68 -1.37 0.12
CA PHE B 199 26.62 -2.44 0.43
C PHE B 199 27.61 -2.63 -0.72
N GLY B 200 27.92 -1.54 -1.41
CA GLY B 200 28.69 -1.56 -2.64
C GLY B 200 30.01 -2.31 -2.69
N ASN B 201 30.72 -2.38 -1.57
CA ASN B 201 32.05 -3.00 -1.55
C ASN B 201 32.02 -4.45 -1.12
N LEU B 202 30.91 -4.86 -0.52
CA LEU B 202 30.80 -6.21 0.02
C LEU B 202 30.55 -7.19 -1.12
N SER B 203 31.59 -7.46 -1.90
CA SER B 203 31.46 -8.28 -3.10
C SER B 203 31.70 -9.74 -2.78
N SER B 204 32.22 -10.01 -1.59
CA SER B 204 32.44 -11.38 -1.12
C SER B 204 31.23 -11.90 -0.36
N LEU B 205 30.25 -11.01 -0.15
CA LEU B 205 29.07 -11.32 0.64
C LEU B 205 28.20 -12.42 0.03
N VAL B 206 27.83 -13.40 0.85
CA VAL B 206 27.02 -14.52 0.39
C VAL B 206 25.63 -14.51 1.03
N VAL B 207 25.54 -14.05 2.27
CA VAL B 207 24.32 -14.14 3.05
C VAL B 207 23.95 -12.81 3.70
N LEU B 208 22.80 -12.26 3.35
CA LEU B 208 22.40 -10.98 3.95
C LEU B 208 21.05 -11.07 4.66
N HIS B 209 21.02 -10.77 5.95
CA HIS B 209 19.78 -10.82 6.73
C HIS B 209 19.33 -9.44 7.19
N LEU B 210 18.17 -9.02 6.71
CA LEU B 210 17.62 -7.72 7.05
C LEU B 210 16.22 -7.82 7.65
N HIS B 211 15.87 -9.00 8.15
CA HIS B 211 14.51 -9.23 8.62
C HIS B 211 14.18 -8.49 9.91
N ASN B 212 12.90 -8.30 10.16
CA ASN B 212 12.39 -7.59 11.34
C ASN B 212 12.92 -6.15 11.44
N ASN B 213 13.04 -5.48 10.31
CA ASN B 213 13.38 -4.07 10.28
C ASN B 213 12.15 -3.22 10.06
N ARG B 214 12.30 -2.14 9.29
CA ARG B 214 11.17 -1.27 8.95
C ARG B 214 11.32 -0.72 7.54
N ILE B 215 11.93 -1.48 6.65
CA ILE B 215 12.22 -0.98 5.31
C ILE B 215 10.94 -0.65 4.55
N HIS B 216 10.73 0.64 4.31
CA HIS B 216 9.56 1.11 3.59
C HIS B 216 9.95 1.57 2.19
N SER B 217 11.23 1.79 1.98
CA SER B 217 11.71 2.31 0.70
C SER B 217 13.14 1.89 0.42
N LEU B 218 13.40 1.52 -0.82
CA LEU B 218 14.76 1.21 -1.26
C LEU B 218 14.95 1.59 -2.73
N GLY B 219 16.20 1.83 -3.11
CA GLY B 219 16.52 2.32 -4.43
C GLY B 219 16.62 1.26 -5.51
N LYS B 220 16.68 1.70 -6.76
CA LYS B 220 16.76 0.80 -7.91
C LYS B 220 18.09 0.06 -7.94
N LYS B 221 19.09 0.60 -7.24
CA LYS B 221 20.43 0.00 -7.24
C LYS B 221 20.98 -0.14 -5.83
N CYS B 222 20.13 -0.51 -4.89
CA CYS B 222 20.57 -0.59 -3.50
C CYS B 222 21.32 -1.91 -3.26
N PHE B 223 21.20 -2.85 -4.19
CA PHE B 223 21.96 -4.09 -4.09
C PHE B 223 22.92 -4.31 -5.26
N ASP B 224 23.48 -3.24 -5.83
CA ASP B 224 24.28 -3.39 -7.04
C ASP B 224 25.68 -3.97 -6.76
N GLY B 225 26.17 -3.77 -5.54
CA GLY B 225 27.50 -4.25 -5.18
C GLY B 225 27.68 -5.76 -5.16
N LEU B 226 27.09 -6.43 -4.18
CA LEU B 226 27.36 -7.85 -3.91
C LEU B 226 27.08 -8.75 -5.09
N HIS B 227 28.13 -9.05 -5.86
CA HIS B 227 28.03 -9.95 -7.00
C HIS B 227 27.87 -11.39 -6.55
N SER B 228 28.39 -11.69 -5.37
CA SER B 228 28.46 -13.06 -4.87
C SER B 228 27.25 -13.47 -4.02
N LEU B 229 26.34 -12.54 -3.77
CA LEU B 229 25.24 -12.77 -2.83
C LEU B 229 24.34 -13.95 -3.25
N GLU B 230 24.09 -14.85 -2.31
CA GLU B 230 23.31 -16.06 -2.60
C GLU B 230 21.94 -16.08 -1.90
N THR B 231 21.84 -15.51 -0.70
CA THR B 231 20.54 -15.43 -0.04
C THR B 231 20.27 -14.04 0.55
N LEU B 232 18.99 -13.68 0.55
CA LEU B 232 18.56 -12.32 0.87
C LEU B 232 17.26 -12.34 1.69
N ASP B 233 17.35 -11.83 2.92
CA ASP B 233 16.21 -11.84 3.83
C ASP B 233 15.62 -10.44 3.97
N LEU B 234 14.41 -10.25 3.47
CA LEU B 234 13.70 -8.97 3.63
C LEU B 234 12.40 -9.13 4.42
N ASN B 235 12.30 -10.22 5.18
CA ASN B 235 11.07 -10.56 5.88
C ASN B 235 10.70 -9.59 7.01
N TYR B 236 9.44 -9.64 7.43
CA TYR B 236 8.93 -8.88 8.57
C TYR B 236 9.24 -7.39 8.49
N ASN B 237 9.10 -6.83 7.29
CA ASN B 237 9.39 -5.41 7.09
C ASN B 237 8.19 -4.67 6.53
N ASN B 238 8.41 -3.44 6.04
CA ASN B 238 7.30 -2.57 5.69
C ASN B 238 7.27 -2.17 4.22
N LEU B 239 7.74 -3.06 3.35
CA LEU B 239 7.77 -2.77 1.92
C LEU B 239 6.35 -2.68 1.35
N ASP B 240 6.11 -1.64 0.56
CA ASP B 240 4.81 -1.43 -0.06
C ASP B 240 4.82 -1.88 -1.52
N GLU B 241 6.00 -1.95 -2.10
CA GLU B 241 6.15 -2.39 -3.48
C GLU B 241 7.30 -3.39 -3.65
N PHE B 242 7.27 -4.11 -4.76
CA PHE B 242 8.24 -5.17 -5.04
C PHE B 242 9.65 -4.62 -5.17
N PRO B 243 10.63 -5.27 -4.51
CA PRO B 243 12.00 -4.79 -4.59
C PRO B 243 12.63 -5.13 -5.94
N THR B 244 12.62 -4.15 -6.86
CA THR B 244 13.14 -4.33 -8.20
C THR B 244 14.66 -4.28 -8.24
N ALA B 245 15.24 -3.66 -7.22
CA ALA B 245 16.68 -3.67 -7.00
C ALA B 245 17.28 -5.08 -7.02
N ILE B 246 16.41 -6.08 -6.90
CA ILE B 246 16.81 -7.48 -6.89
C ILE B 246 17.42 -7.87 -8.24
N ARG B 247 17.05 -7.14 -9.28
CA ARG B 247 17.35 -7.46 -10.68
C ARG B 247 18.82 -7.76 -10.99
N THR B 248 19.74 -7.15 -10.26
CA THR B 248 21.17 -7.32 -10.53
C THR B 248 21.81 -8.53 -9.84
N LEU B 249 21.05 -9.21 -8.99
CA LEU B 249 21.60 -10.28 -8.17
C LEU B 249 21.56 -11.65 -8.86
N SER B 250 22.40 -11.80 -9.89
CA SER B 250 22.35 -12.97 -10.75
C SER B 250 22.78 -14.28 -10.09
N ASN B 251 23.25 -14.22 -8.84
CA ASN B 251 23.67 -15.44 -8.14
C ASN B 251 22.80 -15.75 -6.93
N LEU B 252 21.63 -15.13 -6.89
CA LEU B 252 20.71 -15.31 -5.78
C LEU B 252 20.13 -16.72 -5.81
N LYS B 253 20.09 -17.36 -4.64
CA LYS B 253 19.61 -18.74 -4.52
C LYS B 253 18.31 -18.79 -3.72
N GLU B 254 18.20 -17.89 -2.76
CA GLU B 254 17.12 -17.93 -1.79
C GLU B 254 16.66 -16.53 -1.40
N LEU B 255 15.38 -16.26 -1.65
CA LEU B 255 14.85 -14.91 -1.47
C LEU B 255 13.65 -14.97 -0.53
N GLY B 256 13.65 -14.09 0.47
CA GLY B 256 12.48 -13.93 1.31
C GLY B 256 12.04 -12.50 1.43
N PHE B 257 10.76 -12.25 1.13
CA PHE B 257 10.19 -10.94 1.44
C PHE B 257 8.76 -11.10 1.92
N HIS B 258 8.55 -12.13 2.73
CA HIS B 258 7.23 -12.37 3.30
C HIS B 258 6.96 -11.40 4.44
N SER B 259 5.70 -11.38 4.87
CA SER B 259 5.26 -10.54 5.98
C SER B 259 5.51 -9.05 5.75
N ASN B 260 5.47 -8.64 4.48
CA ASN B 260 5.54 -7.23 4.15
C ASN B 260 4.16 -6.65 3.85
N ASN B 261 4.10 -5.70 2.92
CA ASN B 261 2.84 -5.11 2.52
C ASN B 261 2.72 -4.99 1.00
N ILE B 262 3.49 -5.81 0.28
CA ILE B 262 3.44 -5.83 -1.19
C ILE B 262 2.05 -6.21 -1.66
N ARG B 263 1.61 -5.61 -2.76
CA ARG B 263 0.27 -5.87 -3.29
C ARG B 263 0.33 -6.62 -4.62
N SER B 264 1.50 -6.69 -5.24
CA SER B 264 1.64 -7.40 -6.51
C SER B 264 3.09 -7.80 -6.82
N ILE B 265 3.22 -8.80 -7.68
CA ILE B 265 4.51 -9.23 -8.20
C ILE B 265 4.47 -8.93 -9.70
N PRO B 266 5.35 -8.06 -10.18
CA PRO B 266 5.31 -7.58 -11.57
C PRO B 266 5.68 -8.67 -12.58
N GLU B 267 5.38 -8.42 -13.85
CA GLU B 267 5.80 -9.32 -14.92
C GLU B 267 7.32 -9.32 -14.99
N LYS B 268 7.90 -10.49 -15.27
CA LYS B 268 9.35 -10.66 -15.30
C LYS B 268 10.01 -10.15 -14.02
N ALA B 269 9.38 -10.44 -12.88
CA ALA B 269 9.91 -10.00 -11.59
C ALA B 269 11.26 -10.65 -11.30
N PHE B 270 11.32 -11.97 -11.46
CA PHE B 270 12.52 -12.73 -11.12
C PHE B 270 13.30 -13.16 -12.36
N VAL B 271 13.30 -12.31 -13.38
CA VAL B 271 14.03 -12.58 -14.60
C VAL B 271 15.54 -12.52 -14.33
N GLY B 272 15.96 -11.53 -13.55
CA GLY B 272 17.36 -11.30 -13.25
C GLY B 272 17.95 -12.33 -12.31
N ASN B 273 17.13 -13.29 -11.87
CA ASN B 273 17.56 -14.23 -10.85
C ASN B 273 17.30 -15.68 -11.18
N PRO B 274 17.97 -16.21 -12.22
CA PRO B 274 17.90 -17.65 -12.42
C PRO B 274 18.68 -18.34 -11.30
N SER B 275 18.66 -19.67 -11.28
CA SER B 275 19.29 -20.45 -10.21
C SER B 275 18.71 -20.09 -8.83
N LEU B 276 17.57 -19.42 -8.83
CA LEU B 276 16.78 -19.25 -7.61
C LEU B 276 16.17 -20.59 -7.25
N ILE B 277 16.12 -20.88 -5.95
CA ILE B 277 15.61 -22.18 -5.53
C ILE B 277 14.38 -22.03 -4.64
N THR B 278 14.46 -21.13 -3.68
CA THR B 278 13.34 -20.90 -2.79
C THR B 278 12.97 -19.44 -2.70
N ILE B 279 11.68 -19.16 -2.91
CA ILE B 279 11.17 -17.80 -2.78
C ILE B 279 10.05 -17.80 -1.74
N HIS B 280 9.98 -16.74 -0.94
CA HIS B 280 9.05 -16.68 0.18
C HIS B 280 8.35 -15.34 0.27
N PHE B 281 7.08 -15.30 -0.09
CA PHE B 281 6.34 -14.05 -0.04
C PHE B 281 4.96 -14.20 0.57
N TYR B 282 4.81 -15.12 1.52
CA TYR B 282 3.53 -15.29 2.21
C TYR B 282 3.28 -14.12 3.16
N ASP B 283 2.13 -14.11 3.82
CA ASP B 283 1.70 -12.98 4.65
C ASP B 283 1.83 -11.64 3.93
N ASN B 284 1.69 -11.67 2.61
CA ASN B 284 1.67 -10.45 1.81
C ASN B 284 0.31 -10.26 1.16
N PRO B 285 -0.30 -9.07 1.37
CA PRO B 285 -1.61 -8.78 0.82
C PRO B 285 -1.55 -8.65 -0.69
N ILE B 286 -1.23 -9.75 -1.37
CA ILE B 286 -1.08 -9.77 -2.82
C ILE B 286 -2.42 -9.80 -3.51
N GLN B 287 -2.49 -9.17 -4.68
CA GLN B 287 -3.73 -9.18 -5.46
C GLN B 287 -3.48 -9.71 -6.86
N PHE B 288 -2.45 -9.21 -7.52
CA PHE B 288 -2.10 -9.67 -8.85
C PHE B 288 -0.67 -10.18 -8.96
N VAL B 289 -0.49 -11.16 -9.83
CA VAL B 289 0.84 -11.63 -10.22
C VAL B 289 0.91 -11.72 -11.73
N GLY B 290 1.95 -11.12 -12.32
CA GLY B 290 2.17 -11.20 -13.74
C GLY B 290 2.38 -12.64 -14.16
N ARG B 291 1.82 -13.05 -15.31
CA ARG B 291 1.91 -14.43 -15.72
C ARG B 291 3.34 -14.84 -16.11
N SER B 292 4.18 -13.85 -16.38
CA SER B 292 5.56 -14.10 -16.75
C SER B 292 6.44 -14.20 -15.50
N ALA B 293 6.01 -13.52 -14.44
CA ALA B 293 6.77 -13.35 -13.21
C ALA B 293 7.64 -14.54 -12.81
N PHE B 294 7.14 -15.75 -13.01
CA PHE B 294 7.88 -16.93 -12.58
C PHE B 294 8.49 -17.71 -13.75
N GLN B 295 8.88 -17.01 -14.81
CA GLN B 295 9.52 -17.66 -15.95
C GLN B 295 11.01 -17.88 -15.71
N HIS B 296 11.55 -18.93 -16.33
CA HIS B 296 12.98 -19.20 -16.36
C HIS B 296 13.62 -19.29 -14.98
N LEU B 297 13.06 -20.13 -14.13
CA LEU B 297 13.73 -20.52 -12.89
C LEU B 297 13.71 -22.04 -12.80
N PRO B 298 14.62 -22.69 -13.56
CA PRO B 298 14.69 -24.16 -13.66
C PRO B 298 14.93 -24.84 -12.32
N GLU B 299 15.38 -24.07 -11.34
CA GLU B 299 15.81 -24.63 -10.07
C GLU B 299 14.81 -24.45 -8.94
N LEU B 300 13.70 -23.77 -9.23
CA LEU B 300 12.67 -23.53 -8.22
C LEU B 300 12.02 -24.86 -7.86
N ARG B 301 11.58 -24.99 -6.61
CA ARG B 301 10.99 -26.24 -6.14
C ARG B 301 9.50 -26.10 -5.87
N THR B 302 9.14 -25.01 -5.19
CA THR B 302 7.79 -24.83 -4.70
C THR B 302 7.24 -23.47 -5.10
N LEU B 303 5.97 -23.43 -5.45
CA LEU B 303 5.31 -22.15 -5.66
C LEU B 303 3.92 -22.17 -5.03
N THR B 304 3.63 -21.13 -4.25
CA THR B 304 2.38 -21.04 -3.51
C THR B 304 1.83 -19.63 -3.57
N LEU B 305 0.53 -19.54 -3.85
CA LEU B 305 -0.12 -18.27 -4.15
C LEU B 305 -1.58 -18.32 -3.71
N ASN B 306 -1.86 -17.73 -2.55
CA ASN B 306 -3.22 -17.74 -2.00
C ASN B 306 -3.85 -16.36 -2.02
N GLY B 307 -5.15 -16.31 -2.32
CA GLY B 307 -5.89 -15.06 -2.24
C GLY B 307 -5.56 -14.05 -3.32
N ALA B 308 -5.07 -14.54 -4.46
CA ALA B 308 -4.74 -13.66 -5.57
C ALA B 308 -6.00 -13.43 -6.40
N SER B 309 -6.92 -12.65 -5.84
CA SER B 309 -8.23 -12.40 -6.41
C SER B 309 -8.24 -11.95 -7.87
N GLN B 310 -7.19 -11.23 -8.28
CA GLN B 310 -7.17 -10.62 -9.60
C GLN B 310 -6.60 -11.51 -10.70
N ILE B 311 -5.93 -12.60 -10.30
CA ILE B 311 -5.38 -13.53 -11.29
C ILE B 311 -6.49 -14.25 -12.04
N THR B 312 -6.44 -14.16 -13.37
CA THR B 312 -7.50 -14.69 -14.22
C THR B 312 -7.00 -15.85 -15.08
N GLU B 313 -5.69 -15.90 -15.30
CA GLU B 313 -5.11 -16.95 -16.13
C GLU B 313 -3.96 -17.66 -15.42
N PHE B 314 -3.73 -18.92 -15.81
CA PHE B 314 -2.68 -19.74 -15.23
C PHE B 314 -1.30 -19.19 -15.57
N PRO B 315 -0.42 -19.13 -14.57
CA PRO B 315 0.93 -18.60 -14.73
C PRO B 315 1.73 -19.38 -15.77
N ASP B 316 2.55 -18.67 -16.54
CA ASP B 316 3.44 -19.33 -17.47
C ASP B 316 4.66 -19.84 -16.73
N LEU B 317 5.05 -21.09 -16.98
CA LEU B 317 6.19 -21.67 -16.29
C LEU B 317 7.23 -22.22 -17.27
N THR B 318 7.42 -21.50 -18.38
CA THR B 318 8.46 -21.84 -19.33
C THR B 318 9.83 -21.77 -18.67
N GLY B 319 10.64 -22.80 -18.88
CA GLY B 319 11.97 -22.86 -18.31
C GLY B 319 11.96 -23.12 -16.81
N THR B 320 10.80 -23.53 -16.30
CA THR B 320 10.69 -23.91 -14.89
C THR B 320 9.86 -25.18 -14.78
N ALA B 321 10.52 -26.32 -14.97
CA ALA B 321 9.84 -27.61 -14.99
C ALA B 321 10.06 -28.39 -13.70
N ASN B 322 11.00 -27.94 -12.88
CA ASN B 322 11.36 -28.66 -11.66
C ASN B 322 10.54 -28.29 -10.43
N LEU B 323 9.35 -27.74 -10.64
CA LEU B 323 8.43 -27.53 -9.53
C LEU B 323 7.98 -28.87 -8.94
N GLU B 324 8.05 -28.98 -7.61
CA GLU B 324 7.59 -30.17 -6.92
C GLU B 324 6.21 -29.96 -6.30
N SER B 325 5.89 -28.71 -5.97
CA SER B 325 4.60 -28.37 -5.38
C SER B 325 4.07 -27.05 -5.93
N LEU B 326 2.82 -27.06 -6.38
CA LEU B 326 2.22 -25.85 -6.95
C LEU B 326 0.81 -25.62 -6.44
N THR B 327 0.62 -24.49 -5.77
CA THR B 327 -0.71 -24.13 -5.28
C THR B 327 -1.08 -22.70 -5.65
N LEU B 328 -2.26 -22.55 -6.25
CA LEU B 328 -2.74 -21.24 -6.66
C LEU B 328 -4.25 -21.20 -6.41
N THR B 329 -4.64 -20.49 -5.35
CA THR B 329 -6.02 -20.51 -4.87
C THR B 329 -6.57 -19.11 -4.66
N GLY B 330 -7.90 -18.99 -4.74
CA GLY B 330 -8.56 -17.73 -4.45
C GLY B 330 -8.53 -16.76 -5.60
N ALA B 331 -8.56 -17.29 -6.83
CA ALA B 331 -8.45 -16.46 -8.02
C ALA B 331 -9.64 -16.65 -8.95
N GLN B 332 -9.51 -16.19 -10.19
CA GLN B 332 -10.62 -16.21 -11.13
C GLN B 332 -10.30 -17.06 -12.36
N ILE B 333 -9.40 -18.02 -12.20
CA ILE B 333 -9.03 -18.90 -13.30
C ILE B 333 -10.23 -19.67 -13.81
N SER B 334 -10.59 -19.42 -15.06
CA SER B 334 -11.81 -19.98 -15.64
C SER B 334 -11.53 -21.30 -16.33
N SER B 335 -10.28 -21.50 -16.73
CA SER B 335 -9.91 -22.65 -17.53
C SER B 335 -8.40 -22.80 -17.61
N LEU B 336 -7.96 -24.04 -17.83
CA LEU B 336 -6.54 -24.31 -17.96
C LEU B 336 -6.21 -24.62 -19.41
N PRO B 337 -4.98 -24.29 -19.83
CA PRO B 337 -4.52 -24.68 -21.16
C PRO B 337 -4.52 -26.18 -21.28
N GLN B 338 -4.60 -26.71 -22.49
CA GLN B 338 -4.65 -28.14 -22.67
C GLN B 338 -3.26 -28.72 -22.43
N THR B 339 -2.27 -27.84 -22.32
CA THR B 339 -0.86 -28.23 -22.15
C THR B 339 -0.22 -27.80 -20.84
N VAL B 340 -0.99 -27.72 -19.75
CA VAL B 340 -0.43 -27.27 -18.47
C VAL B 340 0.70 -28.16 -17.96
N CYS B 341 0.53 -29.47 -18.13
CA CYS B 341 1.46 -30.43 -17.54
C CYS B 341 2.70 -30.69 -18.38
N ASN B 342 2.85 -29.95 -19.47
CA ASN B 342 4.06 -30.03 -20.27
C ASN B 342 5.15 -29.19 -19.60
N GLN B 343 4.71 -28.26 -18.76
CA GLN B 343 5.62 -27.45 -17.98
C GLN B 343 5.68 -27.98 -16.56
N LEU B 344 4.85 -28.98 -16.30
CA LEU B 344 4.71 -29.50 -14.95
C LEU B 344 4.86 -31.01 -14.79
N PRO B 345 5.99 -31.57 -15.25
CA PRO B 345 6.30 -32.89 -14.71
C PRO B 345 6.97 -32.67 -13.35
N ASN B 346 7.35 -33.74 -12.67
CA ASN B 346 7.99 -33.64 -11.35
C ASN B 346 7.11 -32.99 -10.29
N LEU B 347 5.93 -32.52 -10.68
CA LEU B 347 4.98 -31.98 -9.72
C LEU B 347 4.46 -33.13 -8.85
N GLN B 348 4.36 -32.87 -7.55
CA GLN B 348 3.89 -33.88 -6.59
C GLN B 348 2.63 -33.44 -5.89
N VAL B 349 2.49 -32.13 -5.70
CA VAL B 349 1.28 -31.58 -5.11
C VAL B 349 0.69 -30.52 -6.02
N LEU B 350 -0.62 -30.60 -6.23
CA LEU B 350 -1.31 -29.57 -6.98
C LEU B 350 -2.55 -29.12 -6.23
N ASP B 351 -2.60 -27.83 -5.90
CA ASP B 351 -3.75 -27.30 -5.18
C ASP B 351 -4.30 -26.10 -5.93
N LEU B 352 -5.43 -26.31 -6.60
CA LEU B 352 -6.07 -25.25 -7.37
C LEU B 352 -7.48 -25.00 -6.85
N SER B 353 -7.63 -25.14 -5.53
CA SER B 353 -8.91 -24.92 -4.86
C SER B 353 -9.33 -23.46 -4.93
N TYR B 354 -10.64 -23.24 -4.77
CA TYR B 354 -11.24 -21.90 -4.75
C TYR B 354 -10.93 -21.10 -6.02
N ASN B 355 -11.43 -21.62 -7.14
CA ASN B 355 -11.36 -20.95 -8.43
C ASN B 355 -12.65 -21.19 -9.20
N LEU B 356 -12.64 -20.84 -10.48
CA LEU B 356 -13.83 -20.93 -11.31
C LEU B 356 -13.64 -21.94 -12.42
N LEU B 357 -12.93 -23.03 -12.12
CA LEU B 357 -12.69 -24.05 -13.12
C LEU B 357 -13.98 -24.79 -13.44
N GLU B 358 -14.24 -24.96 -14.72
CA GLU B 358 -15.38 -25.76 -15.17
C GLU B 358 -14.88 -26.97 -15.93
N ASP B 359 -14.00 -26.71 -16.90
CA ASP B 359 -13.49 -27.77 -17.75
C ASP B 359 -12.04 -28.08 -17.34
N LEU B 360 -11.70 -29.36 -17.24
CA LEU B 360 -10.36 -29.75 -16.79
C LEU B 360 -9.54 -30.39 -17.92
N PRO B 361 -8.21 -30.21 -17.89
CA PRO B 361 -7.37 -30.87 -18.90
C PRO B 361 -7.10 -32.34 -18.56
N SER B 362 -6.04 -32.92 -19.12
CA SER B 362 -5.82 -34.35 -19.02
C SER B 362 -4.97 -34.79 -17.82
N PHE B 363 -4.08 -33.92 -17.34
CA PHE B 363 -3.25 -34.21 -16.16
C PHE B 363 -2.29 -35.41 -16.31
N SER B 364 -2.45 -36.18 -17.38
CA SER B 364 -1.67 -37.40 -17.57
C SER B 364 -0.17 -37.13 -17.55
N VAL B 365 0.22 -36.03 -18.19
CA VAL B 365 1.63 -35.64 -18.24
C VAL B 365 2.13 -35.25 -16.85
N CYS B 366 1.23 -34.80 -15.98
CA CYS B 366 1.58 -34.47 -14.61
C CYS B 366 1.71 -35.72 -13.75
N GLN B 367 2.65 -36.59 -14.12
CA GLN B 367 2.99 -37.77 -13.33
C GLN B 367 3.59 -37.37 -11.99
N LYS B 368 3.89 -38.39 -11.18
CA LYS B 368 4.50 -38.20 -9.87
C LYS B 368 3.64 -37.35 -8.94
N LEU B 369 2.43 -37.02 -9.40
CA LEU B 369 1.46 -36.29 -8.62
C LEU B 369 1.00 -37.21 -7.51
N GLN B 370 0.98 -36.71 -6.27
CA GLN B 370 0.55 -37.54 -5.17
C GLN B 370 -0.72 -37.02 -4.51
N LYS B 371 -0.88 -35.70 -4.47
CA LYS B 371 -2.12 -35.11 -3.96
C LYS B 371 -2.66 -34.04 -4.89
N ILE B 372 -3.97 -34.06 -5.10
CA ILE B 372 -4.65 -33.08 -5.94
C ILE B 372 -5.86 -32.50 -5.23
N ASP B 373 -5.96 -31.18 -5.19
CA ASP B 373 -7.07 -30.52 -4.51
C ASP B 373 -7.73 -29.50 -5.45
N LEU B 374 -8.89 -29.86 -5.99
CA LEU B 374 -9.59 -28.99 -6.92
C LEU B 374 -10.98 -28.65 -6.38
N ARG B 375 -11.09 -28.58 -5.06
CA ARG B 375 -12.36 -28.33 -4.40
C ARG B 375 -12.83 -26.89 -4.58
N HIS B 376 -14.12 -26.68 -4.32
CA HIS B 376 -14.78 -25.39 -4.57
C HIS B 376 -14.44 -24.82 -5.94
N ASN B 377 -14.89 -25.51 -6.97
CA ASN B 377 -14.75 -25.01 -8.33
C ASN B 377 -16.12 -25.16 -8.98
N GLU B 378 -16.17 -25.17 -10.30
CA GLU B 378 -17.44 -25.31 -11.00
C GLU B 378 -17.31 -26.40 -12.05
N ILE B 379 -16.56 -27.44 -11.71
CA ILE B 379 -16.37 -28.59 -12.59
C ILE B 379 -17.67 -29.35 -12.70
N TYR B 380 -18.02 -29.80 -13.89
CA TYR B 380 -19.30 -30.49 -14.10
C TYR B 380 -19.10 -31.92 -14.57
N GLU B 381 -17.90 -32.23 -15.05
CA GLU B 381 -17.64 -33.53 -15.63
C GLU B 381 -16.19 -33.95 -15.49
N ILE B 382 -15.97 -35.24 -15.25
CA ILE B 382 -14.62 -35.78 -15.18
C ILE B 382 -14.51 -36.82 -16.29
N LYS B 383 -13.75 -36.49 -17.33
CA LYS B 383 -13.73 -37.33 -18.52
C LYS B 383 -12.78 -38.52 -18.33
N VAL B 384 -12.62 -39.30 -19.40
CA VAL B 384 -11.79 -40.50 -19.37
C VAL B 384 -10.33 -40.19 -19.09
N ASP B 385 -9.78 -39.25 -19.85
CA ASP B 385 -8.35 -38.98 -19.82
C ASP B 385 -7.96 -37.97 -18.75
N THR B 386 -8.92 -37.51 -17.96
CA THR B 386 -8.66 -36.44 -16.99
C THR B 386 -7.72 -36.86 -15.85
N PHE B 387 -7.62 -38.16 -15.58
CA PHE B 387 -6.69 -38.63 -14.55
C PHE B 387 -6.01 -39.94 -14.94
N GLN B 388 -5.86 -40.20 -16.23
CA GLN B 388 -5.22 -41.43 -16.68
C GLN B 388 -3.74 -41.45 -16.31
N GLN B 389 -3.24 -42.63 -15.98
CA GLN B 389 -1.82 -42.89 -15.80
C GLN B 389 -1.17 -42.02 -14.72
N LEU B 390 -1.86 -41.80 -13.61
CA LEU B 390 -1.25 -41.10 -12.48
C LEU B 390 -0.94 -42.11 -11.39
N LEU B 391 0.13 -42.87 -11.61
CA LEU B 391 0.45 -44.03 -10.80
C LEU B 391 0.91 -43.72 -9.38
N SER B 392 1.23 -42.46 -9.11
CA SER B 392 1.72 -42.09 -7.78
C SER B 392 0.65 -41.37 -6.98
N LEU B 393 -0.50 -41.13 -7.61
CA LEU B 393 -1.60 -40.39 -6.99
C LEU B 393 -2.23 -41.11 -5.79
N ARG B 394 -2.30 -40.39 -4.67
CA ARG B 394 -2.87 -40.94 -3.43
C ARG B 394 -4.20 -40.28 -3.08
N SER B 395 -4.22 -38.96 -2.96
CA SER B 395 -5.41 -38.24 -2.53
C SER B 395 -5.98 -37.34 -3.63
N LEU B 396 -7.28 -37.47 -3.87
CA LEU B 396 -7.97 -36.64 -4.86
C LEU B 396 -9.21 -36.00 -4.26
N ASN B 397 -9.24 -34.67 -4.29
CA ASN B 397 -10.35 -33.93 -3.73
C ASN B 397 -11.08 -33.13 -4.81
N LEU B 398 -12.35 -33.47 -5.02
CA LEU B 398 -13.17 -32.74 -5.97
C LEU B 398 -14.45 -32.24 -5.28
N ALA B 399 -14.37 -32.10 -3.96
CA ALA B 399 -15.51 -31.70 -3.15
C ALA B 399 -16.02 -30.31 -3.51
N TRP B 400 -17.27 -30.04 -3.15
CA TRP B 400 -17.94 -28.77 -3.43
C TRP B 400 -17.74 -28.34 -4.87
N ASN B 401 -18.18 -29.21 -5.77
CA ASN B 401 -18.13 -28.94 -7.20
C ASN B 401 -19.52 -29.22 -7.74
N LYS B 402 -19.66 -29.28 -9.05
CA LYS B 402 -20.95 -29.56 -9.64
C LYS B 402 -20.85 -30.74 -10.59
N ILE B 403 -20.15 -31.78 -10.12
CA ILE B 403 -19.91 -32.96 -10.94
C ILE B 403 -21.15 -33.85 -11.00
N ALA B 404 -21.72 -33.96 -12.18
CA ALA B 404 -22.90 -34.77 -12.39
C ALA B 404 -22.54 -36.12 -13.01
N ILE B 405 -21.61 -36.08 -13.96
CA ILE B 405 -21.21 -37.27 -14.68
C ILE B 405 -19.74 -37.60 -14.45
N ILE B 406 -19.47 -38.85 -14.11
CA ILE B 406 -18.09 -39.35 -14.03
C ILE B 406 -17.96 -40.52 -14.98
N HIS B 407 -17.02 -40.43 -15.91
CA HIS B 407 -16.79 -41.51 -16.87
C HIS B 407 -16.41 -42.79 -16.13
N PRO B 408 -16.98 -43.92 -16.56
CA PRO B 408 -16.82 -45.20 -15.85
C PRO B 408 -15.36 -45.64 -15.74
N ASN B 409 -14.53 -45.25 -16.69
CA ASN B 409 -13.12 -45.63 -16.66
C ASN B 409 -12.20 -44.47 -16.28
N ALA B 410 -12.76 -43.43 -15.69
CA ALA B 410 -11.99 -42.25 -15.29
C ALA B 410 -10.93 -42.58 -14.25
N PHE B 411 -11.25 -43.47 -13.33
CA PHE B 411 -10.34 -43.81 -12.24
C PHE B 411 -9.67 -45.16 -12.46
N SER B 412 -9.76 -45.65 -13.69
CA SER B 412 -9.38 -47.03 -14.00
C SER B 412 -7.90 -47.31 -13.77
N THR B 413 -7.04 -46.32 -14.04
CA THR B 413 -5.60 -46.55 -13.99
C THR B 413 -4.92 -45.80 -12.84
N LEU B 414 -5.51 -45.87 -11.64
CA LEU B 414 -4.97 -45.17 -10.49
C LEU B 414 -4.65 -46.15 -9.36
N PRO B 415 -3.50 -46.81 -9.44
CA PRO B 415 -3.12 -47.88 -8.51
C PRO B 415 -2.94 -47.43 -7.06
N SER B 416 -2.49 -46.19 -6.86
CA SER B 416 -2.12 -45.74 -5.52
C SER B 416 -3.23 -44.96 -4.82
N LEU B 417 -4.33 -44.73 -5.53
CA LEU B 417 -5.44 -43.94 -4.99
C LEU B 417 -6.00 -44.56 -3.71
N ILE B 418 -6.06 -43.77 -2.64
CA ILE B 418 -6.61 -44.25 -1.38
C ILE B 418 -7.59 -43.26 -0.73
N LYS B 419 -7.52 -42.00 -1.13
CA LYS B 419 -8.45 -41.00 -0.58
C LYS B 419 -9.21 -40.26 -1.67
N LEU B 420 -10.54 -40.21 -1.54
CA LEU B 420 -11.36 -39.58 -2.56
C LEU B 420 -12.50 -38.78 -1.93
N ASP B 421 -12.51 -37.48 -2.22
CA ASP B 421 -13.55 -36.61 -1.70
C ASP B 421 -14.43 -36.06 -2.83
N LEU B 422 -15.66 -36.56 -2.90
CA LEU B 422 -16.63 -36.11 -3.91
C LEU B 422 -17.83 -35.45 -3.25
N SER B 423 -17.66 -34.94 -2.04
CA SER B 423 -18.73 -34.32 -1.28
C SER B 423 -19.31 -33.09 -1.97
N SER B 424 -20.60 -32.82 -1.69
CA SER B 424 -21.28 -31.65 -2.23
C SER B 424 -21.17 -31.52 -3.74
N ASN B 425 -21.86 -32.41 -4.43
CA ASN B 425 -21.77 -32.49 -5.87
C ASN B 425 -23.13 -32.91 -6.43
N LEU B 426 -23.17 -33.26 -7.71
CA LEU B 426 -24.42 -33.59 -8.33
C LEU B 426 -24.38 -35.01 -8.88
N LEU B 427 -23.92 -35.95 -8.04
CA LEU B 427 -23.87 -37.33 -8.47
C LEU B 427 -25.19 -38.07 -8.25
N SER B 428 -25.36 -39.13 -9.04
CA SER B 428 -26.50 -40.02 -8.94
C SER B 428 -25.95 -41.43 -9.00
N SER B 429 -24.78 -41.55 -9.62
CA SER B 429 -24.08 -42.82 -9.73
C SER B 429 -22.59 -42.61 -9.48
N PHE B 430 -21.80 -43.63 -9.82
CA PHE B 430 -20.38 -43.66 -9.46
C PHE B 430 -19.66 -44.81 -10.17
N PRO B 431 -18.38 -44.59 -10.52
CA PRO B 431 -17.62 -45.67 -11.15
C PRO B 431 -16.99 -46.57 -10.09
N ILE B 432 -17.21 -47.88 -10.22
CA ILE B 432 -16.67 -48.85 -9.28
C ILE B 432 -15.45 -49.50 -9.93
N THR B 433 -15.34 -49.36 -11.25
CA THR B 433 -14.14 -49.76 -11.98
C THR B 433 -12.94 -48.96 -11.46
N GLY B 434 -11.84 -49.67 -11.21
CA GLY B 434 -10.69 -49.09 -10.54
C GLY B 434 -11.06 -48.77 -9.11
N LEU B 435 -10.10 -48.29 -8.33
CA LEU B 435 -10.40 -47.80 -6.99
C LEU B 435 -11.08 -48.81 -6.05
N HIS B 436 -11.12 -50.08 -6.44
CA HIS B 436 -11.77 -51.09 -5.61
C HIS B 436 -10.90 -51.42 -4.39
N GLY B 437 -10.38 -50.39 -3.73
CA GLY B 437 -9.50 -50.59 -2.59
C GLY B 437 -8.82 -49.34 -2.08
N LEU B 438 -9.62 -48.31 -1.83
CA LEU B 438 -9.11 -47.10 -1.17
C LEU B 438 -9.18 -47.26 0.34
N THR B 439 -9.36 -46.15 1.04
CA THR B 439 -9.41 -46.16 2.50
C THR B 439 -10.22 -45.00 3.05
N HIS B 440 -10.35 -43.95 2.24
CA HIS B 440 -11.19 -42.79 2.57
C HIS B 440 -12.15 -42.46 1.44
N LEU B 441 -13.46 -42.52 1.71
CA LEU B 441 -14.42 -42.17 0.68
C LEU B 441 -15.49 -41.21 1.19
N LYS B 442 -15.66 -40.08 0.48
CA LYS B 442 -16.57 -39.05 0.97
C LYS B 442 -17.60 -38.61 -0.08
N LEU B 443 -18.87 -38.95 0.16
CA LEU B 443 -19.92 -38.75 -0.82
C LEU B 443 -21.11 -37.91 -0.37
N THR B 444 -21.08 -37.41 0.86
CA THR B 444 -22.20 -36.60 1.38
C THR B 444 -22.40 -35.31 0.60
N GLY B 445 -23.65 -34.96 0.36
CA GLY B 445 -23.97 -33.77 -0.42
C GLY B 445 -24.48 -34.14 -1.79
N ASN B 446 -24.28 -35.41 -2.15
CA ASN B 446 -24.81 -35.97 -3.38
C ASN B 446 -26.20 -36.57 -3.13
N HIS B 447 -27.23 -35.76 -3.25
CA HIS B 447 -28.59 -36.16 -2.85
C HIS B 447 -29.19 -37.25 -3.73
N ALA B 448 -28.95 -37.17 -5.03
CA ALA B 448 -29.47 -38.19 -5.96
C ALA B 448 -28.77 -39.52 -5.75
N LEU B 449 -27.63 -39.48 -5.07
CA LEU B 449 -26.87 -40.69 -4.75
C LEU B 449 -27.64 -41.53 -3.73
N GLN B 450 -28.63 -42.28 -4.21
CA GLN B 450 -29.48 -43.07 -3.35
C GLN B 450 -29.16 -44.56 -3.44
N SER B 451 -28.35 -44.92 -4.43
CA SER B 451 -27.97 -46.32 -4.66
C SER B 451 -27.31 -46.97 -3.44
N LEU B 452 -27.35 -48.30 -3.39
CA LEU B 452 -26.68 -49.02 -2.32
C LEU B 452 -25.31 -49.49 -2.78
N ILE B 453 -24.47 -49.84 -1.81
CA ILE B 453 -23.09 -50.23 -2.09
C ILE B 453 -22.71 -51.34 -1.12
N SER B 454 -21.80 -52.23 -1.53
CA SER B 454 -21.45 -53.38 -0.72
C SER B 454 -20.08 -53.30 -0.06
N SER B 455 -19.85 -54.12 0.95
CA SER B 455 -18.55 -54.21 1.62
C SER B 455 -17.51 -54.77 0.65
N GLU B 456 -17.88 -55.84 -0.05
CA GLU B 456 -17.08 -56.28 -1.20
C GLU B 456 -17.10 -55.15 -2.22
N ASN B 457 -16.04 -55.09 -3.03
CA ASN B 457 -15.66 -53.93 -3.87
C ASN B 457 -14.75 -53.03 -3.05
N PHE B 458 -15.06 -52.89 -1.76
CA PHE B 458 -14.40 -51.92 -0.91
C PHE B 458 -13.83 -52.49 0.38
N PRO B 459 -12.80 -53.34 0.28
CA PRO B 459 -12.01 -53.61 1.49
C PRO B 459 -11.15 -52.40 1.86
N GLU B 460 -10.39 -52.50 2.95
CA GLU B 460 -9.45 -51.46 3.38
C GLU B 460 -10.12 -50.11 3.73
N LEU B 461 -11.41 -49.96 3.44
CA LEU B 461 -12.14 -48.77 3.86
C LEU B 461 -12.22 -48.67 5.36
N LYS B 462 -11.83 -47.51 5.90
CA LYS B 462 -11.91 -47.28 7.33
C LYS B 462 -12.62 -45.98 7.63
N VAL B 463 -12.66 -45.07 6.66
CA VAL B 463 -13.40 -43.82 6.83
C VAL B 463 -14.31 -43.52 5.65
N ILE B 464 -15.59 -43.36 5.96
CA ILE B 464 -16.61 -43.15 4.93
C ILE B 464 -17.54 -42.03 5.37
N GLU B 465 -18.11 -41.30 4.43
CA GLU B 465 -19.25 -40.44 4.74
C GLU B 465 -20.31 -40.58 3.66
N MET B 466 -21.52 -40.95 4.07
CA MET B 466 -22.54 -41.32 3.11
C MET B 466 -23.70 -40.33 3.11
N PRO B 467 -24.26 -40.07 1.93
CA PRO B 467 -25.40 -39.16 1.80
C PRO B 467 -26.56 -39.59 2.69
N TYR B 468 -26.75 -40.90 2.81
CA TYR B 468 -27.86 -41.46 3.57
C TYR B 468 -27.37 -42.57 4.50
N ALA B 469 -27.91 -42.60 5.72
CA ALA B 469 -27.44 -43.51 6.77
C ALA B 469 -27.57 -44.99 6.40
N TYR B 470 -28.67 -45.35 5.75
CA TYR B 470 -28.89 -46.75 5.40
C TYR B 470 -27.76 -47.30 4.53
N GLN B 471 -27.09 -46.41 3.81
CA GLN B 471 -25.92 -46.79 3.04
C GLN B 471 -24.68 -47.03 3.91
N CYS B 472 -24.53 -46.21 4.94
CA CYS B 472 -23.45 -46.36 5.92
C CYS B 472 -23.58 -47.72 6.54
N CYS B 473 -24.84 -48.07 6.79
CA CYS B 473 -25.22 -49.32 7.43
C CYS B 473 -24.70 -50.57 6.75
N ALA B 474 -24.70 -50.57 5.42
CA ALA B 474 -24.12 -51.65 4.61
C ALA B 474 -22.67 -51.98 4.99
N PHE B 475 -22.05 -51.12 5.80
CA PHE B 475 -20.72 -51.37 6.31
C PHE B 475 -20.78 -51.52 7.82
N GLY B 476 -21.82 -52.21 8.30
CA GLY B 476 -21.93 -52.52 9.71
C GLY B 476 -22.36 -51.41 10.66
N VAL B 477 -22.04 -50.16 10.32
CA VAL B 477 -22.29 -49.05 11.25
C VAL B 477 -23.77 -48.72 11.41
N CYS B 478 -24.35 -49.21 12.52
CA CYS B 478 -25.74 -49.02 12.93
C CYS B 478 -26.71 -48.75 11.80
N LEU B 526 -7.86 -60.85 13.89
CA LEU B 526 -7.00 -59.97 14.69
C LEU B 526 -7.73 -58.70 15.11
N LYS B 527 -8.36 -58.04 14.14
CA LYS B 527 -9.03 -56.76 14.34
C LYS B 527 -7.99 -55.78 14.86
N ALA B 528 -6.78 -55.89 14.30
CA ALA B 528 -5.62 -55.18 14.79
C ALA B 528 -5.53 -53.85 14.08
N LEU B 529 -6.31 -53.71 13.02
CA LEU B 529 -6.37 -52.47 12.28
C LEU B 529 -7.05 -51.38 13.11
N HIS B 530 -8.31 -51.66 13.48
CA HIS B 530 -9.22 -50.85 14.31
C HIS B 530 -10.63 -51.11 13.80
N SER B 531 -11.57 -50.24 14.17
CA SER B 531 -12.95 -50.32 13.71
C SER B 531 -13.17 -49.33 12.58
N VAL B 532 -14.15 -49.62 11.73
CA VAL B 532 -14.43 -48.82 10.53
C VAL B 532 -15.36 -47.66 10.89
N GLN B 533 -15.35 -46.59 10.10
CA GLN B 533 -16.20 -45.45 10.38
C GLN B 533 -17.17 -45.19 9.23
N CYS B 534 -18.24 -44.45 9.53
CA CYS B 534 -19.21 -44.03 8.53
C CYS B 534 -20.10 -42.98 9.17
N SER B 535 -20.73 -42.14 8.36
CA SER B 535 -21.52 -41.03 8.90
C SER B 535 -22.59 -40.54 7.93
N PRO B 536 -23.83 -40.42 8.42
CA PRO B 536 -24.95 -39.88 7.64
C PRO B 536 -24.93 -38.36 7.58
N CYS C 12 -30.30 -65.99 -8.56
CA CYS C 12 -30.04 -65.36 -7.27
C CYS C 12 -31.17 -65.65 -6.29
N ALA C 13 -31.91 -64.61 -5.92
CA ALA C 13 -33.01 -64.74 -4.98
C ALA C 13 -34.32 -64.39 -5.69
N LYS C 14 -35.33 -64.01 -4.94
CA LYS C 14 -36.63 -63.69 -5.54
C LYS C 14 -36.77 -62.20 -5.79
N GLY C 15 -37.01 -61.85 -7.05
CA GLY C 15 -37.13 -60.46 -7.47
C GLY C 15 -35.90 -59.63 -7.15
N CYS C 16 -34.74 -60.28 -7.13
CA CYS C 16 -33.50 -59.63 -6.75
C CYS C 16 -32.43 -59.82 -7.82
N GLU C 17 -31.91 -58.70 -8.34
CA GLU C 17 -30.97 -58.74 -9.46
C GLU C 17 -29.51 -58.59 -9.02
N LEU C 18 -29.27 -58.59 -7.71
CA LEU C 18 -27.92 -58.48 -7.19
C LEU C 18 -27.88 -58.79 -5.69
N CYS C 19 -27.25 -59.92 -5.34
CA CYS C 19 -27.20 -60.35 -3.94
C CYS C 19 -25.77 -60.56 -3.44
N SER C 20 -25.66 -60.69 -2.11
CA SER C 20 -24.43 -61.07 -1.45
C SER C 20 -24.81 -61.54 -0.05
N GLU C 21 -24.38 -62.74 0.33
CA GLU C 21 -24.77 -63.33 1.62
C GLU C 21 -24.52 -62.37 2.79
N VAL C 22 -23.46 -61.59 2.68
CA VAL C 22 -23.15 -60.60 3.69
C VAL C 22 -24.28 -59.59 3.85
N ASN C 23 -24.80 -59.07 2.74
CA ASN C 23 -25.78 -57.99 2.79
C ASN C 23 -27.20 -58.31 2.30
N GLY C 24 -27.44 -59.55 1.87
CA GLY C 24 -28.74 -59.87 1.30
C GLY C 24 -28.82 -59.27 -0.10
N CYS C 25 -30.01 -58.89 -0.53
CA CYS C 25 -30.18 -58.28 -1.84
C CYS C 25 -29.73 -56.82 -1.82
N LEU C 26 -29.13 -56.37 -2.92
CA LEU C 26 -28.63 -55.01 -3.02
C LEU C 26 -29.41 -54.22 -4.09
N LYS C 27 -29.82 -54.92 -5.13
CA LYS C 27 -30.60 -54.32 -6.21
C LYS C 27 -31.80 -55.20 -6.55
N CYS C 28 -32.99 -54.60 -6.56
CA CYS C 28 -34.20 -55.36 -6.83
C CYS C 28 -34.61 -55.28 -8.30
N SER C 29 -35.69 -55.98 -8.63
CA SER C 29 -36.27 -55.95 -9.97
C SER C 29 -36.70 -54.53 -10.35
N PRO C 30 -36.83 -54.25 -11.66
CA PRO C 30 -37.10 -52.89 -12.17
C PRO C 30 -38.21 -52.13 -11.45
N LYS C 31 -39.20 -52.83 -10.93
CA LYS C 31 -40.33 -52.17 -10.29
C LYS C 31 -40.69 -52.75 -8.93
N LEU C 32 -39.68 -53.21 -8.21
CA LEU C 32 -39.85 -53.64 -6.83
C LEU C 32 -39.14 -52.74 -5.83
N PHE C 33 -39.62 -52.78 -4.59
CA PHE C 33 -39.11 -51.99 -3.49
C PHE C 33 -38.09 -52.81 -2.70
N ILE C 34 -37.01 -52.15 -2.29
CA ILE C 34 -36.02 -52.79 -1.44
C ILE C 34 -36.35 -52.53 0.05
N LEU C 35 -36.45 -53.60 0.82
CA LEU C 35 -36.71 -53.48 2.24
C LEU C 35 -35.46 -53.83 3.04
N LEU C 36 -34.94 -52.86 3.81
CA LEU C 36 -33.76 -53.11 4.62
C LEU C 36 -34.14 -53.38 6.08
N GLU C 37 -33.84 -54.59 6.54
CA GLU C 37 -34.20 -55.03 7.89
C GLU C 37 -33.02 -55.03 8.86
N ARG C 38 -33.18 -54.32 9.97
CA ARG C 38 -32.12 -54.13 10.97
C ARG C 38 -32.06 -55.26 12.00
N ASN C 39 -31.53 -56.41 11.63
CA ASN C 39 -31.41 -57.51 12.58
C ASN C 39 -30.17 -57.38 13.45
N ASP C 40 -30.03 -56.21 14.07
CA ASP C 40 -28.97 -55.90 15.03
C ASP C 40 -27.56 -55.99 14.45
N ILE C 41 -26.89 -54.84 14.35
CA ILE C 41 -25.53 -54.67 13.80
C ILE C 41 -25.45 -55.02 12.29
N ARG C 42 -26.52 -55.61 11.77
CA ARG C 42 -26.61 -56.03 10.37
C ARG C 42 -27.84 -55.47 9.64
N GLN C 43 -27.77 -55.46 8.31
CA GLN C 43 -28.87 -54.97 7.47
C GLN C 43 -29.08 -55.91 6.28
N VAL C 44 -30.28 -56.47 6.17
CA VAL C 44 -30.55 -57.41 5.10
C VAL C 44 -31.68 -56.87 4.22
N GLY C 45 -31.45 -56.91 2.91
CA GLY C 45 -32.40 -56.36 1.96
C GLY C 45 -33.23 -57.40 1.24
N VAL C 46 -34.51 -57.09 1.05
CA VAL C 46 -35.43 -57.97 0.34
C VAL C 46 -36.14 -57.16 -0.73
N CYS C 47 -36.93 -57.83 -1.57
CA CYS C 47 -37.58 -57.16 -2.70
C CYS C 47 -39.07 -57.44 -2.75
N LEU C 48 -39.87 -56.49 -2.25
CA LEU C 48 -41.32 -56.65 -2.24
C LEU C 48 -42.00 -55.78 -3.28
N PRO C 49 -43.29 -56.03 -3.54
CA PRO C 49 -43.98 -55.08 -4.42
C PRO C 49 -44.76 -54.03 -3.63
N SER C 50 -45.00 -54.34 -2.36
CA SER C 50 -45.53 -53.37 -1.41
C SER C 50 -44.81 -53.51 -0.07
N CYS C 51 -44.79 -52.44 0.72
CA CYS C 51 -44.06 -52.43 1.97
C CYS C 51 -44.96 -52.85 3.11
N PRO C 52 -44.46 -53.74 3.99
CA PRO C 52 -45.23 -54.29 5.11
C PRO C 52 -45.68 -53.19 6.05
N PRO C 53 -46.74 -53.44 6.84
CA PRO C 53 -47.26 -52.46 7.81
C PRO C 53 -46.15 -51.77 8.60
N GLY C 54 -46.19 -50.44 8.62
CA GLY C 54 -45.15 -49.65 9.27
C GLY C 54 -44.29 -48.89 8.28
N TYR C 55 -44.26 -49.34 7.03
CA TYR C 55 -43.45 -48.70 5.98
C TYR C 55 -44.33 -48.17 4.85
N PHE C 56 -43.82 -47.18 4.13
CA PHE C 56 -44.53 -46.66 2.97
C PHE C 56 -43.70 -46.80 1.70
N ASP C 57 -44.41 -46.98 0.58
CA ASP C 57 -43.81 -47.17 -0.73
C ASP C 57 -43.28 -45.86 -1.28
N ALA C 58 -42.01 -45.86 -1.68
CA ALA C 58 -41.37 -44.68 -2.25
C ALA C 58 -40.69 -45.03 -3.55
N ARG C 59 -41.08 -44.35 -4.63
CA ARG C 59 -40.53 -44.66 -5.93
C ARG C 59 -39.66 -43.52 -6.44
N ASN C 60 -38.42 -43.85 -6.79
CA ASN C 60 -37.51 -42.92 -7.42
C ASN C 60 -36.94 -43.55 -8.68
N PRO C 61 -36.41 -42.74 -9.60
CA PRO C 61 -35.82 -43.34 -10.80
C PRO C 61 -34.64 -44.26 -10.50
N ASP C 62 -33.83 -43.92 -9.52
CA ASP C 62 -32.66 -44.73 -9.20
C ASP C 62 -32.99 -45.90 -8.29
N MET C 63 -33.75 -45.66 -7.22
CA MET C 63 -34.02 -46.73 -6.24
C MET C 63 -35.39 -46.66 -5.59
N ASN C 64 -36.04 -47.81 -5.48
CA ASN C 64 -37.32 -47.94 -4.79
C ASN C 64 -37.13 -48.52 -3.39
N LYS C 65 -37.28 -47.69 -2.36
CA LYS C 65 -37.10 -48.16 -0.98
C LYS C 65 -38.43 -48.16 -0.21
N CYS C 66 -38.60 -49.14 0.66
CA CYS C 66 -39.63 -49.12 1.68
C CYS C 66 -39.14 -48.23 2.82
N ILE C 67 -39.95 -47.26 3.24
CA ILE C 67 -39.47 -46.31 4.25
C ILE C 67 -40.26 -46.34 5.55
N LYS C 68 -39.57 -46.54 6.67
CA LYS C 68 -40.19 -46.52 8.00
C LYS C 68 -40.97 -45.24 8.24
N CYS C 69 -42.16 -45.37 8.83
CA CYS C 69 -43.08 -44.24 8.94
C CYS C 69 -43.06 -43.66 10.34
N LYS C 70 -42.09 -42.78 10.60
CA LYS C 70 -41.95 -42.17 11.91
C LYS C 70 -43.06 -41.14 12.13
N ILE C 71 -44.29 -41.63 12.20
CA ILE C 71 -45.46 -40.82 12.52
C ILE C 71 -46.09 -41.34 13.80
N GLU C 72 -46.34 -40.45 14.75
CA GLU C 72 -46.85 -40.82 16.05
C GLU C 72 -48.10 -41.69 16.00
N HIS C 73 -48.04 -42.80 16.73
CA HIS C 73 -49.18 -43.68 16.95
C HIS C 73 -49.92 -43.99 15.66
N CYS C 74 -49.20 -44.54 14.69
CA CYS C 74 -49.79 -44.81 13.38
C CYS C 74 -49.43 -46.22 12.90
N GLU C 75 -50.24 -46.76 12.00
CA GLU C 75 -50.04 -48.12 11.53
C GLU C 75 -49.55 -48.14 10.09
N ALA C 76 -50.43 -47.77 9.16
CA ALA C 76 -50.02 -47.58 7.77
C ALA C 76 -50.02 -46.10 7.42
N CYS C 77 -49.23 -45.72 6.42
CA CYS C 77 -49.10 -44.32 6.06
C CYS C 77 -48.78 -44.14 4.58
N PHE C 78 -49.12 -42.96 4.07
CA PHE C 78 -48.95 -42.65 2.66
C PHE C 78 -47.52 -42.22 2.39
N SER C 79 -46.95 -41.54 3.37
CA SER C 79 -45.58 -41.04 3.29
C SER C 79 -45.17 -40.54 4.67
N HIS C 80 -44.03 -39.87 4.73
CA HIS C 80 -43.69 -39.07 5.89
C HIS C 80 -44.81 -38.06 6.14
N ASN C 81 -45.05 -37.74 7.41
CA ASN C 81 -46.00 -36.69 7.84
C ASN C 81 -47.46 -36.86 7.36
N PHE C 82 -47.77 -37.96 6.68
CA PHE C 82 -49.15 -38.27 6.32
C PHE C 82 -49.50 -39.72 6.65
N CYS C 83 -50.29 -39.92 7.70
CA CYS C 83 -50.74 -41.27 8.09
C CYS C 83 -52.00 -41.68 7.31
N THR C 84 -52.27 -42.97 7.24
CA THR C 84 -53.31 -43.47 6.36
C THR C 84 -54.34 -44.29 7.13
N LYS C 85 -53.89 -44.99 8.16
CA LYS C 85 -54.80 -45.69 9.07
C LYS C 85 -54.24 -45.56 10.47
N CYS C 86 -54.65 -44.51 11.17
CA CYS C 86 -54.07 -44.19 12.47
C CYS C 86 -54.42 -45.31 13.45
N LYS C 87 -53.78 -45.31 14.61
CA LYS C 87 -54.02 -46.35 15.59
C LYS C 87 -55.48 -46.34 16.06
N GLU C 88 -56.08 -47.54 16.07
CA GLU C 88 -57.46 -47.69 16.54
C GLU C 88 -57.58 -47.30 18.01
N GLY C 89 -58.33 -46.25 18.29
CA GLY C 89 -58.37 -45.67 19.62
C GLY C 89 -57.99 -44.20 19.59
N LEU C 90 -57.51 -43.75 18.43
CA LEU C 90 -57.14 -42.36 18.23
C LEU C 90 -57.77 -41.87 16.92
N TYR C 91 -58.03 -40.57 16.79
CA TYR C 91 -58.76 -40.09 15.61
C TYR C 91 -57.82 -39.71 14.48
N LEU C 92 -58.28 -39.92 13.26
CA LEU C 92 -57.49 -39.64 12.06
C LEU C 92 -58.10 -38.46 11.31
N HIS C 93 -57.49 -37.28 11.47
CA HIS C 93 -57.93 -36.11 10.74
C HIS C 93 -56.92 -35.58 9.72
N LYS C 94 -57.26 -35.70 8.44
CA LYS C 94 -56.42 -35.21 7.33
C LYS C 94 -54.93 -35.49 7.51
N GLY C 95 -54.54 -36.76 7.39
CA GLY C 95 -53.14 -37.13 7.45
C GLY C 95 -52.62 -37.36 8.86
N ARG C 96 -52.75 -36.35 9.71
CA ARG C 96 -52.21 -36.39 11.06
C ARG C 96 -53.28 -36.91 12.02
N CYS C 97 -52.88 -37.71 13.01
CA CYS C 97 -53.89 -38.25 13.93
C CYS C 97 -53.77 -37.63 15.34
N TYR C 98 -54.93 -37.29 15.91
CA TYR C 98 -54.98 -36.67 17.24
C TYR C 98 -56.20 -37.24 17.99
N PRO C 99 -56.25 -37.07 19.33
CA PRO C 99 -57.41 -37.56 20.09
C PRO C 99 -58.72 -36.79 19.90
N ALA C 100 -58.65 -35.47 19.70
CA ALA C 100 -59.84 -34.65 19.54
C ALA C 100 -60.36 -34.65 18.11
N CYS C 101 -59.90 -33.68 17.33
CA CYS C 101 -60.18 -33.50 15.89
C CYS C 101 -61.47 -32.70 15.63
N PRO C 102 -61.39 -31.75 14.67
CA PRO C 102 -62.44 -30.83 14.20
C PRO C 102 -63.84 -31.46 14.09
N GLU C 103 -64.97 -30.78 14.32
CA GLU C 103 -65.20 -29.38 14.74
C GLU C 103 -65.00 -28.35 13.61
N GLY C 104 -64.52 -28.82 12.46
CA GLY C 104 -64.54 -28.01 11.25
C GLY C 104 -65.69 -28.51 10.41
N SER C 105 -65.52 -29.71 9.88
CA SER C 105 -66.62 -30.48 9.31
C SER C 105 -66.24 -31.96 9.37
N SER C 106 -66.30 -32.52 10.57
CA SER C 106 -65.85 -33.89 10.79
C SER C 106 -66.44 -34.53 12.04
N ALA C 107 -65.58 -34.75 13.04
CA ALA C 107 -65.90 -35.54 14.24
C ALA C 107 -66.20 -36.99 13.90
N ALA C 108 -66.01 -37.88 14.87
CA ALA C 108 -66.13 -39.32 14.63
C ALA C 108 -67.58 -39.80 14.65
N ASN C 109 -67.85 -40.86 13.89
CA ASN C 109 -69.21 -41.37 13.74
C ASN C 109 -69.30 -42.79 14.30
N GLY C 110 -69.12 -43.77 13.41
CA GLY C 110 -69.13 -45.17 13.82
C GLY C 110 -67.70 -45.69 13.88
N THR C 111 -67.03 -45.69 12.74
CA THR C 111 -65.60 -45.95 12.70
C THR C 111 -64.85 -44.61 12.83
N MET C 112 -63.60 -44.68 13.25
CA MET C 112 -62.84 -43.47 13.58
C MET C 112 -62.18 -42.87 12.34
N GLU C 113 -62.96 -42.16 11.52
CA GLU C 113 -62.41 -41.60 10.29
C GLU C 113 -62.78 -40.14 10.09
N CYS C 114 -62.74 -39.38 11.20
CA CYS C 114 -63.11 -37.95 11.28
C CYS C 114 -63.76 -37.34 10.04
N CYS D 12 11.37 -20.17 39.69
CA CYS D 12 11.49 -21.19 38.66
C CYS D 12 12.93 -21.66 38.48
N ALA D 13 13.51 -21.38 37.31
CA ALA D 13 14.86 -21.84 37.00
C ALA D 13 15.84 -20.69 36.80
N LYS D 14 16.93 -20.95 36.09
CA LYS D 14 17.97 -19.96 35.84
C LYS D 14 17.80 -19.28 34.49
N GLY D 15 17.70 -17.96 34.49
CA GLY D 15 17.48 -17.20 33.28
C GLY D 15 16.19 -17.59 32.57
N CYS D 16 15.23 -18.06 33.37
CA CYS D 16 13.98 -18.60 32.85
C CYS D 16 12.80 -17.88 33.49
N GLU D 17 11.95 -17.28 32.67
CA GLU D 17 10.83 -16.46 33.16
C GLU D 17 9.49 -17.18 33.15
N LEU D 18 9.51 -18.48 32.86
CA LEU D 18 8.28 -19.28 32.86
C LEU D 18 8.64 -20.75 32.77
N CYS D 19 8.37 -21.50 33.84
CA CYS D 19 8.76 -22.91 33.90
C CYS D 19 7.59 -23.86 34.14
N SER D 20 7.86 -25.14 33.90
CA SER D 20 6.95 -26.24 34.22
C SER D 20 7.76 -27.53 34.22
N GLU D 21 7.70 -28.27 35.31
CA GLU D 21 8.53 -29.47 35.48
C GLU D 21 8.45 -30.46 34.33
N VAL D 22 7.27 -30.58 33.74
CA VAL D 22 7.05 -31.47 32.60
C VAL D 22 7.90 -31.10 31.38
N ASN D 23 7.92 -29.81 31.04
CA ASN D 23 8.59 -29.37 29.81
C ASN D 23 9.83 -28.53 30.05
N GLY D 24 10.19 -28.31 31.31
CA GLY D 24 11.29 -27.42 31.62
C GLY D 24 10.85 -25.99 31.42
N CYS D 25 11.76 -25.13 31.00
CA CYS D 25 11.45 -23.73 30.76
C CYS D 25 10.70 -23.55 29.44
N LEU D 26 9.78 -22.59 29.41
CA LEU D 26 8.98 -22.34 28.21
C LEU D 26 9.32 -20.98 27.60
N LYS D 27 9.66 -20.01 28.45
CA LYS D 27 10.08 -18.69 27.97
C LYS D 27 11.31 -18.22 28.74
N CYS D 28 12.33 -17.79 28.00
CA CYS D 28 13.58 -17.38 28.62
C CYS D 28 13.62 -15.88 28.90
N SER D 29 14.71 -15.43 29.50
CA SER D 29 14.94 -14.01 29.78
C SER D 29 14.95 -13.22 28.47
N PRO D 30 14.75 -11.89 28.55
CA PRO D 30 14.59 -11.06 27.34
C PRO D 30 15.62 -11.32 26.25
N LYS D 31 16.81 -11.78 26.62
CA LYS D 31 17.86 -11.99 25.64
C LYS D 31 18.59 -13.34 25.79
N LEU D 32 17.87 -14.38 26.17
CA LEU D 32 18.47 -15.70 26.16
C LEU D 32 17.83 -16.61 25.10
N PHE D 33 18.59 -17.60 24.67
CA PHE D 33 18.15 -18.56 23.68
C PHE D 33 17.56 -19.80 24.35
N ILE D 34 16.48 -20.30 23.78
CA ILE D 34 15.89 -21.53 24.26
C ILE D 34 16.50 -22.71 23.50
N LEU D 35 17.03 -23.67 24.27
CA LEU D 35 17.57 -24.91 23.72
C LEU D 35 16.62 -26.06 24.05
N LEU D 36 16.13 -26.71 23.01
CA LEU D 36 15.21 -27.83 23.18
C LEU D 36 15.98 -29.14 23.10
N GLU D 37 15.98 -29.89 24.21
CA GLU D 37 16.75 -31.12 24.29
C GLU D 37 15.87 -32.34 24.12
N ARG D 38 16.19 -33.13 23.09
CA ARG D 38 15.40 -34.31 22.74
C ARG D 38 15.80 -35.56 23.54
N ASN D 39 15.40 -35.58 24.80
CA ASN D 39 15.70 -36.71 25.67
C ASN D 39 14.68 -37.83 25.48
N ASP D 40 14.56 -38.29 24.22
CA ASP D 40 13.69 -39.37 23.76
C ASP D 40 12.21 -39.21 24.13
N ILE D 41 11.38 -39.08 23.10
CA ILE D 41 9.93 -38.87 23.19
C ILE D 41 9.49 -37.70 24.09
N ARG D 42 10.45 -37.05 24.75
CA ARG D 42 10.15 -35.92 25.63
C ARG D 42 10.96 -34.73 25.13
N GLN D 43 10.58 -33.52 25.53
CA GLN D 43 11.30 -32.33 25.10
C GLN D 43 11.47 -31.32 26.24
N VAL D 44 12.71 -30.99 26.55
CA VAL D 44 13.02 -30.09 27.65
C VAL D 44 13.76 -28.85 27.17
N GLY D 45 13.29 -27.68 27.63
CA GLY D 45 13.87 -26.41 27.21
C GLY D 45 14.73 -25.74 28.27
N VAL D 46 15.85 -25.18 27.83
CA VAL D 46 16.75 -24.44 28.71
C VAL D 46 17.07 -23.06 28.13
N CYS D 47 17.78 -22.23 28.88
CA CYS D 47 18.02 -20.86 28.47
C CYS D 47 19.51 -20.50 28.52
N LEU D 48 20.18 -20.56 27.38
CA LEU D 48 21.61 -20.23 27.32
C LEU D 48 21.87 -18.88 26.63
N PRO D 49 23.09 -18.34 26.75
CA PRO D 49 23.39 -17.11 26.03
C PRO D 49 24.06 -17.36 24.69
N SER D 50 24.62 -18.54 24.53
CA SER D 50 25.09 -19.00 23.23
C SER D 50 24.68 -20.46 23.06
N CYS D 51 24.51 -20.89 21.81
CA CYS D 51 24.01 -22.23 21.57
C CYS D 51 25.19 -23.16 21.43
N PRO D 52 25.12 -24.33 22.08
CA PRO D 52 26.25 -25.26 22.10
C PRO D 52 26.63 -25.71 20.69
N PRO D 53 27.89 -26.11 20.49
CA PRO D 53 28.41 -26.58 19.20
C PRO D 53 27.44 -27.50 18.48
N GLY D 54 27.19 -27.22 17.20
CA GLY D 54 26.22 -27.97 16.43
C GLY D 54 24.98 -27.16 16.12
N TYR D 55 24.76 -26.14 16.95
CA TYR D 55 23.61 -25.26 16.80
C TYR D 55 24.05 -23.83 16.51
N PHE D 56 23.17 -23.07 15.88
CA PHE D 56 23.44 -21.65 15.64
C PHE D 56 22.38 -20.80 16.32
N ASP D 57 22.78 -19.60 16.71
CA ASP D 57 21.93 -18.66 17.42
C ASP D 57 20.90 -18.02 16.49
N ALA D 58 19.63 -18.04 16.87
CA ALA D 58 18.57 -17.46 16.05
C ALA D 58 17.73 -16.47 16.86
N ARG D 59 17.65 -15.26 16.33
CA ARG D 59 17.00 -14.14 17.02
C ARG D 59 15.71 -13.67 16.33
N ASN D 60 14.62 -13.70 17.07
CA ASN D 60 13.36 -13.11 16.62
C ASN D 60 12.81 -12.22 17.73
N PRO D 61 11.87 -11.33 17.39
CA PRO D 61 11.30 -10.49 18.45
C PRO D 61 10.56 -11.32 19.49
N ASP D 62 9.87 -12.36 19.04
CA ASP D 62 9.08 -13.18 19.94
C ASP D 62 9.91 -14.24 20.66
N MET D 63 10.77 -14.94 19.92
CA MET D 63 11.53 -16.03 20.52
C MET D 63 12.93 -16.24 19.94
N ASN D 64 13.90 -16.42 20.84
CA ASN D 64 15.28 -16.71 20.47
C ASN D 64 15.53 -18.20 20.55
N LYS D 65 15.70 -18.85 19.39
CA LYS D 65 15.86 -20.29 19.36
C LYS D 65 17.29 -20.71 19.00
N CYS D 66 17.77 -21.76 19.65
CA CYS D 66 18.97 -22.45 19.20
C CYS D 66 18.57 -23.42 18.09
N ILE D 67 19.25 -23.36 16.95
CA ILE D 67 18.82 -24.20 15.83
C ILE D 67 19.91 -25.18 15.39
N LYS D 68 19.61 -26.47 15.43
CA LYS D 68 20.56 -27.49 14.96
C LYS D 68 20.92 -27.19 13.51
N CYS D 69 22.19 -27.36 13.18
CA CYS D 69 22.71 -26.89 11.91
C CYS D 69 22.76 -28.05 10.92
N LYS D 70 21.65 -28.25 10.21
CA LYS D 70 21.51 -29.37 9.30
C LYS D 70 22.34 -29.18 8.03
N ILE D 71 23.66 -29.09 8.20
CA ILE D 71 24.56 -29.09 7.06
C ILE D 71 25.54 -30.25 7.23
N GLU D 72 25.56 -31.14 6.25
CA GLU D 72 26.44 -32.32 6.29
C GLU D 72 27.92 -31.94 6.38
N HIS D 73 28.63 -32.68 7.24
CA HIS D 73 30.07 -32.54 7.41
C HIS D 73 30.47 -31.10 7.72
N CYS D 74 29.84 -30.56 8.77
CA CYS D 74 30.11 -29.20 9.22
C CYS D 74 30.18 -29.18 10.74
N GLU D 75 30.85 -28.18 11.30
CA GLU D 75 30.99 -28.11 12.76
C GLU D 75 30.17 -26.96 13.34
N ALA D 76 30.62 -25.74 13.08
CA ALA D 76 29.88 -24.55 13.47
C ALA D 76 29.27 -23.88 12.24
N CYS D 77 28.23 -23.08 12.44
CA CYS D 77 27.53 -22.48 11.31
C CYS D 77 26.91 -21.14 11.64
N PHE D 78 26.75 -20.32 10.60
CA PHE D 78 26.20 -18.97 10.73
C PHE D 78 24.69 -19.07 10.76
N SER D 79 24.17 -20.02 9.99
CA SER D 79 22.75 -20.29 9.89
C SER D 79 22.57 -21.59 9.12
N HIS D 80 21.32 -21.92 8.79
CA HIS D 80 21.06 -22.94 7.78
C HIS D 80 21.76 -22.56 6.48
N ASN D 81 22.15 -23.58 5.70
CA ASN D 81 22.72 -23.46 4.36
C ASN D 81 24.00 -22.61 4.24
N PHE D 82 24.51 -22.13 5.36
CA PHE D 82 25.81 -21.45 5.37
C PHE D 82 26.67 -21.95 6.54
N CYS D 83 27.68 -22.76 6.23
CA CYS D 83 28.59 -23.26 7.26
C CYS D 83 29.71 -22.27 7.51
N THR D 84 30.34 -22.34 8.67
CA THR D 84 31.28 -21.29 9.06
C THR D 84 32.65 -21.87 9.45
N LYS D 85 32.66 -23.07 10.00
CA LYS D 85 33.91 -23.77 10.25
C LYS D 85 33.71 -25.24 9.93
N CYS D 86 33.99 -25.59 8.68
CA CYS D 86 33.71 -26.91 8.14
C CYS D 86 34.52 -28.00 8.84
N LYS D 87 34.15 -29.26 8.59
CA LYS D 87 34.84 -30.39 9.19
C LYS D 87 36.30 -30.43 8.75
N GLU D 88 37.21 -30.53 9.72
CA GLU D 88 38.63 -30.59 9.42
C GLU D 88 38.94 -31.85 8.63
N GLY D 89 39.37 -31.66 7.40
CA GLY D 89 39.48 -32.75 6.44
C GLY D 89 38.65 -32.38 5.23
N LEU D 90 37.87 -31.32 5.35
CA LEU D 90 37.09 -30.80 4.23
C LEU D 90 37.26 -29.30 4.07
N TYR D 91 37.08 -28.83 2.84
CA TYR D 91 37.36 -27.45 2.49
C TYR D 91 36.11 -26.56 2.51
N LEU D 92 36.32 -25.29 2.82
CA LEU D 92 35.25 -24.30 2.97
C LEU D 92 35.23 -23.25 1.85
N HIS D 93 34.33 -23.44 0.88
CA HIS D 93 34.14 -22.44 -0.17
C HIS D 93 32.73 -21.81 -0.14
N LYS D 94 32.68 -20.51 0.17
CA LYS D 94 31.44 -19.75 0.25
C LYS D 94 30.30 -20.49 0.95
N GLY D 95 30.44 -20.64 2.26
CA GLY D 95 29.38 -21.22 3.07
C GLY D 95 29.35 -22.74 3.11
N ARG D 96 29.17 -23.36 1.95
CA ARG D 96 29.03 -24.81 1.88
C ARG D 96 30.37 -25.47 1.62
N CYS D 97 30.54 -26.68 2.14
CA CYS D 97 31.83 -27.36 2.11
C CYS D 97 31.97 -28.40 1.01
N TYR D 98 33.18 -28.47 0.44
CA TYR D 98 33.44 -29.39 -0.68
C TYR D 98 34.82 -30.06 -0.57
N PRO D 99 34.98 -31.21 -1.25
CA PRO D 99 36.31 -31.83 -1.37
C PRO D 99 37.20 -31.09 -2.36
N ALA D 100 36.59 -30.60 -3.44
CA ALA D 100 37.29 -29.91 -4.51
C ALA D 100 37.47 -28.41 -4.22
N CYS D 101 36.49 -27.63 -4.71
CA CYS D 101 36.35 -26.18 -4.52
C CYS D 101 37.17 -25.38 -5.53
N PRO D 102 36.56 -24.32 -6.09
CA PRO D 102 37.08 -23.35 -7.06
C PRO D 102 38.53 -22.91 -6.78
N GLU D 103 39.42 -22.62 -7.76
CA GLU D 103 39.32 -22.74 -9.24
C GLU D 103 38.40 -21.68 -9.87
N GLY D 104 37.83 -20.83 -9.02
CA GLY D 104 37.20 -19.60 -9.46
C GLY D 104 38.21 -18.52 -9.12
N SER D 105 38.39 -18.29 -7.83
CA SER D 105 39.54 -17.56 -7.31
C SER D 105 39.77 -17.99 -5.87
N SER D 106 40.29 -19.21 -5.69
CA SER D 106 40.45 -19.78 -4.36
C SER D 106 41.47 -20.91 -4.29
N ALA D 107 40.98 -22.14 -4.19
CA ALA D 107 41.80 -23.33 -3.93
C ALA D 107 42.48 -23.27 -2.56
N ALA D 108 42.84 -24.43 -2.02
CA ALA D 108 43.38 -24.49 -0.66
C ALA D 108 44.86 -24.15 -0.64
N ASN D 109 45.31 -23.53 0.46
CA ASN D 109 46.67 -23.05 0.57
C ASN D 109 47.44 -23.69 1.71
N GLY D 110 47.43 -23.03 2.87
CA GLY D 110 48.07 -23.53 4.06
C GLY D 110 47.05 -24.14 5.00
N THR D 111 46.11 -23.30 5.45
CA THR D 111 44.94 -23.81 6.17
C THR D 111 43.84 -24.07 5.16
N MET D 112 42.90 -24.95 5.52
CA MET D 112 41.89 -25.40 4.59
C MET D 112 40.68 -24.47 4.61
N GLU D 113 40.82 -23.31 3.98
CA GLU D 113 39.75 -22.31 3.99
C GLU D 113 39.47 -21.74 2.60
N CYS D 114 39.52 -22.61 1.57
CA CYS D 114 39.34 -22.25 0.15
C CYS D 114 39.26 -20.76 -0.19
N SER D 115 40.39 -20.08 -0.01
CA SER D 115 40.57 -18.64 -0.27
C SER D 115 39.51 -17.99 -1.17
N GLY E 26 -56.69 28.56 0.43
CA GLY E 26 -56.72 27.12 0.51
C GLY E 26 -55.38 26.58 0.99
N CYS E 27 -54.52 27.47 1.47
CA CYS E 27 -53.19 27.06 1.90
C CYS E 27 -53.15 26.97 3.42
N PRO E 28 -52.52 25.91 3.95
CA PRO E 28 -52.51 25.63 5.39
C PRO E 28 -51.90 26.78 6.20
N THR E 29 -52.04 26.70 7.52
CA THR E 29 -51.57 27.73 8.43
C THR E 29 -50.10 27.51 8.78
N HIS E 30 -49.37 28.62 8.93
CA HIS E 30 -47.93 28.65 9.28
C HIS E 30 -47.02 28.34 8.10
N CYS E 31 -47.62 27.97 6.97
CA CYS E 31 -46.87 27.70 5.77
C CYS E 31 -46.93 28.90 4.82
N HIS E 32 -45.92 29.08 3.98
CA HIS E 32 -45.93 30.14 2.97
C HIS E 32 -46.48 29.59 1.66
N CYS E 33 -47.10 30.43 0.86
CA CYS E 33 -47.71 29.97 -0.39
C CYS E 33 -47.57 31.04 -1.47
N GLU E 34 -47.39 30.60 -2.72
CA GLU E 34 -47.25 31.55 -3.81
C GLU E 34 -47.57 30.91 -5.17
N PRO E 35 -48.09 31.71 -6.12
CA PRO E 35 -48.43 31.18 -7.45
C PRO E 35 -47.24 30.61 -8.26
N ASP E 36 -47.59 29.80 -9.25
CA ASP E 36 -46.64 29.14 -10.15
C ASP E 36 -46.71 29.84 -11.51
N GLY E 37 -46.55 29.09 -12.60
CA GLY E 37 -46.96 29.56 -13.91
C GLY E 37 -48.46 29.82 -13.83
N ARG E 38 -48.79 30.82 -13.00
CA ARG E 38 -50.12 31.12 -12.46
C ARG E 38 -50.94 29.95 -11.92
N MET E 39 -51.90 30.36 -11.09
CA MET E 39 -52.83 29.50 -10.34
C MET E 39 -52.14 28.43 -9.49
N LEU E 40 -51.46 27.46 -10.12
CA LEU E 40 -50.85 26.36 -9.36
C LEU E 40 -50.06 26.89 -8.17
N LEU E 41 -50.22 26.23 -7.03
CA LEU E 41 -49.83 26.88 -5.78
C LEU E 41 -48.67 26.17 -5.11
N ARG E 42 -47.62 26.93 -4.85
CA ARG E 42 -46.39 26.42 -4.25
C ARG E 42 -46.40 26.63 -2.74
N VAL E 43 -46.21 25.53 -2.02
CA VAL E 43 -46.33 25.53 -0.56
C VAL E 43 -44.99 25.27 0.12
N ASP E 44 -44.66 26.13 1.09
CA ASP E 44 -43.48 25.91 1.92
C ASP E 44 -43.93 25.69 3.36
N CYS E 45 -43.94 24.43 3.77
CA CYS E 45 -44.22 24.04 5.16
C CYS E 45 -42.97 23.47 5.80
N SER E 46 -41.83 24.09 5.53
CA SER E 46 -40.58 23.64 6.12
C SER E 46 -40.57 23.91 7.62
N ASP E 47 -39.42 23.66 8.25
CA ASP E 47 -39.24 23.63 9.70
C ASP E 47 -40.27 24.39 10.54
N LEU E 48 -41.40 23.74 10.80
CA LEU E 48 -42.35 24.23 11.79
C LEU E 48 -42.39 23.28 12.97
N GLY E 49 -41.57 22.24 12.88
CA GLY E 49 -41.56 21.18 13.88
C GLY E 49 -42.92 20.52 14.02
N LEU E 50 -43.64 20.40 12.91
CA LEU E 50 -44.94 19.75 12.85
C LEU E 50 -44.81 18.28 13.25
N SER E 51 -45.93 17.59 13.40
CA SER E 51 -45.88 16.17 13.72
C SER E 51 -46.29 15.32 12.52
N GLU E 52 -47.39 15.70 11.87
CA GLU E 52 -47.83 15.07 10.64
C GLU E 52 -48.37 16.09 9.65
N LEU E 53 -48.85 15.60 8.52
CA LEU E 53 -49.38 16.43 7.45
C LEU E 53 -50.71 17.09 7.85
N PRO E 54 -51.10 18.16 7.13
CA PRO E 54 -52.50 18.59 7.22
C PRO E 54 -53.35 17.99 6.11
N SER E 55 -54.64 17.88 6.35
CA SER E 55 -55.57 17.58 5.28
C SER E 55 -56.13 18.86 4.69
N ASN E 56 -55.78 19.99 5.30
CA ASN E 56 -56.23 21.31 4.86
C ASN E 56 -55.87 21.55 3.40
N LEU E 57 -54.67 21.08 3.07
CA LEU E 57 -54.10 21.07 1.73
C LEU E 57 -55.08 21.27 0.58
N SER E 58 -55.01 22.45 -0.03
CA SER E 58 -55.77 22.69 -1.23
C SER E 58 -55.18 21.83 -2.33
N VAL E 59 -56.01 21.47 -3.30
CA VAL E 59 -55.49 20.87 -4.52
C VAL E 59 -54.92 22.05 -5.34
N PHE E 60 -54.53 21.80 -6.58
CA PHE E 60 -53.81 22.78 -7.42
C PHE E 60 -52.39 23.01 -6.90
N THR E 61 -51.91 22.13 -6.02
CA THR E 61 -50.56 22.25 -5.46
C THR E 61 -49.52 21.66 -6.42
N SER E 62 -48.59 22.49 -6.87
CA SER E 62 -47.52 22.05 -7.75
C SER E 62 -46.17 21.98 -7.04
N TYR E 63 -46.16 22.41 -5.78
CA TYR E 63 -44.93 22.40 -4.99
C TYR E 63 -45.27 22.24 -3.52
N LEU E 64 -44.66 21.26 -2.87
CA LEU E 64 -44.86 21.03 -1.45
C LEU E 64 -43.52 20.77 -0.75
N ASP E 65 -43.10 21.72 0.09
CA ASP E 65 -41.87 21.59 0.84
C ASP E 65 -42.13 21.27 2.30
N LEU E 66 -41.94 20.00 2.66
CA LEU E 66 -41.88 19.61 4.06
C LEU E 66 -40.45 19.23 4.40
N SER E 67 -39.83 20.02 5.28
CA SER E 67 -38.46 19.78 5.63
C SER E 67 -38.29 20.14 7.09
N MET E 68 -37.52 19.31 7.81
CA MET E 68 -37.33 19.47 9.26
C MET E 68 -38.71 19.31 9.91
N ASN E 69 -39.60 18.62 9.20
CA ASN E 69 -40.99 18.47 9.56
C ASN E 69 -41.25 17.30 10.52
N ASN E 70 -40.21 16.52 10.78
CA ASN E 70 -40.23 15.57 11.89
C ASN E 70 -41.45 14.61 11.91
N ILE E 71 -41.68 13.99 10.75
CA ILE E 71 -42.75 12.99 10.59
C ILE E 71 -42.19 11.56 10.77
N SER E 72 -42.86 10.72 11.56
CA SER E 72 -42.44 9.33 11.70
C SER E 72 -43.12 8.48 10.65
N GLN E 73 -44.44 8.56 10.62
CA GLN E 73 -45.23 7.72 9.73
C GLN E 73 -45.80 8.65 8.65
N LEU E 74 -45.86 8.16 7.43
CA LEU E 74 -46.36 8.99 6.33
C LEU E 74 -47.29 8.26 5.36
N LEU E 75 -48.52 7.98 5.75
CA LEU E 75 -49.05 8.22 7.09
C LEU E 75 -50.06 7.14 7.38
N PRO E 76 -50.72 7.17 8.55
CA PRO E 76 -51.98 6.43 8.58
C PRO E 76 -52.92 7.06 7.55
N ASN E 77 -52.79 8.38 7.40
CA ASN E 77 -53.55 9.11 6.40
C ASN E 77 -52.66 10.07 5.60
N PRO E 78 -51.92 9.52 4.61
CA PRO E 78 -51.15 10.42 3.74
C PRO E 78 -52.09 11.08 2.75
N LEU E 79 -51.56 11.84 1.79
CA LEU E 79 -52.46 12.40 0.78
C LEU E 79 -51.84 12.50 -0.61
N PRO E 80 -52.04 11.47 -1.43
CA PRO E 80 -51.97 11.64 -2.88
C PRO E 80 -53.04 12.61 -3.38
N SER E 81 -53.71 12.29 -4.48
CA SER E 81 -54.81 13.09 -4.99
C SER E 81 -54.42 14.52 -5.35
N LEU E 82 -53.13 14.83 -5.28
CA LEU E 82 -52.60 16.13 -5.68
C LEU E 82 -51.88 15.97 -7.01
N ARG E 83 -52.64 15.61 -8.03
CA ARG E 83 -52.13 15.31 -9.37
C ARG E 83 -51.38 16.47 -10.05
N PHE E 84 -51.22 17.59 -9.36
CA PHE E 84 -50.54 18.74 -9.93
C PHE E 84 -49.14 18.90 -9.35
N LEU E 85 -48.86 18.14 -8.30
CA LEU E 85 -47.56 18.21 -7.64
C LEU E 85 -46.43 17.82 -8.61
N GLU E 86 -45.52 18.76 -8.85
CA GLU E 86 -44.41 18.54 -9.76
C GLU E 86 -43.09 18.35 -9.01
N GLU E 87 -43.12 18.62 -7.71
CA GLU E 87 -41.91 18.64 -6.91
C GLU E 87 -42.21 18.50 -5.43
N LEU E 88 -41.87 17.36 -4.85
CA LEU E 88 -42.09 17.16 -3.42
C LEU E 88 -40.78 17.02 -2.65
N ARG E 89 -40.70 17.72 -1.52
CA ARG E 89 -39.53 17.69 -0.66
C ARG E 89 -39.90 17.10 0.70
N LEU E 90 -39.04 16.21 1.21
CA LEU E 90 -39.31 15.51 2.45
C LEU E 90 -38.02 15.35 3.24
N ALA E 91 -37.07 16.24 2.98
CA ALA E 91 -35.78 16.24 3.66
C ALA E 91 -35.90 16.46 5.17
N GLY E 92 -34.88 16.03 5.89
CA GLY E 92 -34.80 16.26 7.33
C GLY E 92 -35.87 15.58 8.15
N ASN E 93 -36.65 14.71 7.51
CA ASN E 93 -37.74 14.04 8.20
C ASN E 93 -37.43 12.58 8.56
N ALA E 94 -37.50 12.28 9.85
CA ALA E 94 -37.07 10.99 10.36
C ALA E 94 -38.02 9.87 9.97
N LEU E 95 -37.70 9.18 8.88
CA LEU E 95 -38.49 8.05 8.40
C LEU E 95 -37.66 6.78 8.46
N THR E 96 -38.31 5.64 8.31
CA THR E 96 -37.61 4.36 8.27
C THR E 96 -38.07 3.54 7.07
N TYR E 97 -39.32 3.74 6.66
CA TYR E 97 -39.90 3.01 5.53
C TYR E 97 -40.96 3.87 4.87
N ILE E 98 -41.34 3.52 3.65
CA ILE E 98 -42.35 4.29 2.92
C ILE E 98 -43.43 3.38 2.37
N PRO E 99 -44.70 3.63 2.75
CA PRO E 99 -45.88 3.00 2.14
C PRO E 99 -45.76 2.86 0.64
N LYS E 100 -46.11 1.70 0.10
CA LYS E 100 -45.84 1.42 -1.29
C LYS E 100 -46.67 2.31 -2.21
N GLY E 101 -47.78 2.84 -1.71
CA GLY E 101 -48.68 3.61 -2.54
C GLY E 101 -48.80 5.04 -2.05
N ALA E 102 -47.77 5.49 -1.35
CA ALA E 102 -47.75 6.85 -0.80
C ALA E 102 -47.71 7.88 -1.93
N PHE E 103 -47.12 7.49 -3.05
CA PHE E 103 -46.94 8.40 -4.18
C PHE E 103 -47.79 8.06 -5.40
N THR E 104 -48.74 7.15 -5.23
CA THR E 104 -49.56 6.68 -6.36
C THR E 104 -50.34 7.79 -7.05
N GLY E 105 -51.02 8.62 -6.27
CA GLY E 105 -51.87 9.68 -6.82
C GLY E 105 -51.14 10.82 -7.50
N LEU E 106 -49.85 10.97 -7.21
CA LEU E 106 -49.06 12.04 -7.81
C LEU E 106 -48.52 11.58 -9.16
N TYR E 107 -49.24 11.94 -10.21
CA TYR E 107 -48.94 11.49 -11.56
C TYR E 107 -47.87 12.37 -12.21
N SER E 108 -47.83 13.62 -11.76
CA SER E 108 -46.96 14.63 -12.37
C SER E 108 -45.72 14.94 -11.55
N LEU E 109 -45.42 14.10 -10.55
CA LEU E 109 -44.24 14.30 -9.72
C LEU E 109 -42.98 14.17 -10.57
N LYS E 110 -42.25 15.27 -10.71
CA LYS E 110 -41.05 15.30 -11.55
C LYS E 110 -39.76 15.28 -10.74
N VAL E 111 -39.82 15.72 -9.47
CA VAL E 111 -38.65 15.66 -8.61
C VAL E 111 -39.04 15.39 -7.16
N LEU E 112 -38.42 14.35 -6.58
CA LEU E 112 -38.66 13.99 -5.19
C LEU E 112 -37.37 14.05 -4.37
N MET E 113 -37.50 14.58 -3.15
CA MET E 113 -36.36 14.83 -2.28
C MET E 113 -36.50 14.11 -0.95
N LEU E 114 -35.54 13.23 -0.66
CA LEU E 114 -35.62 12.38 0.51
C LEU E 114 -34.28 12.37 1.25
N GLN E 115 -33.46 13.37 1.00
CA GLN E 115 -32.15 13.46 1.64
C GLN E 115 -32.30 13.83 3.11
N ASN E 116 -31.30 13.48 3.90
CA ASN E 116 -31.26 13.80 5.33
C ASN E 116 -32.39 13.12 6.07
N ASN E 117 -32.63 11.86 5.76
CA ASN E 117 -33.64 11.09 6.47
C ASN E 117 -32.96 9.91 7.14
N GLN E 118 -33.70 8.86 7.45
CA GLN E 118 -33.14 7.76 8.21
C GLN E 118 -33.49 6.36 7.68
N LEU E 119 -33.57 6.23 6.36
CA LEU E 119 -33.80 4.93 5.72
C LEU E 119 -32.57 4.03 5.78
N ARG E 120 -32.78 2.75 6.11
CA ARG E 120 -31.68 1.81 6.15
C ARG E 120 -31.63 1.02 4.84
N HIS E 121 -32.61 1.28 3.98
CA HIS E 121 -32.65 0.73 2.64
C HIS E 121 -33.64 1.54 1.81
N VAL E 122 -33.44 1.60 0.51
CA VAL E 122 -34.40 2.27 -0.37
C VAL E 122 -35.73 1.52 -0.29
N PRO E 123 -36.84 2.27 -0.20
CA PRO E 123 -38.20 1.71 -0.16
C PRO E 123 -38.39 0.59 -1.17
N THR E 124 -38.69 -0.60 -0.68
CA THR E 124 -38.75 -1.81 -1.48
C THR E 124 -39.70 -1.72 -2.68
N GLU E 125 -40.71 -0.86 -2.56
CA GLU E 125 -41.70 -0.70 -3.62
C GLU E 125 -42.09 0.76 -3.90
N ALA E 126 -42.45 1.48 -2.83
CA ALA E 126 -42.94 2.87 -2.88
C ALA E 126 -42.49 3.77 -4.03
N LEU E 127 -41.32 3.50 -4.60
CA LEU E 127 -40.77 4.35 -5.65
C LEU E 127 -41.04 3.82 -7.05
N GLN E 128 -41.47 2.56 -7.12
CA GLN E 128 -41.74 1.89 -8.41
C GLN E 128 -42.90 2.55 -9.17
N ASN E 129 -42.73 2.65 -10.49
CA ASN E 129 -43.72 3.26 -11.37
C ASN E 129 -44.09 4.70 -11.00
N LEU E 130 -43.29 5.66 -11.44
CA LEU E 130 -43.63 7.07 -11.27
C LEU E 130 -43.28 7.86 -12.53
N ARG E 131 -43.66 7.32 -13.68
CA ARG E 131 -43.25 7.77 -15.02
C ARG E 131 -42.86 9.25 -15.27
N SER E 132 -43.20 10.15 -14.35
CA SER E 132 -42.92 11.56 -14.57
C SER E 132 -41.68 12.06 -13.81
N LEU E 133 -41.21 11.26 -12.87
CA LEU E 133 -40.08 11.62 -12.01
C LEU E 133 -38.76 11.78 -12.78
N GLN E 134 -38.05 12.87 -12.53
CA GLN E 134 -36.83 13.16 -13.25
C GLN E 134 -35.61 13.17 -12.32
N SER E 135 -35.82 13.59 -11.08
CA SER E 135 -34.72 13.72 -10.13
C SER E 135 -35.09 13.19 -8.75
N LEU E 136 -34.33 12.20 -8.28
CA LEU E 136 -34.59 11.59 -6.99
C LEU E 136 -33.39 11.71 -6.05
N ARG E 137 -33.64 12.27 -4.88
CA ARG E 137 -32.61 12.41 -3.86
C ARG E 137 -32.80 11.40 -2.73
N LEU E 138 -31.80 10.56 -2.55
CA LEU E 138 -31.80 9.57 -1.46
C LEU E 138 -30.48 9.62 -0.69
N ASP E 139 -29.85 10.79 -0.68
CA ASP E 139 -28.56 10.97 -0.03
C ASP E 139 -28.71 11.27 1.46
N ALA E 140 -27.59 11.24 2.18
CA ALA E 140 -27.55 11.57 3.60
C ALA E 140 -28.48 10.70 4.43
N ASN E 141 -28.53 9.42 4.10
CA ASN E 141 -29.27 8.45 4.90
C ASN E 141 -28.34 7.40 5.47
N HIS E 142 -28.91 6.31 5.96
CA HIS E 142 -28.15 5.17 6.43
C HIS E 142 -28.48 3.90 5.63
N ILE E 143 -28.73 4.07 4.33
CA ILE E 143 -29.11 2.95 3.49
C ILE E 143 -27.89 2.10 3.18
N SER E 144 -28.09 0.79 3.17
CA SER E 144 -27.00 -0.14 2.92
C SER E 144 -27.42 -1.24 1.94
N TYR E 145 -28.66 -1.17 1.47
CA TYR E 145 -29.21 -2.21 0.61
C TYR E 145 -30.24 -1.72 -0.42
N VAL E 146 -30.04 -2.17 -1.65
CA VAL E 146 -30.91 -1.83 -2.76
C VAL E 146 -31.69 -3.03 -3.29
N PRO E 147 -32.97 -3.14 -2.90
CA PRO E 147 -33.83 -4.18 -3.48
C PRO E 147 -33.77 -4.13 -5.01
N PRO E 148 -33.62 -5.29 -5.67
CA PRO E 148 -33.52 -5.38 -7.13
C PRO E 148 -34.68 -4.72 -7.86
N SER E 149 -34.36 -3.66 -8.61
CA SER E 149 -35.34 -2.87 -9.32
C SER E 149 -36.41 -2.34 -8.38
N CYS E 150 -35.99 -1.49 -7.45
CA CYS E 150 -36.90 -0.67 -6.66
C CYS E 150 -37.18 0.59 -7.47
N PHE E 151 -36.47 0.67 -8.59
CA PHE E 151 -36.57 1.75 -9.55
C PHE E 151 -37.34 1.30 -10.80
N SER E 152 -38.05 0.18 -10.70
CA SER E 152 -38.76 -0.36 -11.85
C SER E 152 -39.81 0.61 -12.40
N GLY E 153 -39.74 0.88 -13.70
CA GLY E 153 -40.73 1.71 -14.39
C GLY E 153 -40.70 3.20 -14.09
N LEU E 154 -39.51 3.80 -14.14
CA LEU E 154 -39.38 5.24 -13.94
C LEU E 154 -38.73 5.90 -15.15
N HIS E 155 -39.20 5.55 -16.34
CA HIS E 155 -38.50 5.85 -17.60
C HIS E 155 -38.11 7.31 -17.86
N SER E 156 -38.30 8.19 -16.87
CA SER E 156 -37.90 9.59 -17.02
C SER E 156 -36.88 10.09 -15.99
N LEU E 157 -36.38 9.22 -15.10
CA LEU E 157 -35.43 9.66 -14.08
C LEU E 157 -34.06 9.90 -14.71
N ARG E 158 -33.51 11.10 -14.52
CA ARG E 158 -32.21 11.44 -15.10
C ARG E 158 -31.18 11.94 -14.07
N HIS E 159 -31.58 12.05 -12.81
CA HIS E 159 -30.69 12.55 -11.76
C HIS E 159 -30.87 11.78 -10.45
N LEU E 160 -29.85 11.01 -10.06
CA LEU E 160 -29.94 10.23 -8.82
C LEU E 160 -28.83 10.55 -7.80
N TRP E 161 -29.28 10.85 -6.58
CA TRP E 161 -28.36 11.15 -5.48
C TRP E 161 -28.33 10.05 -4.42
N LEU E 162 -27.23 9.31 -4.33
CA LEU E 162 -27.05 8.36 -3.24
C LEU E 162 -25.77 8.59 -2.44
N ASP E 163 -25.46 9.84 -2.11
CA ASP E 163 -24.29 10.15 -1.27
C ASP E 163 -24.53 9.93 0.21
N ASP E 164 -23.44 9.91 0.97
CA ASP E 164 -23.45 9.80 2.42
C ASP E 164 -24.35 8.65 2.90
N ASN E 165 -24.08 7.45 2.39
CA ASN E 165 -24.84 6.26 2.74
C ASN E 165 -23.92 5.09 3.12
N ALA E 166 -24.50 3.93 3.37
CA ALA E 166 -23.74 2.77 3.85
C ALA E 166 -23.68 1.60 2.84
N LEU E 167 -23.63 1.93 1.56
CA LEU E 167 -23.51 0.92 0.51
C LEU E 167 -22.13 0.25 0.53
N THR E 168 -22.04 -0.97 0.02
CA THR E 168 -20.79 -1.71 0.02
C THR E 168 -20.49 -2.23 -1.38
N GLU E 169 -21.53 -2.33 -2.19
CA GLU E 169 -21.42 -2.79 -3.57
C GLU E 169 -22.37 -1.97 -4.46
N ILE E 170 -22.16 -2.06 -5.77
CA ILE E 170 -23.00 -1.36 -6.75
C ILE E 170 -24.34 -2.06 -6.97
N PRO E 171 -25.44 -1.29 -6.95
CA PRO E 171 -26.75 -1.83 -7.29
C PRO E 171 -26.85 -2.13 -8.79
N VAL E 172 -26.05 -3.07 -9.27
CA VAL E 172 -25.99 -3.39 -10.69
C VAL E 172 -27.37 -3.67 -11.29
N GLN E 173 -28.10 -4.56 -10.63
CA GLN E 173 -29.42 -5.00 -11.07
C GLN E 173 -30.44 -3.86 -11.03
N ALA E 174 -30.43 -3.08 -9.95
CA ALA E 174 -31.35 -1.96 -9.80
C ALA E 174 -31.06 -0.89 -10.85
N PHE E 175 -29.79 -0.77 -11.20
CA PHE E 175 -29.34 0.17 -12.22
C PHE E 175 -29.70 -0.30 -13.63
N ARG E 176 -29.82 -1.61 -13.80
CA ARG E 176 -30.21 -2.19 -15.08
C ARG E 176 -31.53 -1.63 -15.61
N SER E 177 -32.41 -1.22 -14.69
CA SER E 177 -33.70 -0.64 -15.06
C SER E 177 -33.65 0.89 -15.11
N LEU E 178 -32.44 1.44 -15.24
CA LEU E 178 -32.24 2.88 -15.25
C LEU E 178 -31.51 3.33 -16.52
N SER E 179 -32.12 3.07 -17.67
CA SER E 179 -31.58 3.51 -18.95
C SER E 179 -31.89 4.98 -19.20
N ALA E 180 -32.73 5.55 -18.34
CA ALA E 180 -33.12 6.96 -18.45
C ALA E 180 -32.06 7.89 -17.84
N LEU E 181 -31.35 7.40 -16.83
CA LEU E 181 -30.41 8.20 -16.04
C LEU E 181 -29.40 9.01 -16.86
N GLN E 182 -29.13 10.23 -16.40
CA GLN E 182 -28.14 11.09 -17.04
C GLN E 182 -27.04 11.50 -16.06
N ALA E 183 -27.37 11.55 -14.77
CA ALA E 183 -26.44 12.03 -13.77
C ALA E 183 -26.57 11.24 -12.48
N MET E 184 -25.48 10.66 -11.99
CA MET E 184 -25.59 9.90 -10.74
C MET E 184 -24.38 10.06 -9.83
N THR E 185 -24.63 10.10 -8.52
CA THR E 185 -23.51 10.12 -7.59
C THR E 185 -23.61 9.02 -6.53
N LEU E 186 -22.48 8.35 -6.29
CA LEU E 186 -22.40 7.27 -5.31
C LEU E 186 -21.32 7.58 -4.28
N ALA E 187 -21.05 8.86 -4.10
CA ALA E 187 -19.98 9.33 -3.23
C ALA E 187 -20.26 9.11 -1.75
N LEU E 188 -19.21 9.22 -0.94
CA LEU E 188 -19.27 8.98 0.50
C LEU E 188 -20.02 7.70 0.86
N ASN E 189 -19.50 6.57 0.41
CA ASN E 189 -20.05 5.29 0.80
C ASN E 189 -18.94 4.35 1.24
N LYS E 190 -19.12 3.05 1.02
CA LYS E 190 -18.14 2.07 1.46
C LYS E 190 -17.89 1.00 0.39
N ILE E 191 -18.22 1.33 -0.85
CA ILE E 191 -17.97 0.45 -1.99
C ILE E 191 -16.48 0.09 -2.10
N HIS E 192 -16.19 -1.19 -2.34
CA HIS E 192 -14.80 -1.65 -2.41
C HIS E 192 -14.45 -2.29 -3.75
N HIS E 193 -15.45 -2.52 -4.58
CA HIS E 193 -15.23 -3.19 -5.87
C HIS E 193 -16.28 -2.83 -6.92
N ILE E 194 -15.83 -2.63 -8.15
CA ILE E 194 -16.74 -2.49 -9.28
C ILE E 194 -16.45 -3.50 -10.38
N PRO E 195 -17.30 -4.54 -10.49
CA PRO E 195 -17.20 -5.61 -11.49
C PRO E 195 -17.64 -5.17 -12.89
N ASP E 196 -17.34 -5.99 -13.89
CA ASP E 196 -17.61 -5.64 -15.28
C ASP E 196 -19.10 -5.38 -15.52
N TYR E 197 -19.39 -4.36 -16.33
CA TYR E 197 -20.75 -3.94 -16.67
C TYR E 197 -21.60 -3.59 -15.45
N ALA E 198 -20.96 -3.23 -14.34
CA ALA E 198 -21.70 -2.83 -13.13
C ALA E 198 -22.69 -1.71 -13.44
N PHE E 199 -22.29 -0.81 -14.33
CA PHE E 199 -23.14 0.27 -14.79
C PHE E 199 -23.48 0.06 -16.27
N GLY E 200 -23.53 -1.19 -16.67
CA GLY E 200 -23.67 -1.58 -18.07
C GLY E 200 -24.85 -1.04 -18.87
N ASN E 201 -25.99 -0.82 -18.23
CA ASN E 201 -27.18 -0.42 -18.98
C ASN E 201 -27.47 1.09 -19.01
N LEU E 202 -26.85 1.84 -18.11
CA LEU E 202 -27.10 3.28 -18.06
C LEU E 202 -26.30 4.01 -19.15
N SER E 203 -26.81 3.96 -20.38
CA SER E 203 -26.08 4.45 -21.54
C SER E 203 -26.33 5.94 -21.78
N SER E 204 -27.31 6.50 -21.08
CA SER E 204 -27.59 7.93 -21.18
C SER E 204 -26.81 8.72 -20.13
N LEU E 205 -26.12 8.02 -19.24
CA LEU E 205 -25.39 8.67 -18.15
C LEU E 205 -24.27 9.56 -18.70
N VAL E 206 -24.21 10.80 -18.21
CA VAL E 206 -23.16 11.72 -18.66
C VAL E 206 -22.17 12.02 -17.53
N VAL E 207 -22.64 11.99 -16.28
CA VAL E 207 -21.77 12.34 -15.14
C VAL E 207 -21.87 11.27 -14.04
N LEU E 208 -20.72 10.71 -13.68
CA LEU E 208 -20.68 9.69 -12.62
C LEU E 208 -19.73 10.08 -11.49
N HIS E 209 -20.26 10.17 -10.28
CA HIS E 209 -19.43 10.57 -9.14
C HIS E 209 -19.23 9.44 -8.14
N LEU E 210 -17.97 9.03 -7.96
CA LEU E 210 -17.64 7.93 -7.06
C LEU E 210 -16.62 8.31 -5.99
N HIS E 211 -16.47 9.60 -5.71
CA HIS E 211 -15.42 10.06 -4.81
C HIS E 211 -15.68 9.69 -3.35
N ASN E 212 -14.60 9.68 -2.56
CA ASN E 212 -14.65 9.36 -1.14
C ASN E 212 -15.24 7.99 -0.82
N ASN E 213 -14.93 7.00 -1.66
CA ASN E 213 -15.31 5.62 -1.38
C ASN E 213 -14.11 4.87 -0.83
N ARG E 214 -13.98 3.60 -1.19
CA ARG E 214 -12.81 2.82 -0.76
C ARG E 214 -12.42 1.75 -1.80
N ILE E 215 -12.62 2.08 -3.07
CA ILE E 215 -12.34 1.16 -4.17
C ILE E 215 -10.87 0.77 -4.26
N HIS E 216 -10.55 -0.50 -4.03
CA HIS E 216 -9.17 -0.95 -4.14
C HIS E 216 -8.98 -1.85 -5.38
N SER E 217 -10.07 -2.23 -6.04
CA SER E 217 -9.99 -3.13 -7.19
C SER E 217 -11.13 -2.88 -8.19
N LEU E 218 -10.82 -2.99 -9.48
CA LEU E 218 -11.85 -2.90 -10.52
C LEU E 218 -11.56 -3.84 -11.68
N GLY E 219 -12.60 -4.16 -12.44
CA GLY E 219 -12.49 -5.11 -13.53
C GLY E 219 -12.00 -4.50 -14.83
N LYS E 220 -11.67 -5.35 -15.79
CA LYS E 220 -11.15 -4.91 -17.09
C LYS E 220 -12.20 -4.15 -17.90
N LYS E 221 -13.47 -4.40 -17.61
CA LYS E 221 -14.57 -3.83 -18.40
C LYS E 221 -15.70 -3.29 -17.54
N CYS E 222 -15.37 -2.64 -16.43
CA CYS E 222 -16.38 -2.18 -15.47
C CYS E 222 -17.07 -0.88 -15.91
N PHE E 223 -16.50 -0.19 -16.90
CA PHE E 223 -17.13 1.01 -17.43
C PHE E 223 -17.52 0.84 -18.90
N ASP E 224 -17.88 -0.38 -19.28
CA ASP E 224 -18.13 -0.69 -20.70
C ASP E 224 -19.47 -0.19 -21.20
N GLY E 225 -20.44 -0.07 -20.29
CA GLY E 225 -21.78 0.37 -20.66
C GLY E 225 -21.88 1.82 -21.13
N LEU E 226 -21.75 2.73 -20.18
CA LEU E 226 -22.05 4.16 -20.38
C LEU E 226 -21.36 4.81 -21.58
N HIS E 227 -22.05 4.82 -22.72
CA HIS E 227 -21.52 5.44 -23.93
C HIS E 227 -21.52 6.97 -23.87
N SER E 228 -22.45 7.54 -23.10
CA SER E 228 -22.65 8.99 -23.08
C SER E 228 -21.82 9.71 -22.05
N LEU E 229 -21.10 8.95 -21.23
CA LEU E 229 -20.38 9.52 -20.08
C LEU E 229 -19.34 10.56 -20.48
N GLU E 230 -19.42 11.73 -19.85
CA GLU E 230 -18.47 12.81 -20.12
C GLU E 230 -17.55 13.13 -18.94
N THR E 231 -18.04 12.97 -17.71
CA THR E 231 -17.18 13.19 -16.55
C THR E 231 -17.23 12.07 -15.51
N LEU E 232 -16.09 11.84 -14.87
CA LEU E 232 -15.89 10.67 -14.02
C LEU E 232 -15.07 11.02 -12.78
N ASP E 233 -15.67 10.86 -11.61
CA ASP E 233 -15.00 11.19 -10.35
C ASP E 233 -14.63 9.92 -9.59
N LEU E 234 -13.32 9.66 -9.47
CA LEU E 234 -12.81 8.54 -8.68
C LEU E 234 -11.92 9.00 -7.52
N ASN E 235 -12.09 10.25 -7.11
CA ASN E 235 -11.21 10.86 -6.11
C ASN E 235 -11.31 10.28 -4.70
N TYR E 236 -10.29 10.55 -3.89
CA TYR E 236 -10.28 10.20 -2.46
C TYR E 236 -10.58 8.73 -2.18
N ASN E 237 -10.04 7.84 -3.01
CA ASN E 237 -10.26 6.40 -2.87
C ASN E 237 -8.94 5.64 -2.75
N ASN E 238 -9.00 4.32 -2.92
CA ASN E 238 -7.86 3.45 -2.60
C ASN E 238 -7.29 2.63 -3.78
N LEU E 239 -7.34 3.18 -4.99
CA LEU E 239 -6.84 2.48 -6.17
C LEU E 239 -5.33 2.28 -6.10
N ASP E 240 -4.85 1.11 -6.51
CA ASP E 240 -3.42 0.82 -6.43
C ASP E 240 -2.67 1.05 -7.75
N GLU E 241 -3.36 0.89 -8.88
CA GLU E 241 -2.76 1.15 -10.19
C GLU E 241 -3.78 1.82 -11.09
N PHE E 242 -3.33 2.28 -12.26
CA PHE E 242 -4.19 2.98 -13.21
C PHE E 242 -5.38 2.16 -13.67
N PRO E 243 -6.58 2.76 -13.65
CA PRO E 243 -7.83 2.14 -14.09
C PRO E 243 -7.92 2.05 -15.62
N THR E 244 -7.60 0.88 -16.17
CA THR E 244 -7.58 0.68 -17.62
C THR E 244 -8.98 0.58 -18.22
N ALA E 245 -9.94 0.17 -17.40
CA ALA E 245 -11.36 0.13 -17.80
C ALA E 245 -11.85 1.46 -18.41
N ILE E 246 -11.05 2.51 -18.24
CA ILE E 246 -11.35 3.83 -18.76
C ILE E 246 -11.37 3.88 -20.30
N ARG E 247 -10.60 2.97 -20.91
CA ARG E 247 -10.34 3.01 -22.35
C ARG E 247 -11.58 3.03 -23.26
N THR E 248 -12.70 2.49 -22.80
CA THR E 248 -13.89 2.40 -23.63
C THR E 248 -14.75 3.69 -23.65
N LEU E 249 -14.36 4.68 -22.86
CA LEU E 249 -15.14 5.92 -22.70
C LEU E 249 -14.83 7.00 -23.73
N SER E 250 -15.29 6.78 -24.97
CA SER E 250 -14.95 7.65 -26.09
C SER E 250 -15.54 9.06 -26.02
N ASN E 251 -16.40 9.34 -25.05
CA ASN E 251 -17.00 10.67 -24.94
C ASN E 251 -16.71 11.45 -23.65
N LEU E 252 -15.74 10.99 -22.86
CA LEU E 252 -15.42 11.67 -21.61
C LEU E 252 -14.70 12.99 -21.87
N LYS E 253 -15.02 14.01 -21.07
CA LYS E 253 -14.40 15.32 -21.21
C LYS E 253 -13.57 15.65 -19.97
N GLU E 254 -13.94 15.09 -18.83
CA GLU E 254 -13.33 15.48 -17.55
C GLU E 254 -13.16 14.31 -16.57
N LEU E 255 -11.91 14.09 -16.14
CA LEU E 255 -11.60 12.96 -15.27
C LEU E 255 -10.89 13.35 -13.99
N GLY E 256 -11.35 12.80 -12.87
CA GLY E 256 -10.64 12.94 -11.62
C GLY E 256 -10.41 11.58 -10.97
N PHE E 257 -9.16 11.31 -10.64
CA PHE E 257 -8.81 10.15 -9.81
C PHE E 257 -7.62 10.44 -8.89
N HIS E 258 -7.61 11.64 -8.33
CA HIS E 258 -6.59 12.07 -7.39
C HIS E 258 -6.83 11.47 -5.99
N SER E 259 -5.84 11.60 -5.10
CA SER E 259 -5.91 11.11 -3.73
C SER E 259 -6.10 9.59 -3.60
N ASN E 260 -5.56 8.85 -4.57
CA ASN E 260 -5.54 7.39 -4.50
C ASN E 260 -4.16 6.87 -4.06
N ASN E 261 -3.75 5.72 -4.59
CA ASN E 261 -2.43 5.16 -4.31
C ASN E 261 -1.75 4.62 -5.57
N ILE E 262 -2.16 5.13 -6.72
CA ILE E 262 -1.60 4.74 -8.01
C ILE E 262 -0.10 5.07 -8.08
N ARG E 263 0.66 4.27 -8.83
CA ARG E 263 2.10 4.46 -8.93
C ARG E 263 2.55 4.90 -10.33
N SER E 264 1.71 4.68 -11.33
CA SER E 264 2.10 5.03 -12.70
C SER E 264 0.95 5.15 -13.68
N ILE E 265 1.20 5.87 -14.76
CA ILE E 265 0.26 5.99 -15.87
C ILE E 265 0.87 5.29 -17.07
N PRO E 266 0.19 4.26 -17.59
CA PRO E 266 0.72 3.40 -18.64
C PRO E 266 0.87 4.09 -19.99
N GLU E 267 1.64 3.46 -20.88
CA GLU E 267 1.79 3.95 -22.25
C GLU E 267 0.42 3.90 -22.93
N LYS E 268 0.13 4.89 -23.76
CA LYS E 268 -1.17 5.01 -24.43
C LYS E 268 -2.35 4.96 -23.45
N ALA E 269 -2.21 5.64 -22.32
CA ALA E 269 -3.26 5.64 -21.30
C ALA E 269 -4.57 6.30 -21.75
N PHE E 270 -4.49 7.49 -22.31
CA PHE E 270 -5.69 8.25 -22.66
C PHE E 270 -5.95 8.28 -24.17
N VAL E 271 -5.59 7.19 -24.85
CA VAL E 271 -5.82 7.07 -26.29
C VAL E 271 -7.29 6.83 -26.66
N GLY E 272 -7.95 5.94 -25.93
CA GLY E 272 -9.30 5.56 -26.27
C GLY E 272 -10.33 6.63 -25.97
N ASN E 273 -9.88 7.75 -25.42
CA ASN E 273 -10.77 8.78 -24.94
C ASN E 273 -10.36 10.19 -25.36
N PRO E 274 -10.40 10.51 -26.66
CA PRO E 274 -10.10 11.88 -27.09
C PRO E 274 -11.17 12.89 -26.66
N SER E 275 -10.91 14.16 -26.97
CA SER E 275 -11.77 15.30 -26.58
C SER E 275 -11.94 15.47 -25.07
N LEU E 276 -11.08 14.83 -24.29
CA LEU E 276 -11.00 15.10 -22.86
C LEU E 276 -10.34 16.47 -22.66
N ILE E 277 -10.77 17.20 -21.63
CA ILE E 277 -10.30 18.56 -21.43
C ILE E 277 -9.54 18.76 -20.11
N THR E 278 -10.09 18.25 -19.02
CA THR E 278 -9.45 18.43 -17.71
C THR E 278 -9.21 17.10 -17.01
N ILE E 279 -7.97 16.92 -16.55
CA ILE E 279 -7.55 15.70 -15.86
C ILE E 279 -6.99 16.02 -14.48
N HIS E 280 -7.28 15.18 -13.49
CA HIS E 280 -6.85 15.44 -12.11
C HIS E 280 -6.34 14.17 -11.42
N PHE E 281 -5.02 14.08 -11.23
CA PHE E 281 -4.44 12.92 -10.56
C PHE E 281 -3.38 13.29 -9.52
N TYR E 282 -3.54 14.45 -8.87
CA TYR E 282 -2.61 14.87 -7.83
C TYR E 282 -2.80 14.07 -6.52
N ASP E 283 -1.99 14.39 -5.51
CA ASP E 283 -1.92 13.62 -4.28
C ASP E 283 -1.75 12.12 -4.51
N ASN E 284 -1.12 11.77 -5.64
CA ASN E 284 -0.83 10.39 -5.96
C ASN E 284 0.68 10.15 -6.02
N PRO E 285 1.19 9.19 -5.24
CA PRO E 285 2.63 8.91 -5.22
C PRO E 285 3.09 8.26 -6.52
N ILE E 286 2.98 9.01 -7.62
CA ILE E 286 3.33 8.54 -8.95
C ILE E 286 4.84 8.60 -9.17
N GLN E 287 5.39 7.65 -9.93
CA GLN E 287 6.82 7.63 -10.21
C GLN E 287 7.16 7.67 -11.69
N PHE E 288 6.52 6.82 -12.48
CA PHE E 288 6.75 6.80 -13.92
C PHE E 288 5.49 7.03 -14.74
N VAL E 289 5.65 7.69 -15.87
CA VAL E 289 4.61 7.78 -16.87
C VAL E 289 5.21 7.50 -18.22
N GLY E 290 4.57 6.62 -19.00
CA GLY E 290 5.00 6.37 -20.35
C GLY E 290 4.95 7.67 -21.13
N ARG E 291 5.95 7.91 -21.96
CA ARG E 291 6.07 9.16 -22.69
C ARG E 291 4.96 9.35 -23.73
N SER E 292 4.28 8.25 -24.08
CA SER E 292 3.18 8.26 -25.05
C SER E 292 1.80 8.52 -24.45
N ALA E 293 1.64 8.15 -23.18
CA ALA E 293 0.37 8.20 -22.43
C ALA E 293 -0.59 9.33 -22.78
N PHE E 294 -0.02 10.49 -23.12
CA PHE E 294 -0.76 11.72 -23.34
C PHE E 294 -0.93 11.99 -24.82
N GLN E 295 -1.08 10.92 -25.60
CA GLN E 295 -1.24 11.04 -27.04
C GLN E 295 -2.69 11.37 -27.45
N HIS E 296 -2.82 12.12 -28.55
CA HIS E 296 -4.12 12.38 -29.20
C HIS E 296 -5.18 12.97 -28.28
N LEU E 297 -4.88 14.11 -27.66
CA LEU E 297 -5.90 14.86 -26.92
C LEU E 297 -5.97 16.32 -27.35
N PRO E 298 -6.60 16.59 -28.50
CA PRO E 298 -6.70 17.93 -29.08
C PRO E 298 -7.43 18.98 -28.22
N GLU E 299 -8.19 18.58 -27.20
CA GLU E 299 -9.03 19.53 -26.48
C GLU E 299 -8.52 20.02 -25.11
N LEU E 300 -7.45 19.44 -24.58
CA LEU E 300 -6.94 19.89 -23.28
C LEU E 300 -6.19 21.21 -23.30
N ARG E 301 -6.13 21.85 -22.14
CA ARG E 301 -5.43 23.12 -21.98
C ARG E 301 -4.16 23.01 -21.12
N THR E 302 -4.25 22.35 -19.97
CA THR E 302 -3.16 22.38 -18.98
C THR E 302 -2.73 20.98 -18.52
N LEU E 303 -1.44 20.79 -18.27
CA LEU E 303 -0.94 19.55 -17.67
C LEU E 303 0.17 19.80 -16.65
N THR E 304 0.14 19.05 -15.54
CA THR E 304 1.10 19.24 -14.46
C THR E 304 1.62 17.89 -13.96
N LEU E 305 2.93 17.78 -13.78
CA LEU E 305 3.55 16.50 -13.47
C LEU E 305 4.80 16.66 -12.59
N ASN E 306 4.61 16.48 -11.29
CA ASN E 306 5.69 16.65 -10.32
C ASN E 306 6.10 15.34 -9.63
N GLY E 307 7.39 15.23 -9.32
CA GLY E 307 7.92 14.11 -8.54
C GLY E 307 7.92 12.79 -9.28
N ALA E 308 7.92 12.85 -10.61
CA ALA E 308 7.98 11.66 -11.45
C ALA E 308 9.44 11.28 -11.72
N SER E 309 10.10 10.75 -10.69
CA SER E 309 11.53 10.46 -10.69
C SER E 309 12.01 9.65 -11.91
N GLN E 310 11.15 8.77 -12.41
CA GLN E 310 11.57 7.80 -13.42
C GLN E 310 11.42 8.27 -14.87
N ILE E 311 10.73 9.38 -15.10
CA ILE E 311 10.60 9.89 -16.46
C ILE E 311 11.97 10.37 -16.95
N THR E 312 12.41 9.83 -18.09
CA THR E 312 13.76 10.07 -18.60
C THR E 312 13.76 10.86 -19.89
N GLU E 313 12.65 10.81 -20.62
CA GLU E 313 12.55 11.51 -21.89
C GLU E 313 11.31 12.40 -21.93
N PHE E 314 11.36 13.45 -22.74
CA PHE E 314 10.25 14.36 -22.89
C PHE E 314 9.05 13.62 -23.46
N PRO E 315 7.86 13.84 -22.88
CA PRO E 315 6.64 13.16 -23.30
C PRO E 315 6.28 13.37 -24.77
N ASP E 316 5.75 12.34 -25.43
CA ASP E 316 5.27 12.51 -26.79
C ASP E 316 3.85 13.07 -26.75
N LEU E 317 3.63 14.17 -27.46
CA LEU E 317 2.31 14.82 -27.48
C LEU E 317 1.84 15.13 -28.90
N THR E 318 2.08 14.21 -29.82
CA THR E 318 1.58 14.38 -31.18
C THR E 318 0.05 14.43 -31.19
N GLY E 319 -0.51 15.37 -31.94
CA GLY E 319 -1.95 15.55 -32.00
C GLY E 319 -2.53 16.23 -30.78
N THR E 320 -1.67 16.87 -30.00
CA THR E 320 -2.10 17.65 -28.84
C THR E 320 -1.38 19.00 -28.83
N ALA E 321 -1.93 19.95 -29.58
CA ALA E 321 -1.30 21.25 -29.77
C ALA E 321 -1.94 22.34 -28.93
N ASN E 322 -3.10 22.05 -28.36
CA ASN E 322 -3.84 23.07 -27.61
C ASN E 322 -3.44 23.14 -26.14
N LEU E 323 -2.27 22.62 -25.80
CA LEU E 323 -1.74 22.83 -24.46
C LEU E 323 -1.40 24.30 -24.27
N GLU E 324 -1.86 24.86 -23.15
CA GLU E 324 -1.59 26.24 -22.80
C GLU E 324 -0.50 26.30 -21.74
N SER E 325 -0.44 25.28 -20.90
CA SER E 325 0.58 25.21 -19.85
C SER E 325 1.06 23.79 -19.65
N LEU E 326 2.39 23.65 -19.62
CA LEU E 326 3.03 22.36 -19.45
C LEU E 326 4.11 22.45 -18.38
N THR E 327 3.93 21.65 -17.33
CA THR E 327 4.87 21.60 -16.22
C THR E 327 5.29 20.17 -15.94
N LEU E 328 6.61 19.96 -15.91
CA LEU E 328 7.19 18.64 -15.71
C LEU E 328 8.46 18.78 -14.87
N THR E 329 8.36 18.42 -13.60
CA THR E 329 9.46 18.67 -12.67
C THR E 329 9.83 17.43 -11.86
N GLY E 330 11.08 17.37 -11.40
CA GLY E 330 11.53 16.29 -10.54
C GLY E 330 11.91 15.02 -11.26
N ALA E 331 12.41 15.15 -12.48
CA ALA E 331 12.77 13.97 -13.27
C ALA E 331 14.22 14.04 -13.73
N GLN E 332 14.60 13.16 -14.65
CA GLN E 332 15.99 13.07 -15.10
C GLN E 332 16.11 13.31 -16.60
N ILE E 333 15.18 14.11 -17.14
CA ILE E 333 15.18 14.38 -18.57
C ILE E 333 16.51 14.99 -18.95
N SER E 334 17.27 14.29 -19.79
CA SER E 334 18.64 14.70 -20.06
C SER E 334 18.69 15.66 -21.22
N SER E 335 17.71 15.53 -22.11
CA SER E 335 17.66 16.35 -23.31
C SER E 335 16.30 16.21 -23.97
N LEU E 336 15.86 17.29 -24.60
CA LEU E 336 14.60 17.32 -25.32
C LEU E 336 14.90 17.54 -26.80
N PRO E 337 14.00 17.11 -27.70
CA PRO E 337 14.20 17.28 -29.14
C PRO E 337 14.41 18.73 -29.60
N GLN E 338 15.09 18.89 -30.73
CA GLN E 338 15.45 20.20 -31.25
C GLN E 338 14.24 20.89 -31.87
N THR E 339 13.21 20.10 -32.15
CA THR E 339 11.99 20.60 -32.75
C THR E 339 10.81 20.35 -31.82
N VAL E 340 11.07 20.41 -30.52
CA VAL E 340 10.05 20.16 -29.51
C VAL E 340 8.86 21.10 -29.67
N CYS E 341 9.13 22.34 -30.06
CA CYS E 341 8.10 23.37 -30.11
C CYS E 341 7.27 23.26 -31.39
N ASN E 342 7.53 22.19 -32.14
CA ASN E 342 6.69 21.84 -33.28
C ASN E 342 5.44 21.15 -32.74
N GLN E 343 5.55 20.69 -31.48
CA GLN E 343 4.44 20.08 -30.77
C GLN E 343 3.83 21.03 -29.74
N LEU E 344 4.44 22.21 -29.58
CA LEU E 344 4.03 23.13 -28.52
C LEU E 344 3.76 24.59 -28.93
N PRO E 345 2.81 24.81 -29.85
CA PRO E 345 2.29 26.18 -30.01
C PRO E 345 1.22 26.48 -28.94
N ASN E 346 0.66 27.68 -28.98
CA ASN E 346 -0.40 28.08 -28.03
C ASN E 346 0.05 28.09 -26.56
N LEU E 347 1.28 27.69 -26.31
CA LEU E 347 1.82 27.69 -24.95
C LEU E 347 1.92 29.08 -24.36
N GLN E 348 1.63 29.17 -23.06
CA GLN E 348 1.70 30.43 -22.34
C GLN E 348 2.69 30.28 -21.18
N VAL E 349 2.76 29.07 -20.65
CA VAL E 349 3.69 28.74 -19.57
C VAL E 349 4.51 27.48 -19.88
N LEU E 350 5.81 27.50 -19.55
CA LEU E 350 6.63 26.29 -19.63
C LEU E 350 7.38 26.14 -18.32
N ASP E 351 7.20 25.02 -17.62
CA ASP E 351 7.90 24.82 -16.35
C ASP E 351 8.66 23.50 -16.32
N LEU E 352 9.98 23.56 -16.44
CA LEU E 352 10.83 22.37 -16.39
C LEU E 352 11.87 22.45 -15.29
N SER E 353 11.47 22.97 -14.12
CA SER E 353 12.37 23.07 -12.98
C SER E 353 12.79 21.69 -12.50
N TYR E 354 13.96 21.61 -11.85
CA TYR E 354 14.47 20.35 -11.31
C TYR E 354 14.58 19.24 -12.36
N ASN E 355 15.50 19.42 -13.31
CA ASN E 355 15.77 18.39 -14.31
C ASN E 355 17.27 18.28 -14.59
N LEU E 356 17.65 17.46 -15.57
CA LEU E 356 19.06 17.24 -15.87
C LEU E 356 19.43 17.66 -17.29
N LEU E 357 18.73 18.66 -17.82
CA LEU E 357 19.03 19.15 -19.16
C LEU E 357 20.30 19.99 -19.17
N GLU E 358 21.10 19.81 -20.21
CA GLU E 358 22.33 20.59 -20.37
C GLU E 358 22.18 21.55 -21.55
N ASP E 359 21.69 21.01 -22.67
CA ASP E 359 21.56 21.78 -23.90
C ASP E 359 20.11 22.17 -24.16
N LEU E 360 19.93 23.40 -24.61
CA LEU E 360 18.62 23.99 -24.85
C LEU E 360 18.33 24.17 -26.35
N PRO E 361 17.04 24.06 -26.74
CA PRO E 361 16.65 24.29 -28.13
C PRO E 361 16.50 25.78 -28.41
N SER E 362 15.75 26.09 -29.46
CA SER E 362 15.61 27.48 -29.89
C SER E 362 14.40 28.14 -29.25
N PHE E 363 13.39 27.34 -28.91
CA PHE E 363 12.18 27.83 -28.22
C PHE E 363 11.40 28.89 -29.00
N SER E 364 12.01 29.41 -30.07
CA SER E 364 11.42 30.48 -30.86
C SER E 364 10.10 30.09 -31.49
N VAL E 365 10.03 28.86 -31.99
CA VAL E 365 8.82 28.35 -32.62
C VAL E 365 7.68 28.24 -31.61
N CYS E 366 8.04 28.04 -30.34
CA CYS E 366 7.05 28.04 -29.26
C CYS E 366 6.69 29.47 -28.84
N GLN E 367 6.07 30.21 -29.75
CA GLN E 367 5.58 31.55 -29.43
C GLN E 367 4.44 31.49 -28.40
N LYS E 368 3.86 32.67 -28.14
CA LYS E 368 2.81 32.91 -27.14
C LYS E 368 3.30 32.68 -25.71
N LEU E 369 4.59 32.37 -25.57
CA LEU E 369 5.18 32.17 -24.25
C LEU E 369 5.26 33.45 -23.45
N GLN E 370 4.79 33.41 -22.21
CA GLN E 370 4.85 34.57 -21.33
C GLN E 370 5.69 34.24 -20.08
N LYS E 371 5.67 32.97 -19.66
CA LYS E 371 6.50 32.52 -18.56
C LYS E 371 7.30 31.23 -18.88
N ILE E 372 8.56 31.23 -18.47
CA ILE E 372 9.46 30.10 -18.64
C ILE E 372 10.21 29.82 -17.32
N ASP E 373 10.25 28.56 -16.90
CA ASP E 373 10.86 28.18 -15.63
C ASP E 373 11.81 26.97 -15.70
N LEU E 374 13.13 27.23 -15.64
CA LEU E 374 14.13 26.15 -15.70
C LEU E 374 15.10 26.11 -14.51
N ARG E 375 14.63 26.42 -13.29
CA ARG E 375 15.55 26.43 -12.16
C ARG E 375 15.97 25.00 -11.80
N HIS E 376 17.07 24.89 -11.06
CA HIS E 376 17.65 23.59 -10.70
C HIS E 376 17.81 22.61 -11.87
N ASN E 377 18.67 22.97 -12.82
CA ASN E 377 19.00 22.10 -13.95
C ASN E 377 20.51 21.99 -14.10
N GLU E 378 20.98 21.58 -15.27
CA GLU E 378 22.42 21.48 -15.50
C GLU E 378 22.82 22.15 -16.81
N ILE E 379 22.15 23.25 -17.14
CA ILE E 379 22.47 24.03 -18.33
C ILE E 379 23.77 24.78 -18.12
N TYR E 380 24.62 24.82 -19.14
CA TYR E 380 25.90 25.49 -19.01
C TYR E 380 26.06 26.67 -19.97
N GLU E 381 25.17 26.79 -20.95
CA GLU E 381 25.31 27.84 -21.96
C GLU E 381 23.99 28.32 -22.56
N ILE E 382 23.93 29.61 -22.88
CA ILE E 382 22.78 30.21 -23.56
C ILE E 382 23.19 30.81 -24.89
N LYS E 383 22.71 30.20 -25.96
CA LYS E 383 23.11 30.58 -27.31
C LYS E 383 22.31 31.80 -27.77
N VAL E 384 22.55 32.21 -29.02
CA VAL E 384 21.82 33.32 -29.60
C VAL E 384 20.35 32.96 -29.78
N ASP E 385 20.13 31.79 -30.37
CA ASP E 385 18.81 31.38 -30.84
C ASP E 385 17.96 30.69 -29.78
N THR E 386 18.47 30.55 -28.57
CA THR E 386 17.80 29.71 -27.58
C THR E 386 16.41 30.20 -27.18
N PHE E 387 16.14 31.49 -27.38
CA PHE E 387 14.79 32.01 -27.12
C PHE E 387 14.48 33.28 -27.93
N GLN E 388 15.04 33.38 -29.13
CA GLN E 388 14.81 34.56 -29.98
C GLN E 388 13.34 34.77 -30.31
N GLN E 389 12.95 36.03 -30.38
CA GLN E 389 11.63 36.45 -30.86
C GLN E 389 10.45 35.88 -30.08
N LEU E 390 10.57 35.88 -28.75
CA LEU E 390 9.43 35.53 -27.90
C LEU E 390 8.86 36.81 -27.31
N LEU E 391 8.07 37.50 -28.13
CA LEU E 391 7.60 38.85 -27.86
C LEU E 391 6.64 38.91 -26.69
N SER E 392 6.17 37.75 -26.25
CA SER E 392 5.21 37.71 -25.16
C SER E 392 5.86 37.31 -23.83
N LEU E 393 7.13 36.93 -23.88
CA LEU E 393 7.83 36.46 -22.68
C LEU E 393 7.93 37.56 -21.63
N ARG E 394 7.50 37.25 -20.42
CA ARG E 394 7.55 38.22 -19.31
C ARG E 394 8.58 37.77 -18.29
N SER E 395 8.42 36.54 -17.81
CA SER E 395 9.29 36.00 -16.77
C SER E 395 10.10 34.83 -17.31
N LEU E 396 11.41 34.88 -17.08
CA LEU E 396 12.32 33.82 -17.49
C LEU E 396 13.18 33.37 -16.33
N ASN E 397 13.13 32.08 -16.03
CA ASN E 397 13.84 31.53 -14.88
C ASN E 397 14.94 30.54 -15.27
N LEU E 398 16.18 30.92 -14.92
CA LEU E 398 17.35 30.06 -15.15
C LEU E 398 18.17 29.93 -13.87
N ALA E 399 17.53 30.11 -12.71
CA ALA E 399 18.22 30.07 -11.43
C ALA E 399 18.80 28.70 -11.11
N TRP E 400 19.81 28.66 -10.24
CA TRP E 400 20.45 27.42 -9.80
C TRP E 400 20.81 26.45 -10.94
N ASN E 401 21.65 26.91 -11.86
CA ASN E 401 22.16 26.10 -12.96
C ASN E 401 23.67 26.18 -13.00
N LYS E 402 24.30 25.72 -14.08
CA LYS E 402 25.75 25.81 -14.21
C LYS E 402 26.16 26.55 -15.47
N ILE E 403 25.44 27.62 -15.80
CA ILE E 403 25.70 28.40 -17.02
C ILE E 403 26.82 29.42 -16.85
N ALA E 404 27.89 29.27 -17.62
CA ALA E 404 29.01 30.19 -17.52
C ALA E 404 28.93 31.30 -18.58
N ILE E 405 28.45 30.96 -19.77
CA ILE E 405 28.43 31.90 -20.87
C ILE E 405 27.02 32.28 -21.35
N ILE E 406 26.80 33.58 -21.51
CA ILE E 406 25.58 34.11 -22.11
C ILE E 406 25.93 34.89 -23.38
N HIS E 407 25.37 34.47 -24.51
CA HIS E 407 25.57 35.21 -25.75
C HIS E 407 24.98 36.61 -25.56
N PRO E 408 25.71 37.65 -25.98
CA PRO E 408 25.32 39.03 -25.72
C PRO E 408 23.96 39.41 -26.30
N ASN E 409 23.54 38.75 -27.37
CA ASN E 409 22.28 39.06 -28.01
C ASN E 409 21.17 38.04 -27.72
N ALA E 410 21.35 37.24 -26.67
CA ALA E 410 20.37 36.24 -26.28
C ALA E 410 19.04 36.87 -25.87
N PHE E 411 19.12 38.04 -25.22
CA PHE E 411 17.94 38.75 -24.70
C PHE E 411 17.54 39.91 -25.61
N SER E 412 18.07 39.92 -26.83
CA SER E 412 17.96 41.09 -27.71
C SER E 412 16.57 41.46 -28.22
N THR E 413 15.76 40.47 -28.57
CA THR E 413 14.46 40.73 -29.21
C THR E 413 13.31 40.34 -28.31
N LEU E 414 13.38 40.78 -27.05
CA LEU E 414 12.37 40.41 -26.06
C LEU E 414 11.71 41.64 -25.45
N PRO E 415 10.67 42.18 -26.12
CA PRO E 415 10.03 43.42 -25.70
C PRO E 415 9.30 43.32 -24.35
N SER E 416 8.76 42.15 -24.03
CA SER E 416 7.89 42.01 -22.85
C SER E 416 8.61 41.50 -21.60
N LEU E 417 9.88 41.14 -21.72
CA LEU E 417 10.64 40.57 -20.60
C LEU E 417 10.69 41.52 -19.41
N ILE E 418 10.26 41.06 -18.23
CA ILE E 418 10.30 41.90 -17.03
C ILE E 418 10.87 41.21 -15.78
N LYS E 419 10.85 39.88 -15.73
CA LYS E 419 11.40 39.17 -14.57
C LYS E 419 12.49 38.17 -14.95
N LEU E 420 13.64 38.28 -14.31
CA LEU E 420 14.76 37.40 -14.63
C LEU E 420 15.64 37.02 -13.43
N ASP E 421 15.73 35.73 -13.16
CA ASP E 421 16.60 35.24 -12.09
C ASP E 421 17.72 34.33 -12.62
N LEU E 422 18.95 34.82 -12.55
CA LEU E 422 20.12 34.07 -12.98
C LEU E 422 20.97 33.70 -11.76
N SER E 423 20.31 33.59 -10.61
CA SER E 423 20.97 33.30 -9.34
C SER E 423 21.68 31.95 -9.29
N SER E 424 22.77 31.91 -8.51
CA SER E 424 23.55 30.69 -8.30
C SER E 424 23.89 30.05 -9.64
N ASN E 425 24.77 30.69 -10.39
CA ASN E 425 24.99 30.28 -11.77
C ASN E 425 26.38 30.50 -12.35
N LEU E 426 27.39 30.57 -11.49
CA LEU E 426 28.78 30.84 -11.88
C LEU E 426 28.97 31.69 -13.15
N LEU E 427 28.24 32.80 -13.24
CA LEU E 427 28.45 33.77 -14.33
C LEU E 427 29.60 34.69 -13.97
N SER E 428 30.15 35.37 -14.97
CA SER E 428 31.26 36.30 -14.73
C SER E 428 31.01 37.66 -15.37
N SER E 429 30.16 37.69 -16.39
CA SER E 429 29.81 38.94 -17.06
C SER E 429 28.31 38.98 -17.31
N PHE E 430 27.86 39.86 -18.18
CA PHE E 430 26.43 40.14 -18.31
C PHE E 430 26.06 40.83 -19.61
N PRO E 431 24.95 40.39 -20.23
CA PRO E 431 24.43 41.00 -21.44
C PRO E 431 23.44 42.12 -21.12
N ILE E 432 23.68 43.31 -21.65
CA ILE E 432 22.79 44.43 -21.45
C ILE E 432 22.01 44.67 -22.74
N THR E 433 22.46 44.06 -23.82
CA THR E 433 21.67 44.08 -25.05
C THR E 433 20.32 43.44 -24.75
N GLY E 434 19.24 44.09 -25.16
CA GLY E 434 17.91 43.69 -24.76
C GLY E 434 17.70 43.96 -23.28
N LEU E 435 16.50 43.63 -22.78
CA LEU E 435 16.17 43.69 -21.35
C LEU E 435 16.42 45.04 -20.66
N HIS E 436 16.67 46.10 -21.43
CA HIS E 436 16.93 47.41 -20.83
C HIS E 436 15.63 48.05 -20.36
N GLY E 437 14.80 47.26 -19.68
CA GLY E 437 13.51 47.71 -19.21
C GLY E 437 12.81 46.59 -18.46
N LEU E 438 13.55 45.96 -17.54
CA LEU E 438 12.99 44.93 -16.69
C LEU E 438 12.35 45.52 -15.43
N THR E 439 12.23 44.68 -14.40
CA THR E 439 11.67 45.10 -13.12
C THR E 439 12.05 44.15 -11.98
N HIS E 440 12.37 42.91 -12.32
CA HIS E 440 12.79 41.91 -11.34
C HIS E 440 14.14 41.33 -11.74
N LEU E 441 15.16 41.53 -10.91
CA LEU E 441 16.46 40.95 -11.26
C LEU E 441 17.09 40.22 -10.08
N LYS E 442 17.44 38.96 -10.32
CA LYS E 442 17.93 38.07 -9.27
C LYS E 442 19.27 37.47 -9.72
N LEU E 443 20.37 37.92 -9.12
CA LEU E 443 21.70 37.52 -9.58
C LEU E 443 22.61 36.96 -8.48
N THR E 444 22.10 36.87 -7.25
CA THR E 444 22.93 36.37 -6.14
C THR E 444 23.35 34.92 -6.36
N GLY E 445 24.61 34.60 -6.07
CA GLY E 445 25.12 33.27 -6.31
C GLY E 445 26.07 33.20 -7.48
N ASN E 446 26.08 34.25 -8.29
CA ASN E 446 27.05 34.37 -9.36
C ASN E 446 28.29 35.06 -8.84
N HIS E 447 29.20 34.26 -8.30
CA HIS E 447 30.34 34.77 -7.56
C HIS E 447 31.30 35.54 -8.46
N ALA E 448 31.54 35.04 -9.67
CA ALA E 448 32.42 35.73 -10.61
C ALA E 448 31.78 37.01 -11.16
N LEU E 449 30.47 37.13 -11.03
CA LEU E 449 29.77 38.34 -11.41
C LEU E 449 30.12 39.47 -10.46
N GLN E 450 31.27 40.08 -10.69
CA GLN E 450 31.74 41.17 -9.85
C GLN E 450 31.59 42.50 -10.56
N SER E 451 31.31 42.43 -11.87
CA SER E 451 31.17 43.64 -12.69
C SER E 451 30.13 44.58 -12.09
N LEU E 452 30.28 45.87 -12.36
CA LEU E 452 29.38 46.86 -11.80
C LEU E 452 28.28 47.23 -12.77
N ILE E 453 27.25 47.90 -12.26
CA ILE E 453 26.06 48.19 -13.04
C ILE E 453 25.53 49.58 -12.70
N SER E 454 24.88 50.22 -13.67
CA SER E 454 24.38 51.58 -13.50
C SER E 454 22.86 51.66 -13.41
N SER E 455 22.36 52.78 -12.90
CA SER E 455 20.93 53.05 -12.88
C SER E 455 20.47 53.20 -14.33
N GLU E 456 21.28 53.91 -15.11
CA GLU E 456 21.15 53.91 -16.55
C GLU E 456 21.26 52.47 -17.05
N ASN E 457 20.59 52.19 -18.17
CA ASN E 457 20.27 50.84 -18.68
C ASN E 457 18.99 50.30 -18.08
N PHE E 458 18.75 50.62 -16.81
CA PHE E 458 17.69 49.95 -16.07
C PHE E 458 16.69 50.83 -15.33
N PRO E 459 15.80 51.48 -16.09
CA PRO E 459 14.59 52.01 -15.45
C PRO E 459 13.65 50.87 -15.07
N GLU E 460 12.53 51.20 -14.43
CA GLU E 460 11.50 50.21 -14.08
C GLU E 460 11.96 49.12 -13.09
N LEU E 461 13.26 49.04 -12.80
CA LEU E 461 13.75 48.10 -11.80
C LEU E 461 13.23 48.49 -10.42
N LYS E 462 12.60 47.54 -9.74
CA LYS E 462 12.07 47.79 -8.40
C LYS E 462 12.49 46.73 -7.38
N VAL E 463 12.85 45.55 -7.85
CA VAL E 463 13.36 44.51 -6.95
C VAL E 463 14.64 43.86 -7.49
N ILE E 464 15.67 43.87 -6.65
CA ILE E 464 16.99 43.41 -7.05
C ILE E 464 17.55 42.46 -5.99
N GLU E 465 18.38 41.51 -6.43
CA GLU E 465 19.23 40.75 -5.53
C GLU E 465 20.60 40.63 -6.17
N MET E 466 21.61 41.15 -5.48
CA MET E 466 22.93 41.28 -6.07
C MET E 466 23.97 40.43 -5.35
N PRO E 467 24.91 39.84 -6.11
CA PRO E 467 25.96 39.01 -5.51
C PRO E 467 26.76 39.76 -4.44
N TYR E 468 27.02 41.05 -4.68
CA TYR E 468 27.82 41.85 -3.75
C TYR E 468 27.14 43.19 -3.47
N ALA E 469 27.23 43.65 -2.22
CA ALA E 469 26.52 44.83 -1.74
C ALA E 469 26.86 46.13 -2.50
N TYR E 470 28.13 46.29 -2.85
CA TYR E 470 28.60 47.51 -3.51
C TYR E 470 27.85 47.74 -4.82
N GLN E 471 27.38 46.65 -5.42
CA GLN E 471 26.56 46.73 -6.62
C GLN E 471 25.16 47.22 -6.26
N CYS E 472 24.66 46.80 -5.10
CA CYS E 472 23.38 47.29 -4.61
C CYS E 472 23.41 48.80 -4.43
N CYS E 473 24.54 49.29 -3.91
CA CYS E 473 24.74 50.73 -3.69
C CYS E 473 24.52 51.56 -4.97
N ALA E 474 24.97 51.01 -6.10
CA ALA E 474 24.76 51.62 -7.42
C ALA E 474 23.30 51.92 -7.74
N PHE E 475 22.38 51.38 -6.94
CA PHE E 475 20.96 51.70 -7.09
C PHE E 475 20.45 52.40 -5.83
N GLY E 476 21.24 53.35 -5.33
CA GLY E 476 20.84 54.18 -4.22
C GLY E 476 20.88 53.58 -2.83
N VAL E 477 20.62 52.29 -2.70
CA VAL E 477 20.58 51.67 -1.38
C VAL E 477 22.01 51.48 -0.82
N CYS E 478 22.45 52.42 0.00
CA CYS E 478 23.76 52.33 0.67
C CYS E 478 23.63 51.79 2.10
N GLU E 479 24.74 51.32 2.64
CA GLU E 479 24.78 50.85 4.03
C GLU E 479 24.81 52.02 5.00
N GLU E 523 2.79 57.43 -12.64
CA GLU E 523 4.11 57.58 -12.04
C GLU E 523 4.08 58.86 -11.19
N GLU E 524 4.56 58.77 -9.96
CA GLU E 524 4.41 59.88 -9.04
C GLU E 524 5.73 60.24 -8.33
N ASP E 525 5.99 61.55 -8.19
CA ASP E 525 7.15 62.11 -7.47
C ASP E 525 7.44 61.41 -6.15
N LEU E 526 6.65 61.75 -5.14
CA LEU E 526 6.92 61.40 -3.75
C LEU E 526 6.16 60.23 -3.16
N LYS E 527 5.84 59.22 -3.97
CA LYS E 527 5.08 58.06 -3.48
C LYS E 527 5.79 57.44 -2.29
N ALA E 528 7.12 57.50 -2.29
CA ALA E 528 7.96 57.11 -1.16
C ALA E 528 7.52 55.77 -0.58
N LEU E 529 7.34 55.74 0.73
CA LEU E 529 6.87 54.54 1.41
C LEU E 529 7.75 53.36 1.04
N HIS E 530 7.14 52.29 0.54
CA HIS E 530 7.90 51.15 0.04
C HIS E 530 8.19 51.41 -1.43
N SER E 531 9.39 51.90 -1.71
CA SER E 531 9.79 52.27 -3.06
C SER E 531 10.51 51.12 -3.77
N VAL E 532 11.82 51.27 -3.96
CA VAL E 532 12.60 50.28 -4.70
C VAL E 532 13.58 49.61 -3.76
N GLN E 533 13.85 48.33 -4.02
CA GLN E 533 14.77 47.59 -3.17
C GLN E 533 15.93 46.93 -3.90
N CYS E 534 16.82 46.39 -3.07
CA CYS E 534 17.99 45.62 -3.48
C CYS E 534 18.53 44.91 -2.25
N SER E 535 19.28 43.83 -2.47
CA SER E 535 19.70 43.00 -1.35
C SER E 535 21.02 42.28 -1.58
N PRO E 536 21.92 42.36 -0.60
CA PRO E 536 23.22 41.67 -0.64
C PRO E 536 23.07 40.18 -0.31
N GLY F 26 62.67 73.24 -3.35
CA GLY F 26 63.52 72.29 -4.01
C GLY F 26 62.73 71.22 -4.75
N CYS F 27 61.42 71.46 -4.88
CA CYS F 27 60.54 70.47 -5.49
C CYS F 27 60.27 70.83 -6.96
N PRO F 28 60.26 69.81 -7.83
CA PRO F 28 60.14 70.02 -9.29
C PRO F 28 58.89 70.78 -9.70
N THR F 29 58.82 71.15 -10.97
CA THR F 29 57.73 71.97 -11.47
C THR F 29 56.53 71.11 -11.84
N HIS F 30 55.34 71.65 -11.57
CA HIS F 30 54.04 71.06 -11.90
C HIS F 30 53.66 69.96 -10.90
N CYS F 31 54.57 69.64 -9.98
CA CYS F 31 54.31 68.63 -8.96
C CYS F 31 53.87 69.26 -7.63
N HIS F 32 53.08 68.52 -6.86
CA HIS F 32 52.69 68.93 -5.51
C HIS F 32 53.64 68.34 -4.48
N CYS F 33 53.84 69.03 -3.36
CA CYS F 33 54.83 68.61 -2.37
C CYS F 33 54.40 68.96 -0.94
N GLU F 34 54.79 68.12 0.03
CA GLU F 34 54.46 68.41 1.42
C GLU F 34 55.39 67.66 2.40
N PRO F 35 55.69 68.27 3.55
CA PRO F 35 56.53 67.66 4.60
C PRO F 35 55.97 66.40 5.24
N ASP F 36 56.85 65.63 5.88
CA ASP F 36 56.48 64.41 6.58
C ASP F 36 56.55 64.61 8.08
N GLY F 37 56.95 63.55 8.77
CA GLY F 37 57.38 63.65 10.16
C GLY F 37 58.56 64.60 10.32
N ARG F 38 58.30 65.87 9.99
CA ARG F 38 59.30 66.94 9.98
C ARG F 38 60.42 66.72 8.95
N MET F 39 60.96 67.85 8.47
CA MET F 39 61.98 67.90 7.42
C MET F 39 61.58 67.23 6.10
N LEU F 40 61.94 65.95 5.95
CA LEU F 40 61.82 65.22 4.68
C LEU F 40 60.55 65.47 3.89
N LEU F 41 60.69 65.49 2.56
CA LEU F 41 59.68 66.04 1.66
C LEU F 41 59.06 65.00 0.71
N ARG F 42 57.72 64.93 0.71
CA ARG F 42 56.99 64.02 -0.17
C ARG F 42 56.55 64.74 -1.44
N VAL F 43 56.92 64.15 -2.57
CA VAL F 43 56.68 64.73 -3.90
C VAL F 43 55.72 63.85 -4.71
N ASP F 44 54.71 64.47 -5.28
CA ASP F 44 53.78 63.75 -6.15
C ASP F 44 53.94 64.26 -7.58
N CYS F 45 54.65 63.50 -8.40
CA CYS F 45 54.79 63.82 -9.81
C CYS F 45 54.12 62.77 -10.70
N SER F 46 52.94 62.33 -10.28
CA SER F 46 52.18 61.35 -11.04
C SER F 46 51.66 61.98 -12.34
N ASP F 47 50.87 61.21 -13.08
CA ASP F 47 50.42 61.53 -14.44
C ASP F 47 50.56 63.00 -14.89
N LEU F 48 51.77 63.35 -15.30
CA LEU F 48 52.03 64.62 -15.97
C LEU F 48 52.40 64.32 -17.41
N GLY F 49 52.36 63.04 -17.76
CA GLY F 49 52.78 62.59 -19.07
C GLY F 49 54.21 62.93 -19.39
N LEU F 50 55.08 62.84 -18.39
CA LEU F 50 56.52 63.05 -18.58
C LEU F 50 57.10 62.02 -19.55
N SER F 51 58.34 62.22 -19.95
CA SER F 51 59.04 61.23 -20.78
C SER F 51 60.14 60.60 -19.95
N GLU F 52 60.86 61.42 -19.21
CA GLU F 52 61.87 60.98 -18.27
C GLU F 52 61.81 61.83 -17.00
N LEU F 53 62.64 61.50 -16.01
CA LEU F 53 62.62 62.25 -14.76
C LEU F 53 63.16 63.66 -14.96
N PRO F 54 62.91 64.53 -13.98
CA PRO F 54 63.70 65.75 -13.97
C PRO F 54 64.89 65.60 -13.03
N SER F 55 65.94 66.39 -13.24
CA SER F 55 66.97 66.50 -12.23
C SER F 55 66.52 67.64 -11.32
N ASN F 56 67.41 68.15 -10.48
CA ASN F 56 67.05 69.18 -9.51
C ASN F 56 66.01 68.69 -8.49
N LEU F 57 65.52 67.46 -8.67
CA LEU F 57 64.78 66.79 -7.60
C LEU F 57 65.61 66.95 -6.36
N SER F 58 65.08 67.74 -5.42
CA SER F 58 65.79 67.96 -4.18
C SER F 58 65.95 66.65 -3.47
N VAL F 59 67.00 66.57 -2.66
CA VAL F 59 67.15 65.47 -1.73
C VAL F 59 66.18 65.78 -0.59
N PHE F 60 66.28 65.04 0.53
CA PHE F 60 65.31 65.09 1.63
C PHE F 60 63.98 64.45 1.23
N THR F 61 63.95 63.75 0.10
CA THR F 61 62.73 63.08 -0.36
C THR F 61 62.54 61.68 0.24
N SER F 62 61.43 61.49 0.94
CA SER F 62 61.10 60.19 1.53
C SER F 62 59.95 59.50 0.79
N TYR F 63 59.40 60.18 -0.21
CA TYR F 63 58.28 59.65 -0.98
C TYR F 63 58.28 60.19 -2.40
N LEU F 64 58.19 59.27 -3.36
CA LEU F 64 58.12 59.64 -4.75
C LEU F 64 57.01 58.89 -5.47
N ASP F 65 55.96 59.60 -5.84
CA ASP F 65 54.90 58.98 -6.63
C ASP F 65 55.10 59.39 -8.07
N LEU F 66 55.68 58.50 -8.85
CA LEU F 66 55.72 58.65 -10.28
C LEU F 66 54.83 57.59 -10.89
N SER F 67 53.73 58.02 -11.51
CA SER F 67 52.77 57.08 -12.04
C SER F 67 52.09 57.58 -13.31
N MET F 68 51.88 56.67 -14.25
CA MET F 68 51.22 56.92 -15.53
C MET F 68 51.91 57.94 -16.44
N ASN F 69 53.19 58.23 -16.17
CA ASN F 69 53.92 59.28 -16.90
C ASN F 69 54.77 58.87 -18.10
N ASN F 70 54.28 57.97 -18.95
CA ASN F 70 54.88 57.71 -20.29
C ASN F 70 56.42 57.68 -20.29
N ILE F 71 57.01 56.95 -19.35
CA ILE F 71 58.46 56.81 -19.26
C ILE F 71 58.98 55.59 -20.02
N SER F 72 59.98 55.78 -20.87
CA SER F 72 60.60 54.66 -21.57
C SER F 72 61.83 54.12 -20.84
N GLN F 73 62.81 54.99 -20.62
CA GLN F 73 64.09 54.59 -20.05
C GLN F 73 64.30 55.16 -18.65
N LEU F 74 65.00 54.41 -17.80
CA LEU F 74 65.19 54.84 -16.42
C LEU F 74 66.61 54.64 -15.88
N LEU F 75 67.61 55.41 -16.32
CA LEU F 75 67.55 56.41 -17.38
C LEU F 75 68.92 56.46 -18.04
N PRO F 76 69.08 57.34 -19.04
CA PRO F 76 70.46 57.73 -19.33
C PRO F 76 71.06 58.42 -18.11
N ASN F 77 70.25 59.22 -17.42
CA ASN F 77 70.65 59.90 -16.19
C ASN F 77 69.61 59.75 -15.08
N PRO F 78 69.61 58.60 -14.39
CA PRO F 78 68.66 58.41 -13.28
C PRO F 78 69.09 59.19 -12.05
N LEU F 79 68.42 58.97 -10.92
CA LEU F 79 68.84 59.60 -9.69
C LEU F 79 68.70 58.71 -8.48
N PRO F 80 69.77 57.96 -8.15
CA PRO F 80 69.96 57.57 -6.75
C PRO F 80 70.29 58.82 -5.95
N SER F 81 71.28 58.77 -5.06
CA SER F 81 71.68 59.95 -4.29
C SER F 81 70.51 60.51 -3.47
N LEU F 82 69.40 59.78 -3.49
CA LEU F 82 68.20 60.09 -2.73
C LEU F 82 68.16 59.08 -1.60
N ARG F 83 69.15 59.18 -0.73
CA ARG F 83 69.39 58.23 0.34
C ARG F 83 68.20 58.06 1.29
N PHE F 84 67.15 58.85 1.06
CA PHE F 84 66.05 58.91 2.00
C PHE F 84 64.72 58.37 1.48
N LEU F 85 64.69 57.96 0.21
CA LEU F 85 63.47 57.41 -0.35
C LEU F 85 62.99 56.22 0.47
N GLU F 86 61.79 56.35 1.03
CA GLU F 86 61.19 55.33 1.88
C GLU F 86 60.13 54.59 1.08
N GLU F 87 59.81 55.14 -0.08
CA GLU F 87 58.70 54.68 -0.90
C GLU F 87 58.83 55.22 -2.31
N LEU F 88 59.11 54.35 -3.27
CA LEU F 88 59.19 54.79 -4.65
C LEU F 88 58.06 54.14 -5.45
N ARG F 89 57.37 54.95 -6.25
CA ARG F 89 56.28 54.47 -7.09
C ARG F 89 56.61 54.67 -8.56
N LEU F 90 56.30 53.65 -9.36
CA LEU F 90 56.65 53.67 -10.77
C LEU F 90 55.55 53.04 -11.62
N ALA F 91 54.33 53.04 -11.10
CA ALA F 91 53.18 52.45 -11.79
C ALA F 91 52.90 53.12 -13.13
N GLY F 92 52.28 52.36 -14.03
CA GLY F 92 51.83 52.88 -15.30
C GLY F 92 52.89 53.42 -16.25
N ASN F 93 54.15 53.23 -15.89
CA ASN F 93 55.26 53.74 -16.72
C ASN F 93 55.91 52.63 -17.54
N ALA F 94 55.93 52.81 -18.86
CA ALA F 94 56.29 51.73 -19.77
C ALA F 94 57.76 51.34 -19.69
N LEU F 95 58.06 50.33 -18.88
CA LEU F 95 59.43 49.83 -18.76
C LEU F 95 59.47 48.40 -19.27
N THR F 96 60.67 47.90 -19.57
CA THR F 96 60.80 46.51 -20.01
C THR F 96 61.90 45.78 -19.24
N TYR F 97 62.93 46.53 -18.88
CA TYR F 97 64.04 46.00 -18.11
C TYR F 97 64.63 47.19 -17.37
N ILE F 98 65.38 46.95 -16.30
CA ILE F 98 65.96 48.06 -15.54
C ILE F 98 67.44 47.84 -15.20
N PRO F 99 68.26 48.85 -15.51
CA PRO F 99 69.68 48.97 -15.15
C PRO F 99 69.99 48.41 -13.76
N LYS F 100 71.07 47.66 -13.65
CA LYS F 100 71.41 46.88 -12.45
C LYS F 100 71.75 47.74 -11.23
N GLY F 101 72.05 49.02 -11.45
CA GLY F 101 72.43 49.89 -10.36
C GLY F 101 71.55 51.11 -10.19
N ALA F 102 70.32 51.01 -10.67
CA ALA F 102 69.37 52.10 -10.63
C ALA F 102 68.92 52.44 -9.21
N PHE F 103 68.90 51.45 -8.33
CA PHE F 103 68.41 51.64 -6.97
C PHE F 103 69.54 51.57 -5.94
N THR F 104 70.78 51.58 -6.42
CA THR F 104 71.95 51.41 -5.56
C THR F 104 72.07 52.44 -4.45
N GLY F 105 71.95 53.72 -4.80
CA GLY F 105 72.12 54.80 -3.84
C GLY F 105 71.01 54.87 -2.80
N LEU F 106 69.89 54.21 -3.11
CA LEU F 106 68.72 54.22 -2.25
C LEU F 106 68.81 53.14 -1.17
N TYR F 107 69.33 53.48 0.00
CA TYR F 107 69.54 52.50 1.05
C TYR F 107 68.33 52.30 1.95
N SER F 108 67.48 53.31 2.02
CA SER F 108 66.35 53.29 2.95
C SER F 108 65.01 52.94 2.32
N LEU F 109 65.04 52.39 1.11
CA LEU F 109 63.82 52.04 0.38
C LEU F 109 63.00 50.98 1.12
N LYS F 110 61.79 51.34 1.54
CA LYS F 110 60.93 50.42 2.28
C LYS F 110 59.82 49.82 1.42
N VAL F 111 59.44 50.53 0.36
CA VAL F 111 58.41 50.01 -0.54
C VAL F 111 58.63 50.45 -1.99
N LEU F 112 58.68 49.48 -2.90
CA LEU F 112 58.83 49.75 -4.32
C LEU F 112 57.62 49.30 -5.12
N MET F 113 57.19 50.14 -6.05
CA MET F 113 55.98 49.90 -6.82
C MET F 113 56.28 49.90 -8.31
N LEU F 114 56.02 48.77 -8.96
CA LEU F 114 56.39 48.64 -10.36
C LEU F 114 55.26 48.01 -11.17
N GLN F 115 54.05 48.05 -10.63
CA GLN F 115 52.89 47.44 -11.30
C GLN F 115 52.42 48.21 -12.53
N ASN F 116 51.69 47.51 -13.40
CA ASN F 116 51.09 48.08 -14.60
C ASN F 116 52.12 48.56 -15.62
N ASN F 117 53.15 47.75 -15.83
CA ASN F 117 54.17 48.03 -16.85
C ASN F 117 54.25 46.84 -17.80
N GLN F 118 55.38 46.66 -18.50
CA GLN F 118 55.48 45.55 -19.44
C GLN F 118 56.79 44.76 -19.37
N LEU F 119 57.30 44.54 -18.15
CA LEU F 119 58.47 43.70 -18.00
C LEU F 119 58.11 42.26 -18.36
N ARG F 120 58.91 41.64 -19.22
CA ARG F 120 58.66 40.26 -19.62
C ARG F 120 59.61 39.28 -18.89
N HIS F 121 60.43 39.80 -18.00
CA HIS F 121 61.19 38.97 -17.06
C HIS F 121 61.61 39.86 -15.91
N VAL F 122 61.70 39.28 -14.71
CA VAL F 122 62.14 40.02 -13.54
C VAL F 122 63.58 40.48 -13.72
N PRO F 123 63.85 41.75 -13.39
CA PRO F 123 65.19 42.33 -13.40
C PRO F 123 66.22 41.40 -12.77
N THR F 124 67.19 40.97 -13.57
CA THR F 124 68.15 39.95 -13.15
C THR F 124 68.99 40.35 -11.94
N GLU F 125 69.19 41.65 -11.74
CA GLU F 125 70.03 42.11 -10.65
C GLU F 125 69.47 43.32 -9.89
N ALA F 126 69.09 44.36 -10.64
CA ALA F 126 68.63 45.65 -10.10
C ALA F 126 67.87 45.62 -8.76
N LEU F 127 67.26 44.49 -8.43
CA LEU F 127 66.51 44.38 -7.19
C LEU F 127 67.35 43.71 -6.10
N GLN F 128 68.45 43.07 -6.50
CA GLN F 128 69.31 42.36 -5.56
C GLN F 128 69.96 43.33 -4.58
N ASN F 129 70.04 42.90 -3.33
CA ASN F 129 70.60 43.71 -2.25
C ASN F 129 69.93 45.07 -2.13
N LEU F 130 68.79 45.09 -1.43
CA LEU F 130 68.09 46.31 -1.07
C LEU F 130 67.63 46.13 0.36
N ARG F 131 68.57 45.77 1.22
CA ARG F 131 68.35 45.35 2.61
C ARG F 131 67.17 45.96 3.37
N SER F 132 66.63 47.08 2.88
CA SER F 132 65.54 47.75 3.58
C SER F 132 64.15 47.51 2.97
N LEU F 133 64.10 46.94 1.77
CA LEU F 133 62.84 46.80 1.04
C LEU F 133 61.86 45.88 1.77
N GLN F 134 60.63 46.37 1.94
CA GLN F 134 59.61 45.66 2.72
C GLN F 134 58.41 45.23 1.87
N SER F 135 58.08 46.02 0.85
CA SER F 135 56.90 45.76 0.02
C SER F 135 57.22 45.92 -1.45
N LEU F 136 57.10 44.84 -2.22
CA LEU F 136 57.43 44.92 -3.65
C LEU F 136 56.26 44.56 -4.57
N ARG F 137 55.92 45.49 -5.45
CA ARG F 137 54.85 45.24 -6.42
C ARG F 137 55.42 45.01 -7.82
N LEU F 138 55.17 43.83 -8.37
CA LEU F 138 55.58 43.50 -9.72
C LEU F 138 54.41 42.90 -10.49
N ASP F 139 53.20 43.30 -10.11
CA ASP F 139 51.98 42.78 -10.69
C ASP F 139 51.58 43.52 -11.96
N ALA F 140 50.60 42.98 -12.68
CA ALA F 140 50.05 43.61 -13.87
C ALA F 140 51.10 43.89 -14.94
N ASN F 141 52.02 42.95 -15.14
CA ASN F 141 53.00 43.05 -16.22
C ASN F 141 52.82 41.91 -17.22
N HIS F 142 53.82 41.72 -18.07
CA HIS F 142 53.82 40.61 -19.02
C HIS F 142 54.99 39.68 -18.73
N ILE F 143 55.31 39.53 -17.44
CA ILE F 143 56.44 38.73 -17.00
C ILE F 143 56.12 37.23 -17.08
N SER F 144 57.10 36.45 -17.54
CA SER F 144 56.90 35.00 -17.71
C SER F 144 58.10 34.19 -17.21
N TYR F 145 59.12 34.87 -16.70
CA TYR F 145 60.33 34.21 -16.24
C TYR F 145 61.01 34.95 -15.09
N VAL F 146 61.27 34.23 -14.00
CA VAL F 146 61.94 34.79 -12.83
C VAL F 146 63.33 34.20 -12.65
N PRO F 147 64.36 34.95 -13.06
CA PRO F 147 65.77 34.57 -12.87
C PRO F 147 66.09 34.12 -11.45
N PRO F 148 66.87 33.04 -11.31
CA PRO F 148 67.21 32.44 -10.02
C PRO F 148 67.78 33.43 -9.01
N SER F 149 67.02 33.68 -7.95
CA SER F 149 67.40 34.62 -6.90
C SER F 149 67.75 36.01 -7.43
N CYS F 150 66.75 36.67 -8.04
CA CYS F 150 66.85 38.08 -8.34
C CYS F 150 66.38 38.87 -7.12
N PHE F 151 65.95 38.11 -6.12
CA PHE F 151 65.47 38.67 -4.86
C PHE F 151 66.54 38.49 -3.79
N SER F 152 67.74 38.13 -4.23
CA SER F 152 68.85 37.82 -3.32
C SER F 152 69.23 39.02 -2.44
N GLY F 153 69.30 38.78 -1.14
CA GLY F 153 69.67 39.80 -0.18
C GLY F 153 68.59 40.84 0.06
N LEU F 154 67.35 40.39 0.26
CA LEU F 154 66.24 41.27 0.59
C LEU F 154 65.63 40.86 1.92
N HIS F 155 66.48 40.59 2.91
CA HIS F 155 66.07 39.92 4.16
C HIS F 155 64.99 40.64 4.98
N SER F 156 64.45 41.74 4.45
CA SER F 156 63.40 42.49 5.12
C SER F 156 62.09 42.55 4.32
N LEU F 157 62.03 41.84 3.21
CA LEU F 157 60.85 41.84 2.34
C LEU F 157 59.69 41.07 2.97
N ARG F 158 58.52 41.71 3.07
CA ARG F 158 57.38 41.08 3.73
C ARG F 158 56.11 40.99 2.87
N HIS F 159 56.14 41.56 1.66
CA HIS F 159 54.95 41.56 0.81
C HIS F 159 55.29 41.48 -0.68
N LEU F 160 54.90 40.40 -1.35
CA LEU F 160 55.21 40.25 -2.77
C LEU F 160 53.97 40.11 -3.68
N TRP F 161 53.91 40.99 -4.68
CA TRP F 161 52.82 40.97 -5.65
C TRP F 161 53.28 40.50 -7.03
N LEU F 162 52.83 39.32 -7.44
CA LEU F 162 53.06 38.89 -8.83
C LEU F 162 51.75 38.51 -9.53
N ASP F 163 50.74 39.36 -9.40
CA ASP F 163 49.43 39.14 -10.04
C ASP F 163 49.45 39.51 -11.52
N ASP F 164 48.44 39.05 -12.25
CA ASP F 164 48.22 39.39 -13.66
C ASP F 164 49.48 39.25 -14.49
N ASN F 165 50.08 38.07 -14.47
CA ASN F 165 51.31 37.85 -15.20
C ASN F 165 51.25 36.59 -16.04
N ALA F 166 52.35 36.26 -16.70
CA ALA F 166 52.35 35.14 -17.64
C ALA F 166 53.23 33.98 -17.18
N LEU F 167 53.29 33.75 -15.87
CA LEU F 167 54.06 32.64 -15.33
C LEU F 167 53.43 31.29 -15.68
N THR F 168 54.25 30.24 -15.69
CA THR F 168 53.79 28.90 -16.06
C THR F 168 54.22 27.88 -15.01
N GLU F 169 55.19 28.28 -14.20
CA GLU F 169 55.72 27.43 -13.14
C GLU F 169 56.05 28.25 -11.90
N ILE F 170 56.23 27.56 -10.77
CA ILE F 170 56.71 28.24 -9.58
C ILE F 170 58.22 28.42 -9.64
N PRO F 171 58.69 29.66 -9.45
CA PRO F 171 60.11 29.98 -9.33
C PRO F 171 60.67 29.53 -7.98
N VAL F 172 60.66 28.22 -7.73
CA VAL F 172 61.04 27.63 -6.44
C VAL F 172 62.35 28.18 -5.90
N GLN F 173 63.36 28.18 -6.77
CA GLN F 173 64.71 28.61 -6.42
C GLN F 173 64.74 30.08 -5.99
N ALA F 174 64.03 30.94 -6.71
CA ALA F 174 63.98 32.36 -6.40
C ALA F 174 63.30 32.61 -5.05
N PHE F 175 62.32 31.78 -4.73
CA PHE F 175 61.60 31.89 -3.46
C PHE F 175 62.44 31.38 -2.30
N ARG F 176 63.31 30.39 -2.56
CA ARG F 176 64.16 29.83 -1.50
C ARG F 176 64.98 30.90 -0.77
N SER F 177 65.25 32.01 -1.46
CA SER F 177 66.00 33.10 -0.84
C SER F 177 65.08 34.13 -0.18
N LEU F 178 63.83 33.75 0.08
CA LEU F 178 62.87 34.69 0.67
C LEU F 178 62.24 34.15 1.95
N SER F 179 63.07 33.90 2.96
CA SER F 179 62.58 33.42 4.24
C SER F 179 61.88 34.51 5.05
N ALA F 180 61.96 35.74 4.55
CA ALA F 180 61.35 36.89 5.21
C ALA F 180 59.86 37.07 4.93
N LEU F 181 59.42 36.61 3.76
CA LEU F 181 58.05 36.85 3.27
C LEU F 181 56.93 36.52 4.25
N GLN F 182 55.89 37.36 4.26
CA GLN F 182 54.72 37.13 5.10
C GLN F 182 53.41 37.11 4.30
N ALA F 183 53.41 37.76 3.13
CA ALA F 183 52.21 37.85 2.32
C ALA F 183 52.56 37.82 0.84
N MET F 184 51.96 36.88 0.10
CA MET F 184 52.26 36.77 -1.32
C MET F 184 51.06 36.41 -2.20
N THR F 185 51.02 37.00 -3.40
CA THR F 185 50.00 36.57 -4.35
C THR F 185 50.53 36.28 -5.77
N LEU F 186 50.09 35.16 -6.33
CA LEU F 186 50.43 34.76 -7.70
C LEU F 186 49.17 34.54 -8.54
N ALA F 187 48.11 35.26 -8.21
CA ALA F 187 46.82 35.12 -8.88
C ALA F 187 46.89 35.62 -10.33
N LEU F 188 45.90 35.23 -11.12
CA LEU F 188 45.83 35.54 -12.54
C LEU F 188 47.17 35.29 -13.27
N ASN F 189 47.56 34.04 -13.31
CA ASN F 189 48.72 33.63 -14.09
C ASN F 189 48.35 32.41 -14.91
N LYS F 190 49.31 31.54 -15.18
CA LYS F 190 49.05 30.35 -15.98
C LYS F 190 49.72 29.10 -15.42
N ILE F 191 50.14 29.14 -14.17
CA ILE F 191 50.70 27.97 -13.51
C ILE F 191 49.71 26.80 -13.51
N HIS F 192 50.21 25.61 -13.83
CA HIS F 192 49.35 24.44 -13.91
C HIS F 192 49.82 23.30 -13.00
N HIS F 193 50.97 23.51 -12.36
CA HIS F 193 51.51 22.49 -11.47
C HIS F 193 52.37 23.12 -10.38
N ILE F 194 52.24 22.58 -9.16
CA ILE F 194 53.10 22.96 -8.05
C ILE F 194 53.80 21.72 -7.49
N PRO F 195 55.12 21.62 -7.75
CA PRO F 195 55.93 20.48 -7.32
C PRO F 195 56.22 20.48 -5.83
N ASP F 196 56.70 19.35 -5.31
CA ASP F 196 56.93 19.20 -3.89
C ASP F 196 57.94 20.21 -3.36
N TYR F 197 57.66 20.75 -2.17
CA TYR F 197 58.51 21.73 -1.51
C TYR F 197 58.76 22.98 -2.36
N ALA F 198 57.84 23.28 -3.27
CA ALA F 198 57.93 24.45 -4.14
C ALA F 198 58.15 25.74 -3.37
N PHE F 199 57.51 25.83 -2.19
CA PHE F 199 57.67 27.00 -1.32
C PHE F 199 58.41 26.61 -0.05
N GLY F 200 59.29 25.62 -0.16
CA GLY F 200 59.94 24.98 0.98
C GLY F 200 60.62 25.89 1.99
N ASN F 201 61.16 27.02 1.54
CA ASN F 201 61.89 27.90 2.44
C ASN F 201 61.03 29.04 2.97
N LEU F 202 59.86 29.24 2.37
CA LEU F 202 58.98 30.33 2.77
C LEU F 202 58.25 29.99 4.07
N SER F 203 58.98 30.02 5.19
CA SER F 203 58.41 29.55 6.45
C SER F 203 57.80 30.66 7.30
N SER F 204 58.07 31.92 6.94
CA SER F 204 57.49 33.04 7.65
C SER F 204 56.19 33.49 6.98
N LEU F 205 55.89 32.89 5.84
CA LEU F 205 54.73 33.25 5.03
C LEU F 205 53.42 32.97 5.77
N VAL F 206 52.51 33.94 5.78
CA VAL F 206 51.24 33.81 6.49
C VAL F 206 50.05 33.74 5.52
N VAL F 207 50.17 34.39 4.37
CA VAL F 207 49.07 34.51 3.43
C VAL F 207 49.48 34.14 2.01
N LEU F 208 48.84 33.12 1.47
CA LEU F 208 49.17 32.66 0.11
C LEU F 208 47.98 32.68 -0.84
N HIS F 209 48.10 33.44 -1.92
CA HIS F 209 47.01 33.54 -2.90
C HIS F 209 47.36 32.93 -4.27
N LEU F 210 46.61 31.91 -4.67
CA LEU F 210 46.86 31.22 -5.93
C LEU F 210 45.62 31.16 -6.84
N HIS F 211 44.64 32.02 -6.59
CA HIS F 211 43.37 31.95 -7.32
C HIS F 211 43.47 32.38 -8.79
N ASN F 212 42.48 31.95 -9.58
CA ASN F 212 42.40 32.26 -11.00
C ASN F 212 43.62 31.80 -11.80
N ASN F 213 44.18 30.66 -11.44
CA ASN F 213 45.27 30.03 -12.20
C ASN F 213 44.81 28.84 -13.05
N ARG F 214 45.65 27.81 -13.16
CA ARG F 214 45.30 26.61 -13.93
C ARG F 214 45.81 25.28 -13.35
N ILE F 215 45.93 25.20 -12.04
CA ILE F 215 46.47 24.02 -11.37
C ILE F 215 45.62 22.77 -11.56
N HIS F 216 46.15 21.78 -12.27
CA HIS F 216 45.43 20.53 -12.52
C HIS F 216 46.09 19.45 -11.68
N SER F 217 47.29 19.72 -11.17
CA SER F 217 48.05 18.72 -10.42
C SER F 217 48.94 19.33 -9.34
N LEU F 218 48.97 18.66 -8.20
CA LEU F 218 49.83 19.07 -7.09
C LEU F 218 50.37 17.86 -6.32
N GLY F 219 51.49 18.05 -5.64
CA GLY F 219 52.15 16.97 -4.94
C GLY F 219 51.63 16.73 -3.53
N LYS F 220 52.01 15.58 -2.97
CA LYS F 220 51.65 15.21 -1.60
C LYS F 220 52.30 16.13 -0.57
N LYS F 221 53.39 16.78 -0.98
CA LYS F 221 54.17 17.59 -0.06
C LYS F 221 54.53 18.95 -0.66
N CYS F 222 53.60 19.53 -1.42
CA CYS F 222 53.89 20.79 -2.12
C CYS F 222 53.75 22.03 -1.24
N PHE F 223 53.10 21.90 -0.09
CA PHE F 223 53.00 23.03 0.85
C PHE F 223 53.72 22.70 2.15
N ASP F 224 54.78 21.92 2.07
CA ASP F 224 55.42 21.40 3.27
C ASP F 224 56.26 22.47 3.99
N GLY F 225 56.70 23.47 3.24
CA GLY F 225 57.52 24.54 3.80
C GLY F 225 56.83 25.43 4.81
N LEU F 226 55.92 26.28 4.35
CA LEU F 226 55.36 27.35 5.18
C LEU F 226 54.67 26.86 6.46
N HIS F 227 55.42 26.89 7.56
CA HIS F 227 54.88 26.49 8.86
C HIS F 227 53.92 27.54 9.41
N SER F 228 54.13 28.79 9.02
CA SER F 228 53.39 29.92 9.58
C SER F 228 52.11 30.26 8.81
N LEU F 229 51.89 29.56 7.70
CA LEU F 229 50.79 29.90 6.78
C LEU F 229 49.42 29.83 7.44
N GLU F 230 48.64 30.91 7.29
CA GLU F 230 47.33 31.01 7.92
C GLU F 230 46.17 30.97 6.93
N THR F 231 46.36 31.48 5.72
CA THR F 231 45.32 31.36 4.70
C THR F 231 45.83 30.96 3.32
N LEU F 232 44.98 30.23 2.59
CA LEU F 232 45.38 29.62 1.34
C LEU F 232 44.25 29.70 0.33
N ASP F 233 44.52 30.39 -0.78
CA ASP F 233 43.52 30.60 -1.82
C ASP F 233 43.86 29.76 -3.06
N LEU F 234 43.04 28.76 -3.35
CA LEU F 234 43.21 27.94 -4.54
C LEU F 234 42.01 28.05 -5.48
N ASN F 235 41.25 29.13 -5.34
CA ASN F 235 39.99 29.30 -6.07
C ASN F 235 40.16 29.44 -7.57
N TYR F 236 39.05 29.27 -8.30
CA TYR F 236 38.99 29.50 -9.74
C TYR F 236 40.06 28.73 -10.50
N ASN F 237 40.31 27.48 -10.09
CA ASN F 237 41.36 26.68 -10.71
C ASN F 237 40.84 25.35 -11.25
N ASN F 238 41.76 24.44 -11.58
CA ASN F 238 41.41 23.24 -12.32
C ASN F 238 41.72 21.91 -11.61
N LEU F 239 41.65 21.91 -10.28
CA LEU F 239 41.94 20.72 -9.49
C LEU F 239 40.88 19.63 -9.74
N ASP F 240 41.35 18.39 -9.93
CA ASP F 240 40.47 17.27 -10.16
C ASP F 240 40.24 16.50 -8.87
N GLU F 241 41.17 16.65 -7.92
CA GLU F 241 41.09 15.97 -6.64
C GLU F 241 41.38 16.91 -5.47
N PHE F 242 41.02 16.46 -4.28
CA PHE F 242 41.22 17.22 -3.05
C PHE F 242 42.71 17.41 -2.78
N PRO F 243 43.11 18.63 -2.42
CA PRO F 243 44.52 18.91 -2.14
C PRO F 243 44.96 18.32 -0.81
N THR F 244 45.56 17.13 -0.84
CA THR F 244 45.96 16.44 0.38
C THR F 244 47.21 17.04 1.02
N ALA F 245 48.02 17.71 0.19
CA ALA F 245 49.19 18.46 0.66
C ALA F 245 48.86 19.46 1.78
N ILE F 246 47.57 19.73 1.95
CA ILE F 246 47.06 20.65 2.96
C ILE F 246 47.36 20.12 4.36
N ARG F 247 47.52 18.81 4.47
CA ARG F 247 47.62 18.11 5.75
C ARG F 247 48.67 18.65 6.72
N THR F 248 49.77 19.19 6.18
CA THR F 248 50.87 19.66 7.02
C THR F 248 50.66 21.09 7.53
N LEU F 249 49.60 21.75 7.06
CA LEU F 249 49.38 23.16 7.38
C LEU F 249 48.62 23.33 8.70
N SER F 250 49.28 22.98 9.80
CA SER F 250 48.66 22.91 11.12
C SER F 250 48.26 24.28 11.70
N ASN F 251 48.61 25.36 11.01
CA ASN F 251 48.29 26.69 11.49
C ASN F 251 47.31 27.43 10.58
N LEU F 252 46.69 26.68 9.67
CA LEU F 252 45.78 27.27 8.68
C LEU F 252 44.48 27.75 9.33
N LYS F 253 44.05 28.97 8.99
CA LYS F 253 42.84 29.55 9.58
C LYS F 253 41.74 29.74 8.54
N GLU F 254 42.14 29.90 7.27
CA GLU F 254 41.20 30.22 6.21
C GLU F 254 41.58 29.52 4.91
N LEU F 255 40.68 28.67 4.41
CA LEU F 255 40.99 27.86 3.24
C LEU F 255 39.93 28.02 2.17
N GLY F 256 40.38 28.31 0.94
CA GLY F 256 39.48 28.34 -0.19
C GLY F 256 39.95 27.50 -1.37
N PHE F 257 39.07 26.64 -1.86
CA PHE F 257 39.31 25.96 -3.13
C PHE F 257 38.00 25.81 -3.93
N HIS F 258 37.17 26.84 -3.89
CA HIS F 258 35.91 26.83 -4.63
C HIS F 258 36.14 27.09 -6.13
N SER F 259 35.11 26.81 -6.94
CA SER F 259 35.15 27.00 -8.39
C SER F 259 36.23 26.10 -9.03
N ASN F 260 36.49 24.95 -8.43
CA ASN F 260 37.39 23.97 -9.03
C ASN F 260 36.61 22.88 -9.74
N ASN F 261 37.13 21.66 -9.75
CA ASN F 261 36.45 20.54 -10.38
C ASN F 261 36.49 19.28 -9.53
N ILE F 262 36.73 19.46 -8.23
CA ILE F 262 36.78 18.35 -7.27
C ILE F 262 35.45 17.59 -7.20
N ARG F 263 35.51 16.28 -6.99
CA ARG F 263 34.29 15.45 -6.96
C ARG F 263 33.94 14.91 -5.57
N SER F 264 34.88 14.97 -4.63
CA SER F 264 34.65 14.47 -3.28
C SER F 264 35.63 15.04 -2.26
N ILE F 265 35.22 15.01 -1.01
CA ILE F 265 36.07 15.39 0.10
C ILE F 265 36.32 14.14 0.92
N PRO F 266 37.59 13.72 1.04
CA PRO F 266 37.97 12.46 1.68
C PRO F 266 37.75 12.44 3.19
N GLU F 267 37.77 11.25 3.77
CA GLU F 267 37.67 11.09 5.21
C GLU F 267 38.87 11.73 5.92
N LYS F 268 38.60 12.38 7.04
CA LYS F 268 39.64 13.11 7.78
C LYS F 268 40.42 14.04 6.85
N ALA F 269 39.71 14.73 5.97
CA ALA F 269 40.33 15.65 5.02
C ALA F 269 41.01 16.78 5.77
N PHE F 270 40.28 17.34 6.72
CA PHE F 270 40.72 18.53 7.46
C PHE F 270 41.15 18.18 8.88
N VAL F 271 41.71 16.99 9.06
CA VAL F 271 42.21 16.58 10.37
C VAL F 271 43.48 17.37 10.71
N GLY F 272 44.32 17.57 9.70
CA GLY F 272 45.60 18.23 9.88
C GLY F 272 45.52 19.72 10.11
N ASN F 273 44.31 20.26 10.13
CA ASN F 273 44.14 21.71 10.20
C ASN F 273 43.12 22.17 11.25
N PRO F 274 43.42 21.95 12.54
CA PRO F 274 42.55 22.55 13.56
C PRO F 274 42.73 24.06 13.61
N SER F 275 41.93 24.74 14.43
CA SER F 275 41.92 26.21 14.49
C SER F 275 41.58 26.84 13.15
N LEU F 276 41.04 26.03 12.22
CA LEU F 276 40.46 26.54 10.99
C LEU F 276 39.17 27.26 11.29
N ILE F 277 38.88 28.32 10.54
CA ILE F 277 37.70 29.12 10.82
C ILE F 277 36.72 29.16 9.65
N THR F 278 37.25 29.40 8.45
CA THR F 278 36.42 29.50 7.26
C THR F 278 36.92 28.60 6.13
N ILE F 279 35.99 27.83 5.55
CA ILE F 279 36.28 26.96 4.41
C ILE F 279 35.37 27.32 3.24
N HIS F 280 35.90 27.27 2.02
CA HIS F 280 35.14 27.69 0.83
C HIS F 280 35.36 26.72 -0.33
N PHE F 281 34.35 25.88 -0.60
CA PHE F 281 34.44 24.92 -1.70
C PHE F 281 33.17 24.84 -2.55
N TYR F 282 32.46 25.96 -2.68
CA TYR F 282 31.26 25.98 -3.52
C TYR F 282 31.64 25.97 -5.00
N ASP F 283 30.65 25.93 -5.88
CA ASP F 283 30.86 25.73 -7.31
C ASP F 283 31.79 24.56 -7.63
N ASN F 284 31.79 23.58 -6.72
CA ASN F 284 32.51 22.33 -6.91
C ASN F 284 31.52 21.18 -7.06
N PRO F 285 31.65 20.40 -8.13
CA PRO F 285 30.72 19.29 -8.35
C PRO F 285 30.92 18.18 -7.32
N ILE F 286 30.65 18.49 -6.05
CA ILE F 286 30.85 17.53 -4.99
C ILE F 286 29.71 16.53 -5.00
N GLN F 287 30.02 15.28 -4.72
CA GLN F 287 29.01 14.25 -4.67
C GLN F 287 29.03 13.56 -3.31
N PHE F 288 30.19 13.14 -2.85
CA PHE F 288 30.29 12.56 -1.51
C PHE F 288 31.29 13.31 -0.65
N VAL F 289 31.00 13.36 0.65
CA VAL F 289 31.96 13.82 1.63
C VAL F 289 31.98 12.77 2.73
N GLY F 290 33.17 12.35 3.14
CA GLY F 290 33.27 11.39 4.23
C GLY F 290 32.61 12.06 5.42
N ARG F 291 31.82 11.30 6.17
CA ARG F 291 31.07 11.91 7.26
C ARG F 291 31.99 12.34 8.40
N SER F 292 33.24 11.86 8.37
CA SER F 292 34.25 12.25 9.36
C SER F 292 34.97 13.54 8.96
N ALA F 293 35.06 13.77 7.65
CA ALA F 293 35.83 14.86 7.05
C ALA F 293 35.86 16.18 7.84
N PHE F 294 34.74 16.54 8.46
CA PHE F 294 34.64 17.82 9.15
C PHE F 294 34.75 17.67 10.66
N GLN F 295 35.59 16.72 11.08
CA GLN F 295 35.86 16.50 12.49
C GLN F 295 36.92 17.43 13.06
N HIS F 296 36.81 17.68 14.36
CA HIS F 296 37.87 18.30 15.17
C HIS F 296 38.36 19.65 14.66
N LEU F 297 37.43 20.53 14.32
CA LEU F 297 37.77 21.93 14.10
C LEU F 297 36.75 22.79 14.84
N PRO F 298 36.89 22.89 16.17
CA PRO F 298 35.94 23.57 17.06
C PRO F 298 35.73 25.05 16.68
N GLU F 299 36.58 25.59 15.81
CA GLU F 299 36.58 27.02 15.52
C GLU F 299 35.87 27.35 14.21
N LEU F 300 35.38 26.33 13.51
CA LEU F 300 34.64 26.53 12.28
C LEU F 300 33.30 27.18 12.63
N ARG F 301 32.78 28.01 11.73
CA ARG F 301 31.54 28.73 12.00
C ARG F 301 30.39 28.25 11.12
N THR F 302 30.68 28.09 9.84
CA THR F 302 29.64 27.82 8.85
C THR F 302 29.96 26.57 8.04
N LEU F 303 28.95 25.77 7.73
CA LEU F 303 29.13 24.65 6.83
C LEU F 303 27.96 24.55 5.85
N THR F 304 28.30 24.41 4.57
CA THR F 304 27.32 24.38 3.50
C THR F 304 27.69 23.31 2.48
N LEU F 305 26.70 22.51 2.11
CA LEU F 305 26.91 21.33 1.28
C LEU F 305 25.67 21.05 0.43
N ASN F 306 25.70 21.47 -0.83
CA ASN F 306 24.56 21.27 -1.72
C ASN F 306 24.85 20.26 -2.82
N GLY F 307 23.85 19.47 -3.17
CA GLY F 307 23.95 18.52 -4.28
C GLY F 307 24.88 17.34 -4.00
N ALA F 308 25.08 17.03 -2.71
CA ALA F 308 25.94 15.94 -2.32
C ALA F 308 25.17 14.61 -2.33
N SER F 309 24.90 14.11 -3.53
CA SER F 309 24.06 12.92 -3.72
C SER F 309 24.47 11.66 -2.93
N GLN F 310 25.77 11.47 -2.71
CA GLN F 310 26.27 10.22 -2.14
C GLN F 310 26.31 10.13 -0.60
N ILE F 311 26.20 11.26 0.08
CA ILE F 311 26.17 11.23 1.54
C ILE F 311 24.86 10.59 1.96
N THR F 312 24.94 9.56 2.81
CA THR F 312 23.76 8.79 3.17
C THR F 312 23.40 8.99 4.63
N GLU F 313 24.38 9.35 5.43
CA GLU F 313 24.14 9.62 6.84
C GLU F 313 24.75 10.94 7.26
N PHE F 314 24.21 11.51 8.33
CA PHE F 314 24.66 12.79 8.85
C PHE F 314 26.12 12.74 9.27
N PRO F 315 26.94 13.70 8.78
CA PRO F 315 28.35 13.72 9.15
C PRO F 315 28.52 13.96 10.65
N ASP F 316 29.54 13.34 11.25
CA ASP F 316 29.79 13.57 12.66
C ASP F 316 30.49 14.90 12.86
N LEU F 317 30.11 15.60 13.92
CA LEU F 317 30.68 16.91 14.20
C LEU F 317 31.34 16.88 15.56
N THR F 318 31.98 15.76 15.85
CA THR F 318 32.77 15.60 17.06
C THR F 318 33.93 16.59 17.08
N GLY F 319 34.08 17.28 18.18
CA GLY F 319 35.12 18.28 18.32
C GLY F 319 34.81 19.52 17.50
N THR F 320 33.58 19.62 17.02
CA THR F 320 33.12 20.80 16.28
C THR F 320 31.74 21.21 16.75
N ALA F 321 31.68 21.96 17.86
CA ALA F 321 30.40 22.32 18.46
C ALA F 321 29.96 23.75 18.17
N ASN F 322 30.89 24.58 17.69
CA ASN F 322 30.60 26.00 17.50
C ASN F 322 30.07 26.37 16.10
N LEU F 323 29.47 25.40 15.41
CA LEU F 323 28.79 25.70 14.15
C LEU F 323 27.59 26.62 14.40
N GLU F 324 27.50 27.68 13.60
CA GLU F 324 26.40 28.63 13.68
C GLU F 324 25.38 28.39 12.57
N SER F 325 25.85 27.87 11.44
CA SER F 325 24.98 27.61 10.29
C SER F 325 25.36 26.30 9.63
N LEU F 326 24.36 25.46 9.40
CA LEU F 326 24.55 24.15 8.79
C LEU F 326 23.50 23.90 7.70
N THR F 327 23.97 23.71 6.48
CA THR F 327 23.08 23.37 5.39
C THR F 327 23.60 22.15 4.63
N LEU F 328 22.75 21.14 4.51
CA LEU F 328 23.10 19.88 3.86
C LEU F 328 21.90 19.41 3.04
N THR F 329 22.00 19.62 1.73
CA THR F 329 20.87 19.38 0.83
C THR F 329 21.32 18.59 -0.40
N GLY F 330 20.38 17.89 -1.02
CA GLY F 330 20.67 17.14 -2.24
C GLY F 330 21.28 15.79 -1.93
N ALA F 331 20.90 15.20 -0.81
CA ALA F 331 21.49 13.96 -0.37
C ALA F 331 20.46 12.86 -0.11
N GLN F 332 20.91 11.80 0.56
CA GLN F 332 20.07 10.64 0.82
C GLN F 332 19.93 10.35 2.31
N ILE F 333 20.12 11.35 3.16
CA ILE F 333 20.05 11.12 4.62
C ILE F 333 18.64 10.67 5.02
N SER F 334 18.55 9.46 5.56
CA SER F 334 17.26 8.85 5.85
C SER F 334 16.81 9.15 7.28
N SER F 335 17.77 9.38 8.16
CA SER F 335 17.48 9.58 9.58
C SER F 335 18.68 10.15 10.33
N LEU F 336 18.40 10.94 11.34
CA LEU F 336 19.44 11.55 12.17
C LEU F 336 19.42 10.95 13.58
N PRO F 337 20.59 10.94 14.25
CA PRO F 337 20.64 10.50 15.64
C PRO F 337 19.72 11.32 16.54
N GLN F 338 19.27 10.74 17.65
CA GLN F 338 18.33 11.42 18.54
C GLN F 338 19.03 12.50 19.36
N THR F 339 20.35 12.46 19.36
CA THR F 339 21.16 13.39 20.12
C THR F 339 22.01 14.26 19.19
N VAL F 340 21.47 14.53 18.01
CA VAL F 340 22.17 15.34 17.00
C VAL F 340 22.51 16.73 17.54
N CYS F 341 21.62 17.26 18.39
CA CYS F 341 21.74 18.63 18.88
C CYS F 341 22.69 18.75 20.06
N ASN F 342 23.36 17.65 20.41
CA ASN F 342 24.39 17.69 21.44
C ASN F 342 25.72 18.21 20.91
N GLN F 343 25.88 18.12 19.60
CA GLN F 343 27.09 18.61 18.95
C GLN F 343 26.80 19.94 18.28
N LEU F 344 25.54 20.38 18.38
CA LEU F 344 25.11 21.58 17.68
C LEU F 344 24.42 22.62 18.55
N PRO F 345 25.10 23.11 19.60
CA PRO F 345 24.56 24.35 20.18
C PRO F 345 25.00 25.52 19.32
N ASN F 346 24.58 26.74 19.67
CA ASN F 346 24.95 27.93 18.91
C ASN F 346 24.48 27.90 17.45
N LEU F 347 23.85 26.79 17.04
CA LEU F 347 23.33 26.64 15.69
C LEU F 347 22.21 27.65 15.50
N GLN F 348 22.20 28.34 14.38
CA GLN F 348 21.20 29.38 14.16
C GLN F 348 20.38 29.14 12.90
N VAL F 349 21.02 28.57 11.88
CA VAL F 349 20.31 28.19 10.67
C VAL F 349 20.58 26.75 10.30
N LEU F 350 19.55 25.97 10.03
CA LEU F 350 19.75 24.62 9.53
C LEU F 350 18.81 24.31 8.37
N ASP F 351 19.42 23.90 7.27
CA ASP F 351 18.71 23.63 6.04
C ASP F 351 18.95 22.20 5.58
N LEU F 352 17.93 21.36 5.71
CA LEU F 352 18.05 19.96 5.34
C LEU F 352 17.01 19.59 4.27
N SER F 353 16.75 20.52 3.36
CA SER F 353 15.85 20.29 2.23
C SER F 353 16.42 19.25 1.26
N TYR F 354 15.56 18.66 0.45
CA TYR F 354 15.94 17.62 -0.52
C TYR F 354 16.65 16.49 0.21
N ASN F 355 15.91 15.78 1.06
CA ASN F 355 16.44 14.56 1.66
C ASN F 355 15.32 13.53 1.82
N LEU F 356 15.62 12.43 2.51
CA LEU F 356 14.65 11.32 2.63
C LEU F 356 14.26 11.06 4.07
N LEU F 357 14.21 12.11 4.87
CA LEU F 357 13.86 12.00 6.28
C LEU F 357 12.38 11.74 6.53
N GLU F 358 12.08 10.82 7.45
CA GLU F 358 10.70 10.53 7.85
C GLU F 358 10.45 10.92 9.31
N ASP F 359 11.34 10.49 10.19
CA ASP F 359 11.19 10.69 11.63
C ASP F 359 12.10 11.79 12.16
N LEU F 360 11.54 12.65 13.01
CA LEU F 360 12.30 13.77 13.56
C LEU F 360 12.56 13.60 15.06
N PRO F 361 13.71 14.12 15.53
CA PRO F 361 14.05 14.16 16.95
C PRO F 361 13.36 15.34 17.64
N SER F 362 13.89 15.77 18.77
CA SER F 362 13.24 16.80 19.58
C SER F 362 13.69 18.22 19.24
N PHE F 363 14.92 18.35 18.75
CA PHE F 363 15.50 19.64 18.34
C PHE F 363 15.63 20.67 19.47
N SER F 364 15.07 20.38 20.63
CA SER F 364 15.08 21.31 21.75
C SER F 364 16.48 21.66 22.20
N VAL F 365 17.36 20.65 22.21
CA VAL F 365 18.73 20.82 22.65
C VAL F 365 19.48 21.77 21.72
N CYS F 366 19.05 21.80 20.46
CA CYS F 366 19.62 22.70 19.46
C CYS F 366 19.08 24.12 19.62
N GLN F 367 19.45 24.74 20.74
CA GLN F 367 19.06 26.10 21.05
C GLN F 367 19.63 27.12 20.05
N LYS F 368 19.30 28.38 20.28
CA LYS F 368 19.80 29.53 19.50
C LYS F 368 19.35 29.46 18.03
N LEU F 369 18.47 28.51 17.73
CA LEU F 369 17.95 28.34 16.37
C LEU F 369 17.01 29.47 15.95
N GLN F 370 17.24 30.00 14.76
CA GLN F 370 16.41 31.09 14.23
C GLN F 370 15.68 30.73 12.92
N LYS F 371 16.29 29.87 12.11
CA LYS F 371 15.65 29.42 10.87
C LYS F 371 15.69 27.90 10.71
N ILE F 372 14.60 27.33 10.21
CA ILE F 372 14.56 25.90 9.96
C ILE F 372 13.97 25.61 8.58
N ASP F 373 14.69 24.84 7.78
CA ASP F 373 14.21 24.53 6.44
C ASP F 373 14.21 23.02 6.20
N LEU F 374 13.02 22.44 6.25
CA LEU F 374 12.86 21.00 6.10
C LEU F 374 11.92 20.63 4.95
N ARG F 375 11.85 21.47 3.92
CA ARG F 375 10.95 21.20 2.80
C ARG F 375 11.50 20.09 1.92
N HIS F 376 10.64 19.53 1.07
CA HIS F 376 10.97 18.37 0.24
C HIS F 376 11.60 17.22 1.03
N ASN F 377 10.85 16.65 1.97
CA ASN F 377 11.29 15.47 2.70
C ASN F 377 10.17 14.44 2.71
N GLU F 378 10.21 13.47 3.61
CA GLU F 378 9.16 12.46 3.66
C GLU F 378 8.61 12.20 5.05
N ILE F 379 8.57 13.24 5.87
CA ILE F 379 7.98 13.16 7.20
C ILE F 379 6.45 13.16 7.09
N TYR F 380 5.80 12.38 7.93
CA TYR F 380 4.35 12.24 7.88
C TYR F 380 3.63 12.77 9.12
N GLU F 381 4.36 13.02 10.19
CA GLU F 381 3.73 13.41 11.44
C GLU F 381 4.62 14.31 12.29
N ILE F 382 4.01 15.27 12.98
CA ILE F 382 4.74 16.21 13.82
C ILE F 382 4.34 16.07 15.29
N LYS F 383 5.29 15.60 16.09
CA LYS F 383 5.04 15.22 17.48
C LYS F 383 4.97 16.44 18.42
N VAL F 384 4.76 16.16 19.70
CA VAL F 384 4.74 17.20 20.71
C VAL F 384 6.12 17.80 20.91
N ASP F 385 7.11 16.93 21.12
CA ASP F 385 8.45 17.31 21.54
C ASP F 385 9.39 17.69 20.41
N THR F 386 8.91 17.59 19.18
CA THR F 386 9.77 17.78 18.00
C THR F 386 10.25 19.22 17.81
N PHE F 387 9.55 20.16 18.43
CA PHE F 387 9.94 21.57 18.37
C PHE F 387 9.66 22.32 19.66
N GLN F 388 9.64 21.61 20.79
CA GLN F 388 9.41 22.27 22.07
C GLN F 388 10.59 23.17 22.47
N GLN F 389 10.27 24.30 23.08
CA GLN F 389 11.26 25.16 23.72
C GLN F 389 12.38 25.68 22.83
N LEU F 390 12.05 26.04 21.59
CA LEU F 390 13.00 26.76 20.75
C LEU F 390 12.53 28.20 20.65
N LEU F 391 12.79 28.95 21.72
CA LEU F 391 12.22 30.28 21.93
C LEU F 391 12.75 31.32 20.94
N SER F 392 13.78 30.95 20.17
CA SER F 392 14.40 31.87 19.23
C SER F 392 13.96 31.59 17.80
N LEU F 393 13.12 30.57 17.61
CA LEU F 393 12.67 30.17 16.29
C LEU F 393 11.84 31.23 15.59
N ARG F 394 12.21 31.56 14.36
CA ARG F 394 11.52 32.59 13.59
C ARG F 394 10.75 31.99 12.42
N SER F 395 11.47 31.29 11.54
CA SER F 395 10.88 30.72 10.34
C SER F 395 10.94 29.19 10.33
N LEU F 396 9.82 28.57 10.01
CA LEU F 396 9.77 27.11 9.92
C LEU F 396 9.15 26.69 8.59
N ASN F 397 9.92 25.93 7.81
CA ASN F 397 9.47 25.49 6.50
C ASN F 397 9.32 23.97 6.46
N LEU F 398 8.10 23.52 6.24
CA LEU F 398 7.79 22.09 6.14
C LEU F 398 7.05 21.79 4.84
N ALA F 399 7.24 22.65 3.85
CA ALA F 399 6.54 22.52 2.57
C ALA F 399 6.93 21.24 1.82
N TRP F 400 6.05 20.83 0.91
CA TRP F 400 6.24 19.68 0.04
C TRP F 400 6.73 18.40 0.73
N ASN F 401 5.99 17.95 1.73
CA ASN F 401 6.27 16.68 2.39
C ASN F 401 4.95 15.92 2.53
N LYS F 402 4.89 14.90 3.39
CA LYS F 402 3.66 14.12 3.51
C LYS F 402 3.02 14.09 4.92
N ILE F 403 2.88 15.26 5.55
CA ILE F 403 2.30 15.34 6.90
C ILE F 403 0.77 15.22 6.93
N ALA F 404 0.28 14.20 7.60
CA ALA F 404 -1.16 14.01 7.75
C ALA F 404 -1.64 14.53 9.11
N ILE F 405 -0.86 14.27 10.15
CA ILE F 405 -1.23 14.63 11.52
C ILE F 405 -0.24 15.61 12.18
N ILE F 406 -0.78 16.65 12.80
CA ILE F 406 0.00 17.57 13.61
C ILE F 406 -0.52 17.54 15.03
N HIS F 407 0.33 17.24 16.00
CA HIS F 407 -0.08 17.26 17.39
C HIS F 407 -0.55 18.67 17.73
N PRO F 408 -1.70 18.79 18.42
CA PRO F 408 -2.30 20.11 18.67
C PRO F 408 -1.39 21.04 19.47
N ASN F 409 -0.52 20.48 20.30
CA ASN F 409 0.37 21.28 21.12
C ASN F 409 1.81 21.31 20.61
N ALA F 410 1.98 20.93 19.34
CA ALA F 410 3.30 20.92 18.71
C ALA F 410 3.89 22.33 18.64
N PHE F 411 3.03 23.31 18.41
CA PHE F 411 3.44 24.70 18.22
C PHE F 411 3.20 25.54 19.47
N SER F 412 2.98 24.88 20.60
CA SER F 412 2.47 25.55 21.80
C SER F 412 3.38 26.61 22.45
N THR F 413 4.68 26.32 22.55
CA THR F 413 5.58 27.21 23.28
C THR F 413 6.65 27.85 22.38
N LEU F 414 6.21 28.40 21.26
CA LEU F 414 7.12 28.97 20.28
C LEU F 414 6.85 30.46 20.13
N PRO F 415 7.42 31.27 21.03
CA PRO F 415 7.13 32.71 21.14
C PRO F 415 7.54 33.55 19.94
N SER F 416 8.63 33.20 19.27
CA SER F 416 9.20 34.04 18.23
C SER F 416 8.76 33.65 16.81
N LEU F 417 8.05 32.54 16.69
CA LEU F 417 7.62 32.02 15.40
C LEU F 417 6.73 33.02 14.66
N ILE F 418 7.09 33.37 13.42
CA ILE F 418 6.28 34.29 12.63
C ILE F 418 6.03 33.80 11.20
N LYS F 419 6.85 32.87 10.71
CA LYS F 419 6.68 32.32 9.37
C LYS F 419 6.54 30.81 9.36
N LEU F 420 5.50 30.32 8.67
CA LEU F 420 5.23 28.89 8.63
C LEU F 420 4.76 28.42 7.24
N ASP F 421 5.52 27.49 6.66
CA ASP F 421 5.18 26.96 5.34
C ASP F 421 4.76 25.49 5.42
N LEU F 422 3.46 25.24 5.23
CA LEU F 422 2.91 23.89 5.24
C LEU F 422 2.36 23.51 3.87
N SER F 423 2.88 24.16 2.82
CA SER F 423 2.41 23.93 1.46
C SER F 423 2.65 22.50 0.99
N SER F 424 1.79 22.03 0.09
CA SER F 424 1.91 20.70 -0.52
C SER F 424 2.01 19.56 0.50
N ASN F 425 0.91 19.26 1.16
CA ASN F 425 0.87 18.26 2.22
C ASN F 425 -0.48 17.56 2.22
N LEU F 426 -0.74 16.80 3.28
CA LEU F 426 -2.01 16.09 3.40
C LEU F 426 -2.62 16.33 4.78
N LEU F 427 -2.70 17.60 5.16
CA LEU F 427 -3.40 17.98 6.37
C LEU F 427 -4.88 18.09 6.07
N SER F 428 -5.70 17.99 7.11
CA SER F 428 -7.14 18.10 6.96
C SER F 428 -7.67 19.07 8.00
N SER F 429 -6.91 19.24 9.07
CA SER F 429 -7.24 20.17 10.14
C SER F 429 -5.98 20.94 10.51
N PHE F 430 -6.00 21.60 11.67
CA PHE F 430 -4.95 22.55 12.00
C PHE F 430 -4.93 22.87 13.49
N PRO F 431 -3.72 23.02 14.06
CA PRO F 431 -3.57 23.37 15.47
C PRO F 431 -3.61 24.87 15.71
N ILE F 432 -4.47 25.29 16.62
CA ILE F 432 -4.61 26.70 16.95
C ILE F 432 -3.88 26.98 18.28
N THR F 433 -3.59 25.91 19.03
CA THR F 433 -2.73 26.03 20.21
C THR F 433 -1.35 26.55 19.78
N GLY F 434 -0.84 27.54 20.49
CA GLY F 434 0.37 28.21 20.07
C GLY F 434 0.07 28.98 18.79
N LEU F 435 1.07 29.62 18.21
CA LEU F 435 0.94 30.21 16.89
C LEU F 435 -0.16 31.28 16.75
N HIS F 436 -0.74 31.73 17.85
CA HIS F 436 -1.82 32.71 17.77
C HIS F 436 -1.30 34.12 17.49
N GLY F 437 -0.37 34.27 16.56
CA GLY F 437 0.21 35.57 16.28
C GLY F 437 1.42 35.61 15.36
N LEU F 438 1.40 34.80 14.31
CA LEU F 438 2.45 34.91 13.30
C LEU F 438 2.06 35.95 12.25
N THR F 439 2.56 35.79 11.03
CA THR F 439 2.31 36.77 9.98
C THR F 439 2.40 36.12 8.60
N HIS F 440 3.10 35.00 8.53
CA HIS F 440 3.22 34.29 7.27
C HIS F 440 2.68 32.87 7.38
N LEU F 441 1.63 32.59 6.61
CA LEU F 441 1.03 31.25 6.63
C LEU F 441 0.85 30.70 5.23
N LYS F 442 1.40 29.51 4.97
CA LYS F 442 1.33 28.95 3.64
C LYS F 442 0.75 27.54 3.69
N LEU F 443 -0.48 27.39 3.20
CA LEU F 443 -1.22 26.15 3.37
C LEU F 443 -1.69 25.53 2.05
N THR F 444 -1.36 26.17 0.93
CA THR F 444 -1.78 25.65 -0.37
C THR F 444 -1.17 24.28 -0.66
N GLY F 445 -1.97 23.38 -1.20
CA GLY F 445 -1.53 22.02 -1.45
C GLY F 445 -2.16 21.06 -0.47
N ASN F 446 -2.72 21.62 0.60
CA ASN F 446 -3.49 20.84 1.57
C ASN F 446 -4.96 20.81 1.17
N HIS F 447 -5.31 19.86 0.31
CA HIS F 447 -6.66 19.79 -0.26
C HIS F 447 -7.71 19.41 0.78
N ALA F 448 -7.34 18.52 1.70
CA ALA F 448 -8.25 18.11 2.76
C ALA F 448 -8.49 19.25 3.76
N LEU F 449 -7.60 20.24 3.75
CA LEU F 449 -7.76 21.43 4.59
C LEU F 449 -8.93 22.27 4.08
N GLN F 450 -10.14 21.88 4.43
CA GLN F 450 -11.34 22.60 3.99
C GLN F 450 -11.95 23.40 5.14
N SER F 451 -11.49 23.13 6.36
CA SER F 451 -11.98 23.84 7.54
C SER F 451 -11.79 25.35 7.40
N LEU F 452 -12.62 26.12 8.09
CA LEU F 452 -12.51 27.58 8.05
C LEU F 452 -11.76 28.16 9.25
N ILE F 453 -11.42 29.44 9.13
CA ILE F 453 -10.60 30.13 10.11
C ILE F 453 -11.14 31.54 10.30
N SER F 454 -10.93 32.11 11.49
CA SER F 454 -11.42 33.45 11.80
C SER F 454 -10.25 34.43 11.82
N SER F 455 -10.56 35.72 11.70
CA SER F 455 -9.54 36.77 11.76
C SER F 455 -8.93 36.79 13.14
N GLU F 456 -9.79 36.79 14.15
CA GLU F 456 -9.37 36.53 15.51
C GLU F 456 -8.77 35.12 15.58
N ASN F 457 -7.82 34.96 16.50
CA ASN F 457 -6.80 33.90 16.55
C ASN F 457 -5.53 34.43 15.90
N PHE F 458 -5.72 35.18 14.83
CA PHE F 458 -4.61 35.58 13.98
C PHE F 458 -4.52 37.08 13.72
N PRO F 459 -4.14 37.87 14.75
CA PRO F 459 -3.67 39.21 14.42
C PRO F 459 -2.29 39.13 13.78
N GLU F 460 -1.74 40.26 13.37
CA GLU F 460 -0.40 40.32 12.78
C GLU F 460 -0.24 39.56 11.45
N LEU F 461 -1.24 38.75 11.08
CA LEU F 461 -1.19 38.08 9.77
C LEU F 461 -1.26 39.10 8.66
N LYS F 462 -0.29 39.04 7.75
CA LYS F 462 -0.27 39.95 6.63
C LYS F 462 -0.06 39.21 5.31
N VAL F 463 0.49 38.00 5.36
CA VAL F 463 0.63 37.22 4.13
C VAL F 463 0.15 35.78 4.35
N ILE F 464 -0.83 35.37 3.53
CA ILE F 464 -1.43 34.04 3.64
C ILE F 464 -1.58 33.44 2.26
N GLU F 465 -1.54 32.11 2.17
CA GLU F 465 -2.00 31.43 0.98
C GLU F 465 -2.82 30.21 1.38
N MET F 466 -4.05 30.16 0.90
CA MET F 466 -5.02 29.18 1.36
C MET F 466 -5.34 28.20 0.24
N PRO F 467 -5.58 26.94 0.61
CA PRO F 467 -5.91 25.89 -0.37
C PRO F 467 -7.13 26.25 -1.21
N TYR F 468 -8.12 26.91 -0.62
CA TYR F 468 -9.35 27.25 -1.32
C TYR F 468 -9.73 28.72 -1.11
N ALA F 469 -10.26 29.33 -2.17
CA ALA F 469 -10.48 30.78 -2.23
C ALA F 469 -11.41 31.36 -1.17
N TYR F 470 -12.51 30.67 -0.89
CA TYR F 470 -13.51 31.17 0.04
C TYR F 470 -12.94 31.37 1.45
N GLN F 471 -11.86 30.67 1.74
CA GLN F 471 -11.18 30.81 3.02
C GLN F 471 -10.49 32.17 3.12
N CYS F 472 -9.96 32.64 2.01
CA CYS F 472 -9.33 33.96 1.94
C CYS F 472 -10.30 35.09 2.30
N CYS F 473 -11.53 34.98 1.78
CA CYS F 473 -12.58 35.98 2.00
C CYS F 473 -12.88 36.24 3.47
N ALA F 474 -12.83 35.17 4.28
CA ALA F 474 -12.98 35.28 5.73
C ALA F 474 -11.97 36.25 6.33
N PHE F 475 -10.96 36.63 5.54
CA PHE F 475 -10.00 37.65 5.94
C PHE F 475 -10.06 38.83 4.98
N GLY F 476 -11.27 39.23 4.60
CA GLY F 476 -11.50 40.41 3.78
C GLY F 476 -11.20 40.30 2.29
N VAL F 477 -10.24 39.47 1.91
CA VAL F 477 -9.80 39.35 0.53
C VAL F 477 -10.83 38.66 -0.35
N CYS F 478 -11.57 39.44 -1.14
CA CYS F 478 -12.59 38.92 -2.05
C CYS F 478 -12.02 37.87 -2.99
N LEU F 526 -3.89 57.23 -4.95
CA LEU F 526 -5.01 56.31 -4.83
C LEU F 526 -5.06 55.72 -3.43
N LYS F 527 -4.99 54.39 -3.34
CA LYS F 527 -5.11 53.61 -2.10
C LYS F 527 -5.21 52.14 -2.51
N ALA F 528 -4.14 51.33 -2.46
CA ALA F 528 -2.81 51.56 -1.88
C ALA F 528 -2.84 51.83 -0.38
N LEU F 529 -3.76 51.16 0.31
CA LEU F 529 -3.84 51.21 1.76
C LEU F 529 -2.83 50.21 2.31
N HIS F 530 -2.75 49.06 1.66
CA HIS F 530 -1.79 48.02 2.03
C HIS F 530 -2.03 47.58 3.47
N SER F 531 -3.01 46.71 3.61
CA SER F 531 -3.33 46.04 4.86
C SER F 531 -2.76 44.63 4.70
N VAL F 532 -3.66 43.66 4.56
CA VAL F 532 -3.25 42.29 4.33
C VAL F 532 -3.97 41.71 3.09
N GLN F 533 -3.35 40.72 2.43
CA GLN F 533 -3.98 40.02 1.30
C GLN F 533 -3.93 38.52 1.55
N CYS F 534 -4.45 37.75 0.60
CA CYS F 534 -4.45 36.30 0.66
C CYS F 534 -4.54 35.78 -0.76
N SER F 535 -4.29 34.48 -0.95
CA SER F 535 -4.24 33.95 -2.31
C SER F 535 -4.73 32.52 -2.42
N PRO F 536 -5.68 32.29 -3.34
CA PRO F 536 -6.25 30.99 -3.68
C PRO F 536 -5.35 30.20 -4.62
N CYS G 12 -26.07 29.94 19.95
CA CYS G 12 -25.47 30.43 18.71
C CYS G 12 -26.53 30.79 17.68
N ALA G 13 -26.53 30.07 16.56
CA ALA G 13 -27.48 30.32 15.49
C ALA G 13 -28.38 29.11 15.27
N LYS G 14 -28.97 29.03 14.08
CA LYS G 14 -29.87 27.93 13.75
C LYS G 14 -29.13 26.88 12.93
N GLY G 15 -29.10 25.65 13.43
CA GLY G 15 -28.39 24.56 12.78
C GLY G 15 -26.91 24.86 12.58
N CYS G 16 -26.35 25.69 13.45
CA CYS G 16 -24.96 26.14 13.33
C CYS G 16 -24.23 25.81 14.61
N GLU G 17 -23.15 25.02 14.52
CA GLU G 17 -22.48 24.52 15.71
C GLU G 17 -21.25 25.33 16.08
N LEU G 18 -21.05 26.46 15.40
CA LEU G 18 -19.95 27.36 15.70
C LEU G 18 -20.14 28.67 14.95
N CYS G 19 -20.36 29.75 15.69
CA CYS G 19 -20.63 31.04 15.09
C CYS G 19 -19.62 32.10 15.51
N SER G 20 -19.65 33.22 14.79
CA SER G 20 -18.85 34.38 15.10
C SER G 20 -19.47 35.58 14.40
N GLU G 21 -19.74 36.64 15.17
CA GLU G 21 -20.46 37.81 14.67
C GLU G 21 -19.87 38.38 13.38
N VAL G 22 -18.55 38.34 13.27
CA VAL G 22 -17.84 38.83 12.09
C VAL G 22 -18.18 38.07 10.79
N ASN G 23 -18.13 36.74 10.84
CA ASN G 23 -18.25 35.92 9.63
C ASN G 23 -19.51 35.06 9.58
N GLY G 24 -20.36 35.20 10.58
CA GLY G 24 -21.54 34.34 10.72
C GLY G 24 -21.12 32.98 11.27
N CYS G 25 -21.89 31.94 10.98
CA CYS G 25 -21.54 30.61 11.46
C CYS G 25 -20.45 30.00 10.58
N LEU G 26 -19.59 29.20 11.19
CA LEU G 26 -18.43 28.62 10.50
C LEU G 26 -18.56 27.11 10.32
N LYS G 27 -19.25 26.45 11.25
CA LYS G 27 -19.48 25.01 11.18
C LYS G 27 -20.95 24.69 11.34
N CYS G 28 -21.49 23.90 10.41
CA CYS G 28 -22.90 23.55 10.43
C CYS G 28 -23.15 22.21 11.11
N SER G 29 -24.42 21.83 11.19
CA SER G 29 -24.83 20.54 11.74
C SER G 29 -24.24 19.40 10.90
N PRO G 30 -24.15 18.19 11.48
CA PRO G 30 -23.48 17.06 10.82
C PRO G 30 -23.83 16.85 9.36
N LYS G 31 -25.04 17.21 8.95
CA LYS G 31 -25.47 16.98 7.58
C LYS G 31 -26.21 18.17 6.94
N LEU G 32 -25.79 19.37 7.31
CA LEU G 32 -26.29 20.58 6.66
C LEU G 32 -25.20 21.25 5.83
N PHE G 33 -25.63 22.04 4.84
CA PHE G 33 -24.74 22.75 3.94
C PHE G 33 -24.49 24.17 4.41
N ILE G 34 -23.24 24.61 4.28
CA ILE G 34 -22.87 25.98 4.57
C ILE G 34 -22.99 26.84 3.31
N LEU G 35 -23.73 27.94 3.41
CA LEU G 35 -23.86 28.90 2.32
C LEU G 35 -23.09 30.17 2.63
N LEU G 36 -22.12 30.47 1.77
CA LEU G 36 -21.32 31.68 1.93
C LEU G 36 -21.88 32.78 1.04
N GLU G 37 -22.38 33.84 1.67
CA GLU G 37 -23.00 34.92 0.92
C GLU G 37 -22.07 36.11 0.78
N ARG G 38 -21.76 36.45 -0.46
CA ARG G 38 -20.83 37.52 -0.78
C ARG G 38 -21.48 38.89 -0.84
N ASN G 39 -21.81 39.44 0.34
CA ASN G 39 -22.44 40.74 0.39
C ASN G 39 -21.46 41.91 0.37
N ASP G 40 -20.55 41.88 -0.61
CA ASP G 40 -19.58 42.96 -0.84
C ASP G 40 -18.67 43.27 0.35
N ILE G 41 -17.38 43.01 0.20
CA ILE G 41 -16.32 43.18 1.21
C ILE G 41 -16.51 42.27 2.44
N ARG G 42 -17.69 41.69 2.59
CA ARG G 42 -17.99 40.83 3.73
C ARG G 42 -18.44 39.45 3.24
N GLN G 43 -18.30 38.44 4.10
CA GLN G 43 -18.72 37.08 3.76
C GLN G 43 -19.38 36.41 4.96
N VAL G 44 -20.62 35.97 4.79
CA VAL G 44 -21.37 35.36 5.89
C VAL G 44 -21.84 33.95 5.55
N GLY G 45 -21.64 33.03 6.49
CA GLY G 45 -22.01 31.64 6.30
C GLY G 45 -23.26 31.24 7.06
N VAL G 46 -24.13 30.46 6.41
CA VAL G 46 -25.35 29.96 7.05
C VAL G 46 -25.50 28.46 6.82
N CYS G 47 -26.52 27.84 7.42
CA CYS G 47 -26.68 26.38 7.35
C CYS G 47 -28.06 25.94 6.87
N LEU G 48 -28.15 25.55 5.60
CA LEU G 48 -29.40 25.07 5.00
C LEU G 48 -29.38 23.55 4.81
N PRO G 49 -30.56 22.95 4.56
CA PRO G 49 -30.51 21.52 4.21
C PRO G 49 -30.55 21.31 2.69
N SER G 50 -31.04 22.31 1.96
CA SER G 50 -30.95 22.34 0.51
C SER G 50 -30.57 23.75 0.05
N CYS G 51 -29.92 23.85 -1.10
CA CYS G 51 -29.41 25.13 -1.60
C CYS G 51 -30.37 25.81 -2.55
N PRO G 52 -30.56 27.14 -2.38
CA PRO G 52 -31.49 27.96 -3.16
C PRO G 52 -31.16 27.94 -4.66
N PRO G 53 -32.15 28.24 -5.52
CA PRO G 53 -32.01 28.25 -6.98
C PRO G 53 -30.74 28.92 -7.49
N GLY G 54 -30.02 28.22 -8.35
CA GLY G 54 -28.78 28.72 -8.92
C GLY G 54 -27.52 28.05 -8.41
N TYR G 55 -27.57 27.47 -7.21
CA TYR G 55 -26.40 26.84 -6.61
C TYR G 55 -26.67 25.35 -6.39
N PHE G 56 -25.63 24.52 -6.30
CA PHE G 56 -25.84 23.08 -6.09
C PHE G 56 -25.21 22.52 -4.81
N ASP G 57 -25.82 21.44 -4.30
CA ASP G 57 -25.40 20.79 -3.07
C ASP G 57 -24.11 19.99 -3.25
N ALA G 58 -23.13 20.21 -2.38
CA ALA G 58 -21.90 19.44 -2.43
C ALA G 58 -21.55 18.88 -1.06
N ARG G 59 -21.43 17.55 -0.99
CA ARG G 59 -21.15 16.87 0.27
C ARG G 59 -19.77 16.23 0.32
N ASN G 60 -19.01 16.57 1.35
CA ASN G 60 -17.74 15.91 1.67
C ASN G 60 -17.78 15.47 3.14
N PRO G 61 -16.87 14.56 3.55
CA PRO G 61 -16.86 14.17 4.95
C PRO G 61 -16.54 15.35 5.87
N ASP G 62 -15.66 16.23 5.41
CA ASP G 62 -15.26 17.37 6.22
C ASP G 62 -16.24 18.55 6.13
N MET G 63 -16.65 18.92 4.93
CA MET G 63 -17.51 20.10 4.76
C MET G 63 -18.51 20.00 3.61
N ASN G 64 -19.75 20.40 3.91
CA ASN G 64 -20.82 20.46 2.93
C ASN G 64 -21.02 21.88 2.42
N LYS G 65 -20.66 22.14 1.17
CA LYS G 65 -20.78 23.48 0.59
C LYS G 65 -21.90 23.60 -0.43
N CYS G 66 -22.58 24.75 -0.39
CA CYS G 66 -23.42 25.17 -1.49
C CYS G 66 -22.49 25.79 -2.52
N ILE G 67 -22.56 25.35 -3.77
CA ILE G 67 -21.60 25.84 -4.74
C ILE G 67 -22.29 26.60 -5.87
N LYS G 68 -21.85 27.84 -6.05
CA LYS G 68 -22.37 28.68 -7.12
C LYS G 68 -22.10 28.00 -8.46
N CYS G 69 -23.12 27.98 -9.30
CA CYS G 69 -23.13 27.11 -10.48
C CYS G 69 -22.80 27.86 -11.75
N LYS G 70 -21.51 27.93 -12.05
CA LYS G 70 -21.03 28.67 -13.21
C LYS G 70 -21.39 27.98 -14.52
N ILE G 71 -22.68 27.85 -14.79
CA ILE G 71 -23.13 27.35 -16.08
C ILE G 71 -24.04 28.40 -16.75
N GLU G 72 -23.66 28.82 -17.94
CA GLU G 72 -24.44 29.81 -18.69
C GLU G 72 -25.89 29.39 -18.92
N HIS G 73 -26.81 30.32 -18.66
CA HIS G 73 -28.24 30.14 -18.91
C HIS G 73 -28.81 28.86 -18.28
N CYS G 74 -28.66 28.74 -16.98
CA CYS G 74 -29.15 27.58 -16.24
C CYS G 74 -29.84 28.02 -14.96
N GLU G 75 -30.74 27.18 -14.44
CA GLU G 75 -31.47 27.52 -13.22
C GLU G 75 -31.01 26.66 -12.06
N ALA G 76 -31.35 25.37 -12.11
CA ALA G 76 -30.85 24.42 -11.13
C ALA G 76 -29.83 23.48 -11.79
N CYS G 77 -28.94 22.91 -10.99
CA CYS G 77 -27.88 22.08 -11.55
C CYS G 77 -27.43 20.98 -10.60
N PHE G 78 -26.90 19.90 -11.18
CA PHE G 78 -26.48 18.72 -10.44
C PHE G 78 -25.09 18.97 -9.88
N SER G 79 -24.28 19.70 -10.65
CA SER G 79 -22.91 20.05 -10.28
C SER G 79 -22.40 21.08 -11.27
N HIS G 80 -21.11 21.38 -11.20
CA HIS G 80 -20.46 22.12 -12.28
C HIS G 80 -20.64 21.39 -13.62
N ASN G 81 -20.68 22.16 -14.70
CA ASN G 81 -20.74 21.66 -16.10
C ASN G 81 -21.93 20.76 -16.45
N PHE G 82 -22.84 20.57 -15.49
CA PHE G 82 -24.10 19.86 -15.74
C PHE G 82 -25.29 20.62 -15.20
N CYS G 83 -26.08 21.19 -16.10
CA CYS G 83 -27.32 21.85 -15.70
C CYS G 83 -28.42 20.79 -15.60
N THR G 84 -29.47 21.10 -14.85
CA THR G 84 -30.48 20.10 -14.53
C THR G 84 -31.87 20.62 -14.92
N LYS G 85 -32.03 21.93 -14.86
CA LYS G 85 -33.24 22.59 -15.33
C LYS G 85 -32.85 23.88 -16.03
N CYS G 86 -32.66 23.80 -17.34
CA CYS G 86 -32.16 24.96 -18.09
C CYS G 86 -33.15 26.12 -18.03
N LYS G 87 -32.69 27.30 -18.40
CA LYS G 87 -33.54 28.48 -18.41
C LYS G 87 -34.67 28.29 -19.42
N GLU G 88 -35.89 28.56 -19.00
CA GLU G 88 -37.05 28.41 -19.87
C GLU G 88 -36.94 29.36 -21.07
N GLY G 89 -36.84 28.76 -22.25
CA GLY G 89 -36.52 29.49 -23.47
C GLY G 89 -35.31 28.89 -24.16
N LEU G 90 -34.61 28.00 -23.45
CA LEU G 90 -33.49 27.29 -24.05
C LEU G 90 -33.59 25.79 -23.73
N TYR G 91 -33.02 24.96 -24.59
CA TYR G 91 -33.20 23.52 -24.47
C TYR G 91 -32.08 22.79 -23.73
N LEU G 92 -32.43 21.67 -23.09
CA LEU G 92 -31.49 20.90 -22.29
C LEU G 92 -31.14 19.60 -23.01
N HIS G 93 -29.95 19.56 -23.60
CA HIS G 93 -29.44 18.35 -24.21
C HIS G 93 -28.24 17.81 -23.45
N LYS G 94 -28.44 16.67 -22.77
CA LYS G 94 -27.43 16.00 -21.94
C LYS G 94 -26.54 16.97 -21.15
N GLY G 95 -27.14 17.57 -20.12
CA GLY G 95 -26.45 18.44 -19.19
C GLY G 95 -26.36 19.92 -19.51
N ARG G 96 -25.74 20.24 -20.64
CA ARG G 96 -25.49 21.61 -21.04
C ARG G 96 -26.61 22.12 -21.92
N CYS G 97 -26.88 23.41 -21.88
CA CYS G 97 -28.04 23.95 -22.58
C CYS G 97 -27.67 24.55 -23.93
N TYR G 98 -28.52 24.29 -24.93
CA TYR G 98 -28.30 24.73 -26.29
C TYR G 98 -29.60 25.25 -26.90
N PRO G 99 -29.48 26.06 -27.96
CA PRO G 99 -30.66 26.51 -28.73
C PRO G 99 -31.19 25.43 -29.68
N ALA G 100 -30.27 24.71 -30.33
CA ALA G 100 -30.61 23.68 -31.29
C ALA G 100 -30.81 22.31 -30.64
N CYS G 101 -29.71 21.56 -30.59
CA CYS G 101 -29.59 20.23 -29.97
C CYS G 101 -29.97 19.11 -30.94
N PRO G 102 -29.15 18.04 -30.96
CA PRO G 102 -29.28 16.82 -31.78
C PRO G 102 -30.73 16.31 -31.91
N GLU G 103 -31.19 15.68 -33.00
CA GLU G 103 -30.50 15.25 -34.26
C GLU G 103 -29.67 13.99 -34.07
N GLY G 104 -29.55 13.53 -32.82
CA GLY G 104 -29.02 12.21 -32.54
C GLY G 104 -30.17 11.29 -32.19
N SER G 105 -30.76 11.52 -31.02
CA SER G 105 -32.03 10.92 -30.64
C SER G 105 -32.69 11.81 -29.60
N SER G 106 -33.23 12.95 -30.05
CA SER G 106 -33.79 13.94 -29.13
C SER G 106 -34.76 14.90 -29.81
N ALA G 107 -34.33 16.15 -29.98
CA ALA G 107 -35.16 17.27 -30.45
C ALA G 107 -36.30 17.58 -29.47
N ALA G 108 -36.78 18.82 -29.50
CA ALA G 108 -37.78 19.28 -28.55
C ALA G 108 -39.18 18.87 -29.00
N ASN G 109 -40.06 18.60 -28.05
CA ASN G 109 -41.39 18.11 -28.35
C ASN G 109 -42.49 19.03 -27.84
N GLY G 110 -43.00 18.72 -26.65
CA GLY G 110 -44.02 19.52 -26.01
C GLY G 110 -43.40 20.37 -24.92
N THR G 111 -42.79 19.71 -23.95
CA THR G 111 -41.96 20.40 -22.96
C THR G 111 -40.54 20.51 -23.49
N MET G 112 -39.78 21.46 -22.96
CA MET G 112 -38.47 21.76 -23.52
C MET G 112 -37.38 20.90 -22.89
N GLU G 113 -37.35 19.63 -23.26
CA GLU G 113 -36.39 18.66 -22.72
C GLU G 113 -35.78 17.74 -23.78
N CYS G 114 -35.37 18.33 -24.91
CA CYS G 114 -34.81 17.64 -26.08
C CYS G 114 -34.93 16.11 -26.10
N CYS H 12 35.13 61.63 -21.68
CA CYS H 12 34.61 61.28 -20.36
C CYS H 12 35.56 61.74 -19.24
N ALA H 13 36.15 60.79 -18.54
CA ALA H 13 37.03 61.12 -17.41
C ALA H 13 38.48 60.70 -17.65
N LYS H 14 39.22 60.56 -16.56
CA LYS H 14 40.64 60.22 -16.61
C LYS H 14 40.85 58.72 -16.39
N GLY H 15 41.49 58.06 -17.35
CA GLY H 15 41.71 56.63 -17.28
C GLY H 15 40.42 55.84 -17.13
N CYS H 16 39.34 56.38 -17.68
CA CYS H 16 38.01 55.80 -17.53
C CYS H 16 37.37 55.52 -18.88
N GLU H 17 37.01 54.26 -19.11
CA GLU H 17 36.52 53.84 -20.42
C GLU H 17 35.00 53.72 -20.50
N LEU H 18 34.30 54.17 -19.47
CA LEU H 18 32.84 54.17 -19.46
C LEU H 18 32.33 55.01 -18.30
N CYS H 19 31.69 56.13 -18.63
CA CYS H 19 31.22 57.05 -17.59
C CYS H 19 29.72 57.33 -17.64
N SER H 20 29.23 57.91 -16.56
CA SER H 20 27.87 58.41 -16.46
C SER H 20 27.82 59.37 -15.28
N GLU H 21 27.36 60.60 -15.53
CA GLU H 21 27.34 61.65 -14.53
C GLU H 21 26.65 61.22 -13.22
N VAL H 22 25.64 60.38 -13.36
CA VAL H 22 24.89 59.87 -12.21
C VAL H 22 25.76 59.08 -11.22
N ASN H 23 26.56 58.15 -11.71
CA ASN H 23 27.33 57.25 -10.83
C ASN H 23 28.84 57.40 -10.95
N GLY H 24 29.30 58.34 -11.75
CA GLY H 24 30.72 58.47 -12.03
C GLY H 24 31.18 57.40 -12.99
N CYS H 25 32.44 57.00 -12.88
CA CYS H 25 32.98 55.97 -13.77
C CYS H 25 32.51 54.57 -13.38
N LEU H 26 32.27 53.74 -14.38
CA LEU H 26 31.82 52.37 -14.18
C LEU H 26 32.85 51.34 -14.66
N LYS H 27 33.61 51.68 -15.71
CA LYS H 27 34.66 50.83 -16.23
C LYS H 27 35.95 51.60 -16.43
N CYS H 28 37.03 51.10 -15.84
CA CYS H 28 38.34 51.76 -15.90
C CYS H 28 39.20 51.19 -17.02
N SER H 29 40.41 51.75 -17.15
CA SER H 29 41.38 51.25 -18.12
C SER H 29 41.76 49.81 -17.77
N PRO H 30 42.30 49.04 -18.74
CA PRO H 30 42.55 47.61 -18.59
C PRO H 30 43.26 47.17 -17.30
N LYS H 31 44.10 47.99 -16.69
CA LYS H 31 44.81 47.58 -15.48
C LYS H 31 44.74 48.62 -14.38
N LEU H 32 43.63 49.36 -14.28
CA LEU H 32 43.44 50.28 -13.17
C LEU H 32 42.34 49.82 -12.22
N PHE H 33 42.41 50.31 -10.98
CA PHE H 33 41.45 49.96 -9.94
C PHE H 33 40.33 51.00 -9.85
N ILE H 34 39.11 50.51 -9.70
CA ILE H 34 37.94 51.36 -9.49
C ILE H 34 37.70 51.59 -7.99
N LEU H 35 37.56 52.87 -7.64
CA LEU H 35 37.26 53.28 -6.28
C LEU H 35 35.81 53.72 -6.14
N LEU H 36 35.04 53.03 -5.29
CA LEU H 36 33.64 53.36 -5.09
C LEU H 36 33.45 54.24 -3.86
N GLU H 37 33.00 55.48 -4.10
CA GLU H 37 32.87 56.46 -3.03
C GLU H 37 31.41 56.65 -2.62
N ARG H 38 31.08 56.27 -1.39
CA ARG H 38 29.71 56.41 -0.89
C ARG H 38 29.50 57.77 -0.22
N ASN H 39 29.35 58.80 -1.05
CA ASN H 39 29.16 60.15 -0.54
C ASN H 39 27.72 60.43 -0.13
N ASP H 40 27.19 59.56 0.73
CA ASP H 40 25.85 59.69 1.31
C ASP H 40 24.74 59.59 0.25
N ILE H 41 23.96 58.51 0.32
CA ILE H 41 22.86 58.23 -0.62
C ILE H 41 23.37 57.96 -2.05
N ARG H 42 24.61 58.36 -2.34
CA ARG H 42 25.17 58.24 -3.69
C ARG H 42 26.46 57.42 -3.69
N GLN H 43 26.83 56.90 -4.86
CA GLN H 43 28.07 56.14 -5.02
C GLN H 43 28.77 56.54 -6.31
N VAL H 44 30.01 57.00 -6.18
CA VAL H 44 30.78 57.51 -7.32
C VAL H 44 32.09 56.74 -7.51
N GLY H 45 32.38 56.35 -8.75
CA GLY H 45 33.57 55.57 -9.06
C GLY H 45 34.70 56.35 -9.72
N VAL H 46 35.93 56.05 -9.29
CA VAL H 46 37.13 56.67 -9.86
C VAL H 46 38.14 55.59 -10.27
N CYS H 47 39.23 55.99 -10.92
CA CYS H 47 40.19 55.01 -11.44
C CYS H 47 41.65 55.33 -11.09
N LEU H 48 42.17 54.72 -10.02
CA LEU H 48 43.58 54.93 -9.67
C LEU H 48 44.43 53.67 -9.90
N PRO H 49 45.76 53.79 -9.87
CA PRO H 49 46.57 52.57 -10.01
C PRO H 49 46.96 51.96 -8.67
N SER H 50 46.84 52.73 -7.60
CA SER H 50 46.95 52.20 -6.26
C SER H 50 45.84 52.79 -5.39
N CYS H 51 45.44 52.05 -4.36
CA CYS H 51 44.31 52.46 -3.54
C CYS H 51 44.78 53.24 -2.32
N PRO H 52 44.10 54.36 -2.02
CA PRO H 52 44.47 55.27 -0.94
C PRO H 52 44.44 54.56 0.41
N PRO H 53 45.15 55.09 1.42
CA PRO H 53 45.21 54.52 2.78
C PRO H 53 43.83 54.07 3.29
N GLY H 54 43.75 52.83 3.77
CA GLY H 54 42.49 52.26 4.22
C GLY H 54 41.96 51.18 3.29
N TYR H 55 42.43 51.18 2.04
CA TYR H 55 41.97 50.24 1.03
C TYR H 55 43.10 49.32 0.53
N PHE H 56 42.74 48.13 0.05
CA PHE H 56 43.75 47.27 -0.55
C PHE H 56 43.40 46.95 -2.00
N ASP H 57 44.44 46.75 -2.79
CA ASP H 57 44.32 46.46 -4.22
C ASP H 57 43.87 45.03 -4.48
N ALA H 58 42.82 44.87 -5.29
CA ALA H 58 42.33 43.55 -5.66
C ALA H 58 42.16 43.45 -7.17
N ARG H 59 42.87 42.50 -7.77
CA ARG H 59 42.86 42.36 -9.23
C ARG H 59 42.19 41.06 -9.65
N ASN H 60 41.18 41.18 -10.50
CA ASN H 60 40.49 40.04 -11.09
C ASN H 60 40.42 40.14 -12.60
N PRO H 61 40.10 39.04 -13.28
CA PRO H 61 40.01 39.11 -14.75
C PRO H 61 38.94 40.09 -15.22
N ASP H 62 37.82 40.15 -14.52
CA ASP H 62 36.72 41.02 -14.91
C ASP H 62 36.85 42.45 -14.41
N MET H 63 37.17 42.62 -13.12
CA MET H 63 37.17 43.94 -12.50
C MET H 63 38.21 44.12 -11.40
N ASN H 64 38.83 45.29 -11.38
CA ASN H 64 39.82 45.66 -10.37
C ASN H 64 39.21 46.51 -9.25
N LYS H 65 39.13 45.96 -8.04
CA LYS H 65 38.51 46.67 -6.92
C LYS H 65 39.49 47.22 -5.89
N CYS H 66 39.21 48.45 -5.44
CA CYS H 66 39.79 48.95 -4.21
C CYS H 66 38.87 48.46 -3.10
N ILE H 67 39.42 47.79 -2.10
CA ILE H 67 38.54 47.21 -1.09
C ILE H 67 38.83 47.72 0.30
N LYS H 68 37.80 48.25 0.95
CA LYS H 68 37.91 48.70 2.33
C LYS H 68 38.36 47.58 3.24
N CYS H 69 39.29 47.88 4.13
CA CYS H 69 39.96 46.85 4.90
C CYS H 69 39.35 46.77 6.29
N LYS H 70 38.26 46.02 6.41
CA LYS H 70 37.54 45.94 7.66
C LYS H 70 38.29 45.06 8.67
N ILE H 71 39.49 45.51 9.02
CA ILE H 71 40.27 44.91 10.09
C ILE H 71 40.55 46.01 11.12
N GLU H 72 40.25 45.73 12.39
CA GLU H 72 40.38 46.72 13.45
C GLU H 72 41.74 47.39 13.59
N HIS H 73 41.72 48.71 13.73
CA HIS H 73 42.88 49.53 14.07
C HIS H 73 44.07 49.27 13.16
N CYS H 74 43.86 49.49 11.87
CA CYS H 74 44.89 49.29 10.85
C CYS H 74 44.89 50.46 9.86
N GLU H 75 46.01 50.65 9.18
CA GLU H 75 46.11 51.76 8.22
C GLU H 75 46.14 51.25 6.78
N ALA H 76 47.25 50.63 6.38
CA ALA H 76 47.33 49.99 5.07
C ALA H 76 47.31 48.48 5.22
N CYS H 77 46.87 47.77 4.18
CA CYS H 77 46.74 46.31 4.28
C CYS H 77 46.89 45.62 2.93
N PHE H 78 47.26 44.34 2.99
CA PHE H 78 47.48 43.51 1.81
C PHE H 78 46.17 42.92 1.28
N SER H 79 45.27 42.59 2.20
CA SER H 79 43.97 42.01 1.85
C SER H 79 43.07 41.97 3.07
N HIS H 80 41.91 41.33 2.92
CA HIS H 80 41.08 40.96 4.06
C HIS H 80 41.92 40.11 5.02
N ASN H 81 41.62 40.23 6.32
CA ASN H 81 42.24 39.42 7.38
C ASN H 81 43.77 39.52 7.48
N PHE H 82 44.39 40.36 6.66
CA PHE H 82 45.83 40.62 6.77
C PHE H 82 46.19 42.10 6.66
N CYS H 83 46.56 42.71 7.78
CA CYS H 83 47.01 44.10 7.81
C CYS H 83 48.51 44.17 7.51
N THR H 84 48.98 45.35 7.08
CA THR H 84 50.36 45.49 6.59
C THR H 84 51.14 46.57 7.34
N LYS H 85 50.45 47.63 7.80
CA LYS H 85 51.08 48.61 8.69
C LYS H 85 50.02 49.04 9.71
N CYS H 86 50.04 48.36 10.85
CA CYS H 86 49.01 48.52 11.87
C CYS H 86 49.00 49.93 12.43
N LYS H 87 47.97 50.24 13.21
CA LYS H 87 47.83 51.57 13.79
C LYS H 87 49.01 51.92 14.68
N GLU H 88 49.58 53.10 14.44
CA GLU H 88 50.69 53.58 15.25
C GLU H 88 50.18 53.77 16.67
N GLY H 89 50.68 52.95 17.60
CA GLY H 89 50.14 52.86 18.94
C GLY H 89 49.72 51.43 19.23
N LEU H 90 49.71 50.60 18.18
CA LEU H 90 49.44 49.17 18.32
C LEU H 90 50.48 48.35 17.55
N TYR H 91 50.73 47.13 18.00
CA TYR H 91 51.83 46.34 17.45
C TYR H 91 51.42 45.35 16.35
N LEU H 92 52.36 45.10 15.44
CA LEU H 92 52.12 44.23 14.28
C LEU H 92 52.90 42.90 14.32
N HIS H 93 52.21 41.81 14.67
CA HIS H 93 52.83 40.49 14.53
C HIS H 93 52.07 39.66 13.50
N LYS H 94 52.74 39.33 12.39
CA LYS H 94 52.21 38.52 11.29
C LYS H 94 50.75 38.81 10.93
N GLY H 95 50.55 39.94 10.27
CA GLY H 95 49.25 40.32 9.76
C GLY H 95 48.33 41.10 10.69
N ARG H 96 47.87 40.52 11.79
CA ARG H 96 46.95 41.23 12.66
C ARG H 96 47.65 41.93 13.82
N CYS H 97 47.02 43.01 14.28
CA CYS H 97 47.62 43.87 15.28
C CYS H 97 47.08 43.60 16.68
N TYR H 98 47.99 43.67 17.65
CA TYR H 98 47.66 43.41 19.05
C TYR H 98 48.38 44.41 19.95
N PRO H 99 47.88 44.56 21.19
CA PRO H 99 48.57 45.39 22.18
C PRO H 99 49.81 44.70 22.77
N ALA H 100 49.72 43.38 22.95
CA ALA H 100 50.80 42.58 23.54
C ALA H 100 51.84 42.12 22.52
N CYS H 101 51.62 40.90 22.00
CA CYS H 101 52.40 40.22 20.96
C CYS H 101 53.51 39.34 21.54
N PRO H 102 53.69 38.12 20.96
CA PRO H 102 54.68 37.08 21.29
C PRO H 102 56.08 37.66 21.58
N GLU H 103 56.94 37.10 22.45
CA GLU H 103 56.81 35.89 23.31
C GLU H 103 57.00 34.56 22.56
N GLY H 104 57.13 34.63 21.24
CA GLY H 104 57.59 33.48 20.47
C GLY H 104 59.05 33.72 20.09
N SER H 105 59.24 34.63 19.16
CA SER H 105 60.54 35.23 18.88
C SER H 105 60.28 36.59 18.26
N SER H 106 59.86 37.53 19.10
CA SER H 106 59.45 38.83 18.61
C SER H 106 59.63 39.94 19.64
N ALA H 107 58.51 40.46 20.15
CA ALA H 107 58.45 41.64 21.01
C ALA H 107 58.93 42.90 20.27
N ALA H 108 58.49 44.06 20.75
CA ALA H 108 58.77 45.31 20.06
C ALA H 108 60.15 45.84 20.41
N ASN H 109 60.77 46.55 19.47
CA ASN H 109 62.13 47.04 19.63
C ASN H 109 62.21 48.56 19.61
N GLY H 110 62.47 49.12 18.42
CA GLY H 110 62.53 50.56 18.26
C GLY H 110 61.25 51.06 17.63
N THR H 111 60.98 50.61 16.41
CA THR H 111 59.68 50.82 15.79
C THR H 111 58.79 49.64 16.14
N MET H 112 57.48 49.85 16.06
CA MET H 112 56.51 48.87 16.54
C MET H 112 56.17 47.82 15.48
N GLU H 113 57.06 46.86 15.28
CA GLU H 113 56.86 45.84 14.25
C GLU H 113 57.08 44.42 14.75
N CYS H 114 56.69 44.14 15.99
CA CYS H 114 56.86 42.85 16.67
C CYS H 114 57.70 41.79 15.94
N SER H 115 59.02 41.93 16.00
CA SER H 115 60.00 41.02 15.41
C SER H 115 59.51 39.61 15.09
C1 NAG I . -47.05 -66.34 -18.35
C2 NAG I . -47.53 -67.82 -18.18
C3 NAG I . -48.13 -68.38 -19.47
C4 NAG I . -49.12 -67.42 -20.12
C5 NAG I . -48.47 -66.05 -20.25
C6 NAG I . -49.36 -65.00 -20.89
C7 NAG I . -46.07 -68.90 -16.49
C8 NAG I . -44.90 -69.83 -16.29
N2 NAG I . -46.41 -68.66 -17.77
O3 NAG I . -48.76 -69.64 -19.23
O4 NAG I . -49.38 -67.86 -21.45
O5 NAG I . -48.10 -65.57 -18.95
O6 NAG I . -48.63 -64.13 -21.73
O7 NAG I . -46.67 -68.40 -15.55
C1 NAG I . -50.55 -68.69 -21.61
C2 NAG I . -50.89 -68.69 -23.11
C3 NAG I . -51.97 -69.73 -23.42
C4 NAG I . -51.55 -71.10 -22.88
C5 NAG I . -51.27 -70.96 -21.39
C6 NAG I . -50.77 -72.22 -20.72
C7 NAG I . -50.45 -66.44 -24.01
C8 NAG I . -51.05 -65.13 -24.40
N2 NAG I . -51.31 -67.37 -23.55
O3 NAG I . -52.18 -69.79 -24.83
O4 NAG I . -52.60 -72.05 -23.09
O5 NAG I . -50.23 -70.00 -21.19
O6 NAG I . -50.61 -71.98 -19.33
O7 NAG I . -49.25 -66.68 -24.10
C1 NAG J . -66.35 -29.77 -6.46
C2 NAG J . -67.55 -28.82 -6.55
C3 NAG J . -68.53 -29.08 -5.40
C4 NAG J . -68.89 -30.55 -5.26
C5 NAG J . -67.64 -31.42 -5.28
C6 NAG J . -67.58 -32.35 -6.47
C7 NAG J . -67.24 -26.64 -7.64
C8 NAG J . -66.77 -25.23 -7.45
N2 NAG J . -67.14 -27.43 -6.56
O3 NAG J . -69.70 -28.29 -5.64
O4 NAG J . -69.50 -30.77 -4.00
O5 NAG J . -66.47 -30.60 -5.29
O6 NAG J . -66.77 -33.48 -6.19
O7 NAG J . -67.68 -27.06 -8.71
C1 NAG J . -70.91 -31.02 -4.08
C2 NAG J . -71.13 -32.36 -3.37
C3 NAG J . -72.62 -32.64 -3.20
C4 NAG J . -73.30 -31.49 -2.48
C5 NAG J . -73.07 -30.21 -3.28
C6 NAG J . -73.71 -28.99 -2.65
C7 NAG J . -69.42 -34.10 -3.67
C8 NAG J . -68.92 -35.22 -4.55
N2 NAG J . -70.50 -33.45 -4.10
O3 NAG J . -72.79 -33.85 -2.48
O4 NAG J . -74.69 -31.74 -2.34
O5 NAG J . -71.66 -29.96 -3.39
O6 NAG J . -72.96 -27.80 -2.89
O7 NAG J . -68.83 -33.80 -2.63
C1 NAG K . 51.26 -16.27 38.16
C2 NAG K . 52.44 -16.28 37.20
C3 NAG K . 53.18 -17.62 37.29
C4 NAG K . 53.49 -18.05 38.72
C5 NAG K . 52.30 -17.81 39.67
C6 NAG K . 52.66 -17.89 41.13
C7 NAG K . 51.89 -14.80 35.30
C8 NAG K . 51.44 -14.75 33.87
N2 NAG K . 52.02 -16.03 35.84
O3 NAG K . 54.37 -17.49 36.52
O4 NAG K . 53.67 -19.47 38.71
O5 NAG K . 51.73 -16.50 39.47
O6 NAG K . 52.45 -19.19 41.67
O7 NAG K . 52.13 -13.78 35.94
C1 NAG K . 54.78 -20.12 39.40
C2 NAG K . 56.17 -19.86 38.82
C3 NAG K . 57.23 -20.68 39.56
C4 NAG K . 57.09 -20.49 41.07
C5 NAG K . 55.64 -20.73 41.51
C6 NAG K . 55.38 -20.47 42.97
C7 NAG K . 56.54 -19.27 36.46
C8 NAG K . 56.47 -19.74 35.03
N2 NAG K . 56.18 -20.16 37.39
O3 NAG K . 58.52 -20.30 39.12
O4 NAG K . 57.96 -21.37 41.78
O5 NAG K . 54.79 -19.84 40.77
O6 NAG K . 53.99 -20.59 43.27
O7 NAG K . 56.91 -18.13 36.75
C1 NAG L . -54.91 22.99 9.29
C2 NAG L . -55.39 23.61 10.61
C3 NAG L . -54.27 23.58 11.67
C4 NAG L . -53.69 22.18 11.78
C5 NAG L . -53.25 21.68 10.42
C6 NAG L . -52.72 20.26 10.46
C7 NAG L . -57.07 25.22 9.88
C8 NAG L . -57.41 26.66 9.68
N2 NAG L . -55.86 24.96 10.40
O3 NAG L . -54.77 24.04 12.92
O4 NAG L . -52.61 22.10 12.71
O5 NAG L . -54.37 21.69 9.52
O6 NAG L . -51.39 20.20 9.95
O7 NAG L . -57.85 24.33 9.58
C1 NAG L . -53.14 21.47 13.91
C2 NAG L . -52.15 20.52 14.56
C3 NAG L . -52.86 19.73 15.65
C4 NAG L . -53.48 20.68 16.67
C5 NAG L . -54.36 21.74 15.99
C6 NAG L . -54.81 22.83 16.94
C7 NAG L . -50.36 19.86 13.01
C8 NAG L . -49.85 18.80 12.10
N2 NAG L . -51.53 19.61 13.61
O3 NAG L . -51.94 18.85 16.29
O4 NAG L . -54.29 19.97 17.60
O5 NAG L . -53.67 22.39 14.90
O6 NAG L . -55.78 23.71 16.37
O7 NAG L . -49.75 20.91 13.20
C1 NAG M . 26.70 -7.51 39.51
C2 NAG M . 25.89 -6.39 40.13
C3 NAG M . 26.05 -6.36 41.64
C4 NAG M . 25.69 -7.73 42.18
C5 NAG M . 26.59 -8.75 41.53
C6 NAG M . 26.33 -10.15 42.05
C7 NAG M . 25.38 -4.10 39.66
C8 NAG M . 25.64 -2.89 38.81
N2 NAG M . 26.25 -5.09 39.60
O3 NAG M . 25.15 -5.39 42.18
O4 NAG M . 25.87 -7.74 43.59
O5 NAG M . 26.39 -8.75 40.12
O6 NAG M . 26.82 -11.08 41.09
O7 NAG M . 24.40 -4.16 40.38
C1 NAG N . 36.71 -1.84 -0.60
C2 NAG N . 37.23 -1.41 -1.99
C3 NAG N . 38.75 -1.52 -2.07
C4 NAG N . 39.40 -0.78 -0.90
C5 NAG N . 38.80 -1.30 0.42
C6 NAG N . 39.33 -0.59 1.64
C7 NAG N . 35.83 -1.75 -3.98
C8 NAG N . 35.27 -2.75 -4.95
N2 NAG N . 36.61 -2.24 -3.02
O3 NAG N . 39.20 -0.98 -3.31
O4 NAG N . 40.81 -0.99 -0.89
O5 NAG N . 37.38 -1.10 0.40
O6 NAG N . 40.06 -1.49 2.47
O7 NAG N . 35.61 -0.56 -4.09
C1 NAG O . -40.49 14.01 15.91
C2 NAG O . -41.50 12.96 16.45
C3 NAG O . -41.70 13.11 17.96
C4 NAG O . -40.37 13.22 18.69
C5 NAG O . -39.52 14.29 18.02
C6 NAG O . -38.16 14.49 18.64
C7 NAG O . -43.38 12.06 15.14
C8 NAG O . -44.68 12.37 14.46
N2 NAG O . -42.77 13.09 15.75
O3 NAG O . -42.47 12.01 18.44
O4 NAG O . -40.59 13.57 20.07
O5 NAG O . -39.31 13.93 16.66
O6 NAG O . -37.67 15.80 18.34
O7 NAG O . -42.90 10.94 15.14
C1 NAG P . 53.46 59.44 -24.58
C2 NAG P . 52.75 60.73 -24.89
C3 NAG P . 52.22 60.73 -26.32
C4 NAG P . 53.22 60.16 -27.34
C5 NAG P . 54.24 59.13 -26.81
C6 NAG P . 55.55 59.20 -27.56
C7 NAG P . 51.78 61.61 -22.79
C8 NAG P . 50.53 61.72 -21.97
N2 NAG P . 51.65 60.94 -23.95
O3 NAG P . 51.90 62.07 -26.71
O4 NAG P . 52.47 59.51 -28.37
O5 NAG P . 54.56 59.30 -25.42
O6 NAG P . 55.99 57.94 -28.02
O7 NAG P . 52.85 62.07 -22.41
#